data_2Q5U
# 
_entry.id   2Q5U 
# 
_audit_conform.dict_name       mmcif_pdbx.dic 
_audit_conform.dict_version    5.397 
_audit_conform.dict_location   http://mmcif.pdb.org/dictionaries/ascii/mmcif_pdbx.dic 
# 
loop_
_database_2.database_id 
_database_2.database_code 
_database_2.pdbx_database_accession 
_database_2.pdbx_DOI 
PDB   2Q5U         pdb_00002q5u 10.2210/pdb2q5u/pdb 
RCSB  RCSB043186   ?            ?                   
WWPDB D_1000043186 ?            ?                   
# 
loop_
_pdbx_audit_revision_history.ordinal 
_pdbx_audit_revision_history.data_content_type 
_pdbx_audit_revision_history.major_revision 
_pdbx_audit_revision_history.minor_revision 
_pdbx_audit_revision_history.revision_date 
1 'Structure model' 1 0 2007-06-12 
2 'Structure model' 1 1 2008-05-01 
3 'Structure model' 1 2 2011-07-13 
4 'Structure model' 1 3 2023-08-30 
5 'Structure model' 1 4 2024-10-16 
# 
_pdbx_audit_revision_details.ordinal             1 
_pdbx_audit_revision_details.revision_ordinal    1 
_pdbx_audit_revision_details.data_content_type   'Structure model' 
_pdbx_audit_revision_details.provider            repository 
_pdbx_audit_revision_details.type                'Initial release' 
_pdbx_audit_revision_details.description         ? 
_pdbx_audit_revision_details.details             ? 
# 
loop_
_pdbx_audit_revision_group.ordinal 
_pdbx_audit_revision_group.revision_ordinal 
_pdbx_audit_revision_group.data_content_type 
_pdbx_audit_revision_group.group 
1 2 'Structure model' 'Version format compliance' 
2 3 'Structure model' 'Version format compliance' 
3 4 'Structure model' 'Data collection'           
4 4 'Structure model' 'Database references'       
5 4 'Structure model' 'Derived calculations'      
6 4 'Structure model' 'Refinement description'    
7 5 'Structure model' 'Structure summary'         
# 
loop_
_pdbx_audit_revision_category.ordinal 
_pdbx_audit_revision_category.revision_ordinal 
_pdbx_audit_revision_category.data_content_type 
_pdbx_audit_revision_category.category 
1 4 'Structure model' chem_comp_atom                
2 4 'Structure model' chem_comp_bond                
3 4 'Structure model' database_2                    
4 4 'Structure model' pdbx_initial_refinement_model 
5 4 'Structure model' struct_conn                   
6 4 'Structure model' struct_site                   
7 5 'Structure model' pdbx_entry_details            
8 5 'Structure model' pdbx_modification_feature     
# 
loop_
_pdbx_audit_revision_item.ordinal 
_pdbx_audit_revision_item.revision_ordinal 
_pdbx_audit_revision_item.data_content_type 
_pdbx_audit_revision_item.item 
1  4 'Structure model' '_database_2.pdbx_DOI'                
2  4 'Structure model' '_database_2.pdbx_database_accession' 
3  4 'Structure model' '_struct_conn.pdbx_leaving_atom_flag' 
4  4 'Structure model' '_struct_conn.ptnr1_auth_comp_id'     
5  4 'Structure model' '_struct_conn.ptnr1_auth_seq_id'      
6  4 'Structure model' '_struct_conn.ptnr1_label_atom_id'    
7  4 'Structure model' '_struct_conn.ptnr1_label_comp_id'    
8  4 'Structure model' '_struct_conn.ptnr1_label_seq_id'     
9  4 'Structure model' '_struct_conn.ptnr2_auth_comp_id'     
10 4 'Structure model' '_struct_conn.ptnr2_auth_seq_id'      
11 4 'Structure model' '_struct_conn.ptnr2_label_atom_id'    
12 4 'Structure model' '_struct_conn.ptnr2_label_comp_id'    
13 4 'Structure model' '_struct_conn.ptnr2_label_seq_id'     
14 4 'Structure model' '_struct_site.pdbx_auth_asym_id'      
15 4 'Structure model' '_struct_site.pdbx_auth_comp_id'      
16 4 'Structure model' '_struct_site.pdbx_auth_seq_id'       
# 
_pdbx_database_status.status_code                     REL 
_pdbx_database_status.entry_id                        2Q5U 
_pdbx_database_status.recvd_initial_deposition_date   2007-06-01 
_pdbx_database_status.deposit_site                    RCSB 
_pdbx_database_status.process_site                    RCSB 
_pdbx_database_status.status_code_sf                  REL 
_pdbx_database_status.status_code_mr                  ? 
_pdbx_database_status.SG_entry                        ? 
_pdbx_database_status.pdb_format_compatible           Y 
_pdbx_database_status.status_code_cs                  ? 
_pdbx_database_status.status_code_nmr_data            ? 
_pdbx_database_status.methods_development_category    ? 
# 
loop_
_pdbx_database_related.db_name 
_pdbx_database_related.db_id 
_pdbx_database_related.details 
_pdbx_database_related.content_type 
PDB 1CZQ . unspecified 
PDB 2Q3I . unspecified 
# 
loop_
_audit_author.name 
_audit_author.pdbx_ordinal 
'Malashkevich, V.N.' 1 
'Eckert, D.M.'       2 
'Hong, L.H.'         3 
'Kim, P.S.'          4 
# 
loop_
_citation.id 
_citation.title 
_citation.journal_abbrev 
_citation.journal_volume 
_citation.page_first 
_citation.page_last 
_citation.year 
_citation.journal_id_ASTM 
_citation.country 
_citation.journal_id_ISSN 
_citation.journal_id_CSD 
_citation.book_publisher 
_citation.pdbx_database_id_PubMed 
_citation.pdbx_database_id_DOI 
primary 'Inhibiting HIV Entry: Discovery of D-Peptide Inhibitors that Target the Gp41 Coiled-Coil Pocket' 'Cell(Cambridge,Mass.)' 
99  103 105 1999 CELLB5 US 0092-8674 0998 ? 10520998 '10.1016/S0092-8674(00)80066-5' 
1       'Crystal Structure of GCN4-Piqi, a Trimeric Coiled-Coil with Buried Polar Residues.'              J.Mol.Biol.             
284 859 865 1998 JMOBAK UK 0022-2836 0070 ? ?        ?                               
2       'Core structure of gp41 from the HIV envelope glycoprotein'                                       'Cell(Cambridge,Mass.)' 
89  263 273 1997 CELLB5 US 0092-8674 0998 ? ?        ?                               
# 
loop_
_citation_author.citation_id 
_citation_author.name 
_citation_author.ordinal 
_citation_author.identifier_ORCID 
primary 'Eckert, D.M.'       1  ? 
primary 'Malashkevich, V.N.' 2  ? 
primary 'Hong, L.H.'         3  ? 
primary 'Carr, P.A.'         4  ? 
primary 'Kim, P.S.'          5  ? 
1       'Eckert, D.M.'       6  ? 
1       'Malashkevich, V.N.' 7  ? 
1       'Kim, P.S.'          8  ? 
2       'Chan, D.C.'         9  ? 
2       'Fass, D.'           10 ? 
2       'Berger, J.M.'       11 ? 
2       'Kim, P.S.'          12 ? 
# 
loop_
_entity.id 
_entity.type 
_entity.src_method 
_entity.pdbx_description 
_entity.formula_weight 
_entity.pdbx_number_of_molecules 
_entity.pdbx_ec 
_entity.pdbx_mutation 
_entity.pdbx_fragment 
_entity.details 
1 polymer     syn 'Fusion protein between yeast variant GCN4 and HIVgp41' 5468.566 3   ? ? ? ? 
2 non-polymer syn 'CHLORIDE ION'                                          35.453   1   ? ? ? ? 
3 water       nat water                                                   18.015   224 ? ? ? ? 
# 
_entity_name_com.entity_id   1 
_entity_name_com.name        IQN17 
# 
_entity_poly.entity_id                      1 
_entity_poly.type                           'polypeptide(L)' 
_entity_poly.nstd_linkage                   no 
_entity_poly.nstd_monomer                   yes 
_entity_poly.pdbx_seq_one_letter_code       '(ACE)RMKQIEDKIEEIESKQKKIENEIARIKKLLQLTVWGIKQLQARIL' 
_entity_poly.pdbx_seq_one_letter_code_can   XRMKQIEDKIEEIESKQKKIENEIARIKKLLQLTVWGIKQLQARIL 
_entity_poly.pdbx_strand_id                 A,B,C 
_entity_poly.pdbx_target_identifier         ? 
# 
loop_
_pdbx_entity_nonpoly.entity_id 
_pdbx_entity_nonpoly.name 
_pdbx_entity_nonpoly.comp_id 
2 'CHLORIDE ION' CL  
3 water          HOH 
# 
loop_
_entity_poly_seq.entity_id 
_entity_poly_seq.num 
_entity_poly_seq.mon_id 
_entity_poly_seq.hetero 
1 1  ACE n 
1 2  ARG n 
1 3  MET n 
1 4  LYS n 
1 5  GLN n 
1 6  ILE n 
1 7  GLU n 
1 8  ASP n 
1 9  LYS n 
1 10 ILE n 
1 11 GLU n 
1 12 GLU n 
1 13 ILE n 
1 14 GLU n 
1 15 SER n 
1 16 LYS n 
1 17 GLN n 
1 18 LYS n 
1 19 LYS n 
1 20 ILE n 
1 21 GLU n 
1 22 ASN n 
1 23 GLU n 
1 24 ILE n 
1 25 ALA n 
1 26 ARG n 
1 27 ILE n 
1 28 LYS n 
1 29 LYS n 
1 30 LEU n 
1 31 LEU n 
1 32 GLN n 
1 33 LEU n 
1 34 THR n 
1 35 VAL n 
1 36 TRP n 
1 37 GLY n 
1 38 ILE n 
1 39 LYS n 
1 40 GLN n 
1 41 LEU n 
1 42 GLN n 
1 43 ALA n 
1 44 ARG n 
1 45 ILE n 
1 46 LEU n 
# 
_pdbx_entity_src_syn.entity_id              1 
_pdbx_entity_src_syn.pdbx_src_id            1 
_pdbx_entity_src_syn.pdbx_alt_source_flag   sample 
_pdbx_entity_src_syn.pdbx_beg_seq_num       ? 
_pdbx_entity_src_syn.pdbx_end_seq_num       ? 
_pdbx_entity_src_syn.organism_scientific    ? 
_pdbx_entity_src_syn.organism_common_name   ? 
_pdbx_entity_src_syn.ncbi_taxonomy_id       ? 
_pdbx_entity_src_syn.details                
'Synthetic Peptide. The sequence naturally occurs in Saccharomyces cerevisiae and human immunodeficiency virus.' 
# 
loop_
_chem_comp.id 
_chem_comp.type 
_chem_comp.mon_nstd_flag 
_chem_comp.name 
_chem_comp.pdbx_synonyms 
_chem_comp.formula 
_chem_comp.formula_weight 
ACE non-polymer         . 'ACETYL GROUP'  ? 'C2 H4 O'        44.053  
ALA 'L-peptide linking' y ALANINE         ? 'C3 H7 N O2'     89.093  
ARG 'L-peptide linking' y ARGININE        ? 'C6 H15 N4 O2 1' 175.209 
ASN 'L-peptide linking' y ASPARAGINE      ? 'C4 H8 N2 O3'    132.118 
ASP 'L-peptide linking' y 'ASPARTIC ACID' ? 'C4 H7 N O4'     133.103 
CL  non-polymer         . 'CHLORIDE ION'  ? 'Cl -1'          35.453  
GLN 'L-peptide linking' y GLUTAMINE       ? 'C5 H10 N2 O3'   146.144 
GLU 'L-peptide linking' y 'GLUTAMIC ACID' ? 'C5 H9 N O4'     147.129 
GLY 'peptide linking'   y GLYCINE         ? 'C2 H5 N O2'     75.067  
HOH non-polymer         . WATER           ? 'H2 O'           18.015  
ILE 'L-peptide linking' y ISOLEUCINE      ? 'C6 H13 N O2'    131.173 
LEU 'L-peptide linking' y LEUCINE         ? 'C6 H13 N O2'    131.173 
LYS 'L-peptide linking' y LYSINE          ? 'C6 H15 N2 O2 1' 147.195 
MET 'L-peptide linking' y METHIONINE      ? 'C5 H11 N O2 S'  149.211 
SER 'L-peptide linking' y SERINE          ? 'C3 H7 N O3'     105.093 
THR 'L-peptide linking' y THREONINE       ? 'C4 H9 N O3'     119.119 
TRP 'L-peptide linking' y TRYPTOPHAN      ? 'C11 H12 N2 O2'  204.225 
VAL 'L-peptide linking' y VALINE          ? 'C5 H11 N O2'    117.146 
# 
loop_
_pdbx_poly_seq_scheme.asym_id 
_pdbx_poly_seq_scheme.entity_id 
_pdbx_poly_seq_scheme.seq_id 
_pdbx_poly_seq_scheme.mon_id 
_pdbx_poly_seq_scheme.ndb_seq_num 
_pdbx_poly_seq_scheme.pdb_seq_num 
_pdbx_poly_seq_scheme.auth_seq_num 
_pdbx_poly_seq_scheme.pdb_mon_id 
_pdbx_poly_seq_scheme.auth_mon_id 
_pdbx_poly_seq_scheme.pdb_strand_id 
_pdbx_poly_seq_scheme.pdb_ins_code 
_pdbx_poly_seq_scheme.hetero 
A 1 1  ACE 1  0  0  ACE ACE A . n 
A 1 2  ARG 2  1  1  ARG ARG A . n 
A 1 3  MET 3  2  2  MET MET A . n 
A 1 4  LYS 4  3  3  LYS LYS A . n 
A 1 5  GLN 5  4  4  GLN GLN A . n 
A 1 6  ILE 6  5  5  ILE ILE A . n 
A 1 7  GLU 7  6  6  GLU GLU A . n 
A 1 8  ASP 8  7  7  ASP ASP A . n 
A 1 9  LYS 9  8  8  LYS LYS A . n 
A 1 10 ILE 10 9  9  ILE ILE A . n 
A 1 11 GLU 11 10 10 GLU GLU A . n 
A 1 12 GLU 12 11 11 GLU GLU A . n 
A 1 13 ILE 13 12 12 ILE ILE A . n 
A 1 14 GLU 14 13 13 GLU GLU A . n 
A 1 15 SER 15 14 14 SER SER A . n 
A 1 16 LYS 16 15 15 LYS LYS A . n 
A 1 17 GLN 17 16 16 GLN GLN A . n 
A 1 18 LYS 18 17 17 LYS LYS A . n 
A 1 19 LYS 19 18 18 LYS LYS A . n 
A 1 20 ILE 20 19 19 ILE ILE A . n 
A 1 21 GLU 21 20 20 GLU GLU A . n 
A 1 22 ASN 22 21 21 ASN ASN A . n 
A 1 23 GLU 23 22 22 GLU GLU A . n 
A 1 24 ILE 24 23 23 ILE ILE A . n 
A 1 25 ALA 25 24 24 ALA ALA A . n 
A 1 26 ARG 26 25 25 ARG ARG A . n 
A 1 27 ILE 27 26 26 ILE ILE A . n 
A 1 28 LYS 28 27 27 LYS LYS A . n 
A 1 29 LYS 29 28 28 LYS LYS A . n 
A 1 30 LEU 30 29 29 LEU LEU A . n 
A 1 31 LEU 31 30 30 LEU LEU A . n 
A 1 32 GLN 32 31 31 GLN GLN A . n 
A 1 33 LEU 33 32 32 LEU LEU A . n 
A 1 34 THR 34 33 33 THR THR A . n 
A 1 35 VAL 35 34 34 VAL VAL A . n 
A 1 36 TRP 36 35 35 TRP TRP A . n 
A 1 37 GLY 37 36 36 GLY GLY A . n 
A 1 38 ILE 38 37 37 ILE ILE A . n 
A 1 39 LYS 39 38 38 LYS LYS A . n 
A 1 40 GLN 40 39 39 GLN GLN A . n 
A 1 41 LEU 41 40 40 LEU LEU A . n 
A 1 42 GLN 42 41 41 GLN GLN A . n 
A 1 43 ALA 43 42 42 ALA ALA A . n 
A 1 44 ARG 44 43 43 ARG ARG A . n 
A 1 45 ILE 45 44 44 ILE ILE A . n 
A 1 46 LEU 46 45 45 LEU LEU A . n 
B 1 1  ACE 1  0  0  ACE ACE B . n 
B 1 2  ARG 2  1  1  ARG ARG B . n 
B 1 3  MET 3  2  2  MET MET B . n 
B 1 4  LYS 4  3  3  LYS LYS B . n 
B 1 5  GLN 5  4  4  GLN GLN B . n 
B 1 6  ILE 6  5  5  ILE ILE B . n 
B 1 7  GLU 7  6  6  GLU GLU B . n 
B 1 8  ASP 8  7  7  ASP ASP B . n 
B 1 9  LYS 9  8  8  LYS LYS B . n 
B 1 10 ILE 10 9  9  ILE ILE B . n 
B 1 11 GLU 11 10 10 GLU GLU B . n 
B 1 12 GLU 12 11 11 GLU GLU B . n 
B 1 13 ILE 13 12 12 ILE ILE B . n 
B 1 14 GLU 14 13 13 GLU GLU B . n 
B 1 15 SER 15 14 14 SER SER B . n 
B 1 16 LYS 16 15 15 LYS LYS B . n 
B 1 17 GLN 17 16 16 GLN GLN B . n 
B 1 18 LYS 18 17 17 LYS LYS B . n 
B 1 19 LYS 19 18 18 LYS LYS B . n 
B 1 20 ILE 20 19 19 ILE ILE B . n 
B 1 21 GLU 21 20 20 GLU GLU B . n 
B 1 22 ASN 22 21 21 ASN ASN B . n 
B 1 23 GLU 23 22 22 GLU GLU B . n 
B 1 24 ILE 24 23 23 ILE ILE B . n 
B 1 25 ALA 25 24 24 ALA ALA B . n 
B 1 26 ARG 26 25 25 ARG ARG B . n 
B 1 27 ILE 27 26 26 ILE ILE B . n 
B 1 28 LYS 28 27 27 LYS LYS B . n 
B 1 29 LYS 29 28 28 LYS LYS B . n 
B 1 30 LEU 30 29 29 LEU LEU B . n 
B 1 31 LEU 31 30 30 LEU LEU B . n 
B 1 32 GLN 32 31 31 GLN GLN B . n 
B 1 33 LEU 33 32 32 LEU LEU B . n 
B 1 34 THR 34 33 33 THR THR B . n 
B 1 35 VAL 35 34 34 VAL VAL B . n 
B 1 36 TRP 36 35 35 TRP TRP B . n 
B 1 37 GLY 37 36 36 GLY GLY B . n 
B 1 38 ILE 38 37 37 ILE ILE B . n 
B 1 39 LYS 39 38 38 LYS LYS B . n 
B 1 40 GLN 40 39 39 GLN GLN B . n 
B 1 41 LEU 41 40 40 LEU LEU B . n 
B 1 42 GLN 42 41 41 GLN GLN B . n 
B 1 43 ALA 43 42 42 ALA ALA B . n 
B 1 44 ARG 44 43 43 ARG ARG B . n 
B 1 45 ILE 45 44 44 ILE ILE B . n 
B 1 46 LEU 46 45 45 LEU LEU B . n 
C 1 1  ACE 1  0  0  ACE ACE C . n 
C 1 2  ARG 2  1  1  ARG ARG C . n 
C 1 3  MET 3  2  2  MET MET C . n 
C 1 4  LYS 4  3  3  LYS LYS C . n 
C 1 5  GLN 5  4  4  GLN GLN C . n 
C 1 6  ILE 6  5  5  ILE ILE C . n 
C 1 7  GLU 7  6  6  GLU GLU C . n 
C 1 8  ASP 8  7  7  ASP ASP C . n 
C 1 9  LYS 9  8  8  LYS LYS C . n 
C 1 10 ILE 10 9  9  ILE ILE C . n 
C 1 11 GLU 11 10 10 GLU GLU C . n 
C 1 12 GLU 12 11 11 GLU GLU C . n 
C 1 13 ILE 13 12 12 ILE ILE C . n 
C 1 14 GLU 14 13 13 GLU GLU C . n 
C 1 15 SER 15 14 14 SER SER C . n 
C 1 16 LYS 16 15 15 LYS LYS C . n 
C 1 17 GLN 17 16 16 GLN GLN C . n 
C 1 18 LYS 18 17 17 LYS LYS C . n 
C 1 19 LYS 19 18 18 LYS LYS C . n 
C 1 20 ILE 20 19 19 ILE ILE C . n 
C 1 21 GLU 21 20 20 GLU GLU C . n 
C 1 22 ASN 22 21 21 ASN ASN C . n 
C 1 23 GLU 23 22 22 GLU GLU C . n 
C 1 24 ILE 24 23 23 ILE ILE C . n 
C 1 25 ALA 25 24 24 ALA ALA C . n 
C 1 26 ARG 26 25 25 ARG ARG C . n 
C 1 27 ILE 27 26 26 ILE ILE C . n 
C 1 28 LYS 28 27 27 LYS LYS C . n 
C 1 29 LYS 29 28 28 LYS LYS C . n 
C 1 30 LEU 30 29 29 LEU LEU C . n 
C 1 31 LEU 31 30 30 LEU LEU C . n 
C 1 32 GLN 32 31 31 GLN GLN C . n 
C 1 33 LEU 33 32 32 LEU LEU C . n 
C 1 34 THR 34 33 33 THR THR C . n 
C 1 35 VAL 35 34 34 VAL VAL C . n 
C 1 36 TRP 36 35 35 TRP TRP C . n 
C 1 37 GLY 37 36 36 GLY GLY C . n 
C 1 38 ILE 38 37 37 ILE ILE C . n 
C 1 39 LYS 39 38 38 LYS LYS C . n 
C 1 40 GLN 40 39 39 GLN GLN C . n 
C 1 41 LEU 41 40 40 LEU LEU C . n 
C 1 42 GLN 42 41 41 GLN GLN C . n 
C 1 43 ALA 43 42 42 ALA ALA C . n 
C 1 44 ARG 44 43 43 ARG ARG C . n 
C 1 45 ILE 45 44 44 ILE ILE C . n 
C 1 46 LEU 46 45 45 LEU LEU C . n 
# 
loop_
_pdbx_nonpoly_scheme.asym_id 
_pdbx_nonpoly_scheme.entity_id 
_pdbx_nonpoly_scheme.mon_id 
_pdbx_nonpoly_scheme.ndb_seq_num 
_pdbx_nonpoly_scheme.pdb_seq_num 
_pdbx_nonpoly_scheme.auth_seq_num 
_pdbx_nonpoly_scheme.pdb_mon_id 
_pdbx_nonpoly_scheme.auth_mon_id 
_pdbx_nonpoly_scheme.pdb_strand_id 
_pdbx_nonpoly_scheme.pdb_ins_code 
D 2 CL  1  301 1   CL  CL  A . 
E 3 HOH 1  302 3   HOH HOH A . 
E 3 HOH 2  303 7   HOH HOH A . 
E 3 HOH 3  304 10  HOH HOH A . 
E 3 HOH 4  305 12  HOH HOH A . 
E 3 HOH 5  306 17  HOH HOH A . 
E 3 HOH 6  307 21  HOH HOH A . 
E 3 HOH 7  308 22  HOH HOH A . 
E 3 HOH 8  309 24  HOH HOH A . 
E 3 HOH 9  310 26  HOH HOH A . 
E 3 HOH 10 311 29  HOH HOH A . 
E 3 HOH 11 312 31  HOH HOH A . 
E 3 HOH 12 313 32  HOH HOH A . 
E 3 HOH 13 314 33  HOH HOH A . 
E 3 HOH 14 315 34  HOH HOH A . 
E 3 HOH 15 316 38  HOH HOH A . 
E 3 HOH 16 317 41  HOH HOH A . 
E 3 HOH 17 318 42  HOH HOH A . 
E 3 HOH 18 319 46  HOH HOH A . 
E 3 HOH 19 320 47  HOH HOH A . 
E 3 HOH 20 321 48  HOH HOH A . 
E 3 HOH 21 322 49  HOH HOH A . 
E 3 HOH 22 323 50  HOH HOH A . 
E 3 HOH 23 324 51  HOH HOH A . 
E 3 HOH 24 325 52  HOH HOH A . 
E 3 HOH 25 326 53  HOH HOH A . 
E 3 HOH 26 327 56  HOH HOH A . 
E 3 HOH 27 328 57  HOH HOH A . 
E 3 HOH 28 329 59  HOH HOH A . 
E 3 HOH 29 330 60  HOH HOH A . 
E 3 HOH 30 331 61  HOH HOH A . 
E 3 HOH 31 332 62  HOH HOH A . 
E 3 HOH 32 333 63  HOH HOH A . 
E 3 HOH 33 334 67  HOH HOH A . 
E 3 HOH 34 335 69  HOH HOH A . 
E 3 HOH 35 336 70  HOH HOH A . 
E 3 HOH 36 337 71  HOH HOH A . 
E 3 HOH 37 338 72  HOH HOH A . 
E 3 HOH 38 339 73  HOH HOH A . 
E 3 HOH 39 340 74  HOH HOH A . 
E 3 HOH 40 341 75  HOH HOH A . 
E 3 HOH 41 342 76  HOH HOH A . 
E 3 HOH 42 343 77  HOH HOH A . 
E 3 HOH 43 344 83  HOH HOH A . 
E 3 HOH 44 345 95  HOH HOH A . 
E 3 HOH 45 346 96  HOH HOH A . 
E 3 HOH 46 347 98  HOH HOH A . 
E 3 HOH 47 348 100 HOH HOH A . 
E 3 HOH 48 349 101 HOH HOH A . 
E 3 HOH 49 350 103 HOH HOH A . 
E 3 HOH 50 351 120 HOH HOH A . 
E 3 HOH 51 352 133 HOH HOH A . 
E 3 HOH 52 353 134 HOH HOH A . 
E 3 HOH 53 354 138 HOH HOH A . 
E 3 HOH 54 355 142 HOH HOH A . 
E 3 HOH 55 356 145 HOH HOH A . 
E 3 HOH 56 357 146 HOH HOH A . 
E 3 HOH 57 358 147 HOH HOH A . 
E 3 HOH 58 359 150 HOH HOH A . 
E 3 HOH 59 360 159 HOH HOH A . 
E 3 HOH 60 361 161 HOH HOH A . 
E 3 HOH 61 362 168 HOH HOH A . 
E 3 HOH 62 363 172 HOH HOH A . 
E 3 HOH 63 364 177 HOH HOH A . 
E 3 HOH 64 365 182 HOH HOH A . 
E 3 HOH 65 366 185 HOH HOH A . 
E 3 HOH 66 367 186 HOH HOH A . 
E 3 HOH 67 368 192 HOH HOH A . 
E 3 HOH 68 369 194 HOH HOH A . 
E 3 HOH 69 370 199 HOH HOH A . 
E 3 HOH 70 371 202 HOH HOH A . 
E 3 HOH 71 372 214 HOH HOH A . 
E 3 HOH 72 373 215 HOH HOH A . 
E 3 HOH 73 374 216 HOH HOH A . 
E 3 HOH 74 375 220 HOH HOH A . 
E 3 HOH 75 376 221 HOH HOH A . 
E 3 HOH 76 377 226 HOH HOH A . 
E 3 HOH 77 378 227 HOH HOH A . 
E 3 HOH 78 379 228 HOH HOH A . 
E 3 HOH 79 380 238 HOH HOH A . 
E 3 HOH 80 381 239 HOH HOH A . 
E 3 HOH 81 382 243 HOH HOH A . 
E 3 HOH 82 383 248 HOH HOH A . 
E 3 HOH 83 384 251 HOH HOH A . 
F 3 HOH 1  46  2   HOH HOH B . 
F 3 HOH 2  47  4   HOH HOH B . 
F 3 HOH 3  48  6   HOH HOH B . 
F 3 HOH 4  49  11  HOH HOH B . 
F 3 HOH 5  50  14  HOH HOH B . 
F 3 HOH 6  51  16  HOH HOH B . 
F 3 HOH 7  52  20  HOH HOH B . 
F 3 HOH 8  53  43  HOH HOH B . 
F 3 HOH 9  54  44  HOH HOH B . 
F 3 HOH 10 55  45  HOH HOH B . 
F 3 HOH 11 56  65  HOH HOH B . 
F 3 HOH 12 57  68  HOH HOH B . 
F 3 HOH 13 58  78  HOH HOH B . 
F 3 HOH 14 59  80  HOH HOH B . 
F 3 HOH 15 60  82  HOH HOH B . 
F 3 HOH 16 61  84  HOH HOH B . 
F 3 HOH 17 62  85  HOH HOH B . 
F 3 HOH 18 63  87  HOH HOH B . 
F 3 HOH 19 64  88  HOH HOH B . 
F 3 HOH 20 65  91  HOH HOH B . 
F 3 HOH 21 66  92  HOH HOH B . 
F 3 HOH 22 67  93  HOH HOH B . 
F 3 HOH 23 68  94  HOH HOH B . 
F 3 HOH 24 69  97  HOH HOH B . 
F 3 HOH 25 70  105 HOH HOH B . 
F 3 HOH 26 71  106 HOH HOH B . 
F 3 HOH 27 72  109 HOH HOH B . 
F 3 HOH 28 73  110 HOH HOH B . 
F 3 HOH 29 74  113 HOH HOH B . 
F 3 HOH 30 75  114 HOH HOH B . 
F 3 HOH 31 76  135 HOH HOH B . 
F 3 HOH 32 77  140 HOH HOH B . 
F 3 HOH 33 78  144 HOH HOH B . 
F 3 HOH 34 79  149 HOH HOH B . 
F 3 HOH 35 80  162 HOH HOH B . 
F 3 HOH 36 81  170 HOH HOH B . 
F 3 HOH 37 82  173 HOH HOH B . 
F 3 HOH 38 83  179 HOH HOH B . 
F 3 HOH 39 84  180 HOH HOH B . 
F 3 HOH 40 85  181 HOH HOH B . 
F 3 HOH 41 86  184 HOH HOH B . 
F 3 HOH 42 87  187 HOH HOH B . 
F 3 HOH 43 88  191 HOH HOH B . 
F 3 HOH 44 89  193 HOH HOH B . 
F 3 HOH 45 90  195 HOH HOH B . 
F 3 HOH 46 91  200 HOH HOH B . 
F 3 HOH 47 92  201 HOH HOH B . 
F 3 HOH 48 93  204 HOH HOH B . 
F 3 HOH 49 94  207 HOH HOH B . 
F 3 HOH 50 95  208 HOH HOH B . 
F 3 HOH 51 96  209 HOH HOH B . 
F 3 HOH 52 97  211 HOH HOH B . 
F 3 HOH 53 98  213 HOH HOH B . 
F 3 HOH 54 99  218 HOH HOH B . 
F 3 HOH 55 100 219 HOH HOH B . 
F 3 HOH 56 101 224 HOH HOH B . 
F 3 HOH 57 102 225 HOH HOH B . 
F 3 HOH 58 103 229 HOH HOH B . 
F 3 HOH 59 104 230 HOH HOH B . 
F 3 HOH 60 105 231 HOH HOH B . 
F 3 HOH 61 106 233 HOH HOH B . 
F 3 HOH 62 107 235 HOH HOH B . 
F 3 HOH 63 108 236 HOH HOH B . 
F 3 HOH 64 109 240 HOH HOH B . 
F 3 HOH 65 110 241 HOH HOH B . 
F 3 HOH 66 111 242 HOH HOH B . 
F 3 HOH 67 112 244 HOH HOH B . 
F 3 HOH 68 113 249 HOH HOH B . 
F 3 HOH 69 114 250 HOH HOH B . 
G 3 HOH 1  46  8   HOH HOH C . 
G 3 HOH 2  47  9   HOH HOH C . 
G 3 HOH 3  48  13  HOH HOH C . 
G 3 HOH 4  49  15  HOH HOH C . 
G 3 HOH 5  50  18  HOH HOH C . 
G 3 HOH 6  51  19  HOH HOH C . 
G 3 HOH 7  52  30  HOH HOH C . 
G 3 HOH 8  53  35  HOH HOH C . 
G 3 HOH 9  54  37  HOH HOH C . 
G 3 HOH 10 55  40  HOH HOH C . 
G 3 HOH 11 56  66  HOH HOH C . 
G 3 HOH 12 57  81  HOH HOH C . 
G 3 HOH 13 58  89  HOH HOH C . 
G 3 HOH 14 59  90  HOH HOH C . 
G 3 HOH 15 60  99  HOH HOH C . 
G 3 HOH 16 61  104 HOH HOH C . 
G 3 HOH 17 62  115 HOH HOH C . 
G 3 HOH 18 63  116 HOH HOH C . 
G 3 HOH 19 64  117 HOH HOH C . 
G 3 HOH 20 65  118 HOH HOH C . 
G 3 HOH 21 66  119 HOH HOH C . 
G 3 HOH 22 67  121 HOH HOH C . 
G 3 HOH 23 68  122 HOH HOH C . 
G 3 HOH 24 69  123 HOH HOH C . 
G 3 HOH 25 70  124 HOH HOH C . 
G 3 HOH 26 71  125 HOH HOH C . 
G 3 HOH 27 72  126 HOH HOH C . 
G 3 HOH 28 73  127 HOH HOH C . 
G 3 HOH 29 74  128 HOH HOH C . 
G 3 HOH 30 75  129 HOH HOH C . 
G 3 HOH 31 76  130 HOH HOH C . 
G 3 HOH 32 77  131 HOH HOH C . 
G 3 HOH 33 78  132 HOH HOH C . 
G 3 HOH 34 79  136 HOH HOH C . 
G 3 HOH 35 80  137 HOH HOH C . 
G 3 HOH 36 81  139 HOH HOH C . 
G 3 HOH 37 82  141 HOH HOH C . 
G 3 HOH 38 83  143 HOH HOH C . 
G 3 HOH 39 84  148 HOH HOH C . 
G 3 HOH 40 85  151 HOH HOH C . 
G 3 HOH 41 86  152 HOH HOH C . 
G 3 HOH 42 87  153 HOH HOH C . 
G 3 HOH 43 88  154 HOH HOH C . 
G 3 HOH 44 89  155 HOH HOH C . 
G 3 HOH 45 90  156 HOH HOH C . 
G 3 HOH 46 91  157 HOH HOH C . 
G 3 HOH 47 92  158 HOH HOH C . 
G 3 HOH 48 93  160 HOH HOH C . 
G 3 HOH 49 94  163 HOH HOH C . 
G 3 HOH 50 95  164 HOH HOH C . 
G 3 HOH 51 96  165 HOH HOH C . 
G 3 HOH 52 97  166 HOH HOH C . 
G 3 HOH 53 98  169 HOH HOH C . 
G 3 HOH 54 99  171 HOH HOH C . 
G 3 HOH 55 100 174 HOH HOH C . 
G 3 HOH 56 101 175 HOH HOH C . 
G 3 HOH 57 102 176 HOH HOH C . 
G 3 HOH 58 103 183 HOH HOH C . 
G 3 HOH 59 104 188 HOH HOH C . 
G 3 HOH 60 105 190 HOH HOH C . 
G 3 HOH 61 106 196 HOH HOH C . 
G 3 HOH 62 107 205 HOH HOH C . 
G 3 HOH 63 108 206 HOH HOH C . 
G 3 HOH 64 109 212 HOH HOH C . 
G 3 HOH 65 110 217 HOH HOH C . 
G 3 HOH 66 111 222 HOH HOH C . 
G 3 HOH 67 112 223 HOH HOH C . 
G 3 HOH 68 113 232 HOH HOH C . 
G 3 HOH 69 114 237 HOH HOH C . 
G 3 HOH 70 115 245 HOH HOH C . 
G 3 HOH 71 116 246 HOH HOH C . 
G 3 HOH 72 117 247 HOH HOH C . 
# 
loop_
_software.name 
_software.classification 
_software.version 
_software.citation_id 
_software.pdbx_ordinal 
REFMAC    refinement        5.3.0034 ? 1 
ADSC      'data collection' Quantum  ? 2 
DENZO     'data reduction'  .        ? 3 
SCALEPACK 'data scaling'    .        ? 4 
AMoRE     phasing           .        ? 5 
# 
_cell.entry_id           2Q5U 
_cell.length_a           45.515 
_cell.length_b           47.895 
_cell.length_c           136.091 
_cell.angle_alpha        90.00 
_cell.angle_beta         90.00 
_cell.angle_gamma        90.00 
_cell.Z_PDB              24 
_cell.pdbx_unique_axis   ? 
_cell.length_a_esd       ? 
_cell.length_b_esd       ? 
_cell.length_c_esd       ? 
_cell.angle_alpha_esd    ? 
_cell.angle_beta_esd     ? 
_cell.angle_gamma_esd    ? 
# 
_symmetry.entry_id                         2Q5U 
_symmetry.space_group_name_H-M             'I 2 2 2' 
_symmetry.pdbx_full_space_group_name_H-M   ? 
_symmetry.cell_setting                     ? 
_symmetry.Int_Tables_number                23 
_symmetry.space_group_name_Hall            ? 
# 
_exptl.entry_id          2Q5U 
_exptl.method            'X-RAY DIFFRACTION' 
_exptl.crystals_number   1 
# 
_exptl_crystal.id                    1 
_exptl_crystal.density_meas          ? 
_exptl_crystal.density_Matthews      2.27 
_exptl_crystal.density_percent_sol   45.84 
_exptl_crystal.description           ? 
_exptl_crystal.F_000                 ? 
_exptl_crystal.preparation           ? 
# 
_exptl_crystal_grow.crystal_id      1 
_exptl_crystal_grow.method          'VAPOR DIFFUSION, HANGING DROP' 
_exptl_crystal_grow.temp            294 
_exptl_crystal_grow.temp_details    ? 
_exptl_crystal_grow.pH              4.8 
_exptl_crystal_grow.pdbx_details    
'21% PEG4000, 0.15 M ammonium sulfate, 0.1 M sodium acetate, pH 4.8, VAPOR DIFFUSION, HANGING DROP, temperature 294K' 
_exptl_crystal_grow.pdbx_pH_range   . 
# 
_diffrn.id                     1 
_diffrn.ambient_temp           100 
_diffrn.ambient_temp_details   ? 
_diffrn.crystal_id             1 
# 
_diffrn_detector.diffrn_id              1 
_diffrn_detector.detector               CCD 
_diffrn_detector.type                   'ADSC QUANTUM 4' 
_diffrn_detector.pdbx_collection_date   2000-03-31 
_diffrn_detector.details                X4A 
# 
_diffrn_radiation.diffrn_id                        1 
_diffrn_radiation.wavelength_id                    1 
_diffrn_radiation.pdbx_monochromatic_or_laue_m_l   M 
_diffrn_radiation.monochromator                    ? 
_diffrn_radiation.pdbx_diffrn_protocol             'SINGLE WAVELENGTH' 
_diffrn_radiation.pdbx_scattering_type             x-ray 
# 
_diffrn_radiation_wavelength.id           1 
_diffrn_radiation_wavelength.wavelength   0.979 
_diffrn_radiation_wavelength.wt           1.0 
# 
_diffrn_source.diffrn_id                   1 
_diffrn_source.source                      SYNCHROTRON 
_diffrn_source.type                        'NSLS BEAMLINE X4A' 
_diffrn_source.pdbx_synchrotron_site       NSLS 
_diffrn_source.pdbx_synchrotron_beamline   X4A 
_diffrn_source.pdbx_wavelength             0.979 
_diffrn_source.pdbx_wavelength_list        ? 
# 
_reflns.entry_id                     2Q5U 
_reflns.observed_criterion_sigma_F   ? 
_reflns.observed_criterion_sigma_I   ? 
_reflns.d_resolution_high            1.50 
_reflns.d_resolution_low             30.0 
_reflns.number_all                   24434 
_reflns.number_obs                   24434 
_reflns.percent_possible_obs         100.0 
_reflns.pdbx_Rmerge_I_obs            0.065 
_reflns.pdbx_Rsym_value              0.065 
_reflns.pdbx_netI_over_sigmaI        ? 
_reflns.B_iso_Wilson_estimate        21.3 
_reflns.pdbx_redundancy              5.5 
_reflns.R_free_details               ? 
_reflns.limit_h_max                  ? 
_reflns.limit_h_min                  ? 
_reflns.limit_k_max                  ? 
_reflns.limit_k_min                  ? 
_reflns.limit_l_max                  ? 
_reflns.limit_l_min                  ? 
_reflns.observed_criterion_F_max     ? 
_reflns.observed_criterion_F_min     ? 
_reflns.pdbx_chi_squared             ? 
_reflns.pdbx_scaling_rejects         ? 
_reflns.pdbx_diffrn_id               1 
_reflns.pdbx_ordinal                 1 
# 
_reflns_shell.d_res_high             1.50 
_reflns_shell.d_res_low              1.59 
_reflns_shell.percent_possible_all   95.5 
_reflns_shell.Rmerge_I_obs           0.32 
_reflns_shell.pdbx_Rsym_value        0.32 
_reflns_shell.meanI_over_sigI_obs    3.1 
_reflns_shell.pdbx_redundancy        2.5 
_reflns_shell.percent_possible_obs   ? 
_reflns_shell.number_unique_all      2221 
_reflns_shell.number_measured_all    ? 
_reflns_shell.number_measured_obs    ? 
_reflns_shell.number_unique_obs      ? 
_reflns_shell.pdbx_chi_squared       ? 
_reflns_shell.pdbx_diffrn_id         ? 
_reflns_shell.pdbx_ordinal           1 
# 
_refine.entry_id                                 2Q5U 
_refine.ls_number_reflns_obs                     21525 
_refine.ls_number_reflns_all                     ? 
_refine.pdbx_ls_sigma_I                          ? 
_refine.pdbx_ls_sigma_F                          ? 
_refine.pdbx_data_cutoff_high_absF               ? 
_refine.pdbx_data_cutoff_low_absF                ? 
_refine.pdbx_data_cutoff_high_rms_absF           ? 
_refine.ls_d_res_low                             18.69 
_refine.ls_d_res_high                            1.50 
_refine.ls_percent_reflns_obs                    98.22 
_refine.ls_R_factor_obs                          0.24946 
_refine.ls_R_factor_all                          ? 
_refine.ls_R_factor_R_work                       0.24389 
_refine.ls_R_factor_R_free                       0.29999 
_refine.ls_R_factor_R_free_error                 ? 
_refine.ls_R_factor_R_free_error_details         ? 
_refine.ls_percent_reflns_R_free                 10.1 
_refine.ls_number_reflns_R_free                  2418 
_refine.ls_number_parameters                     ? 
_refine.ls_number_restraints                     ? 
_refine.occupancy_min                            ? 
_refine.occupancy_max                            ? 
_refine.correlation_coeff_Fo_to_Fc               0.915 
_refine.correlation_coeff_Fo_to_Fc_free          0.855 
_refine.B_iso_mean                               21.688 
_refine.aniso_B[1][1]                            0.00 
_refine.aniso_B[2][2]                            0.01 
_refine.aniso_B[3][3]                            -0.01 
_refine.aniso_B[1][2]                            0.00 
_refine.aniso_B[1][3]                            0.00 
_refine.aniso_B[2][3]                            0.00 
_refine.solvent_model_details                    MASK 
_refine.solvent_model_param_ksol                 ? 
_refine.solvent_model_param_bsol                 ? 
_refine.pdbx_solvent_vdw_probe_radii             1.20 
_refine.pdbx_solvent_ion_probe_radii             0.80 
_refine.pdbx_solvent_shrinkage_radii             0.80 
_refine.pdbx_ls_cross_valid_method               THROUGHOUT 
_refine.details                                  'HYDROGENS HAVE BEEN ADDED IN THE RIDING POSITIONS' 
_refine.pdbx_starting_model                      'pdb entry 1CZQ' 
_refine.pdbx_method_to_determine_struct          'MOLECULAR REPLACEMENT' 
_refine.pdbx_isotropic_thermal_model             ? 
_refine.pdbx_stereochemistry_target_values       'MAXIMUM LIKELIHOOD' 
_refine.pdbx_stereochem_target_val_spec_case     ? 
_refine.pdbx_R_Free_selection_details            RANDOM 
_refine.pdbx_overall_ESU_R                       0.112 
_refine.pdbx_overall_ESU_R_Free                  0.119 
_refine.overall_SU_ML                            0.063 
_refine.overall_SU_B                             1.603 
_refine.ls_redundancy_reflns_obs                 ? 
_refine.B_iso_min                                ? 
_refine.B_iso_max                                ? 
_refine.overall_SU_R_Cruickshank_DPI             ? 
_refine.overall_SU_R_free                        ? 
_refine.ls_wR_factor_R_free                      ? 
_refine.ls_wR_factor_R_work                      ? 
_refine.overall_FOM_free_R_set                   ? 
_refine.overall_FOM_work_R_set                   ? 
_refine.pdbx_refine_id                           'X-RAY DIFFRACTION' 
_refine.pdbx_diffrn_id                           1 
_refine.pdbx_TLS_residual_ADP_flag               ? 
_refine.pdbx_overall_phase_error                 ? 
_refine.pdbx_overall_SU_R_free_Cruickshank_DPI   ? 
_refine.pdbx_overall_SU_R_Blow_DPI               ? 
_refine.pdbx_overall_SU_R_free_Blow_DPI          ? 
# 
_refine_hist.pdbx_refine_id                   'X-RAY DIFFRACTION' 
_refine_hist.cycle_id                         LAST 
_refine_hist.pdbx_number_atoms_protein        1151 
_refine_hist.pdbx_number_atoms_nucleic_acid   0 
_refine_hist.pdbx_number_atoms_ligand         10 
_refine_hist.number_atoms_solvent             224 
_refine_hist.number_atoms_total               1385 
_refine_hist.d_res_high                       1.50 
_refine_hist.d_res_low                        18.69 
# 
loop_
_refine_ls_restr.type 
_refine_ls_restr.dev_ideal 
_refine_ls_restr.dev_ideal_target 
_refine_ls_restr.weight 
_refine_ls_restr.number 
_refine_ls_restr.pdbx_refine_id 
_refine_ls_restr.pdbx_restraint_function 
r_bond_refined_d             0.019  0.022  ? 1165 'X-RAY DIFFRACTION' ? 
r_bond_other_d               ?      ?      ? ?    'X-RAY DIFFRACTION' ? 
r_angle_refined_deg          1.778  2.012  ? 1547 'X-RAY DIFFRACTION' ? 
r_angle_other_deg            ?      ?      ? ?    'X-RAY DIFFRACTION' ? 
r_dihedral_angle_1_deg       2.891  5.000  ? 136  'X-RAY DIFFRACTION' ? 
r_dihedral_angle_2_deg       45.352 25.882 ? 51   'X-RAY DIFFRACTION' ? 
r_dihedral_angle_3_deg       15.574 15.000 ? 297  'X-RAY DIFFRACTION' ? 
r_dihedral_angle_4_deg       19.162 15.000 ? 9    'X-RAY DIFFRACTION' ? 
r_chiral_restr               0.103  0.200  ? 180  'X-RAY DIFFRACTION' ? 
r_gen_planes_refined         0.007  0.020  ? 779  'X-RAY DIFFRACTION' ? 
r_gen_planes_other           ?      ?      ? ?    'X-RAY DIFFRACTION' ? 
r_nbd_refined                0.246  0.200  ? 649  'X-RAY DIFFRACTION' ? 
r_nbd_other                  ?      ?      ? ?    'X-RAY DIFFRACTION' ? 
r_nbtor_refined              0.308  0.200  ? 838  'X-RAY DIFFRACTION' ? 
r_nbtor_other                ?      ?      ? ?    'X-RAY DIFFRACTION' ? 
r_xyhbond_nbd_refined        0.191  0.200  ? 114  'X-RAY DIFFRACTION' ? 
r_xyhbond_nbd_other          ?      ?      ? ?    'X-RAY DIFFRACTION' ? 
r_metal_ion_refined          ?      ?      ? ?    'X-RAY DIFFRACTION' ? 
r_metal_ion_other            ?      ?      ? ?    'X-RAY DIFFRACTION' ? 
r_symmetry_vdw_refined       0.286  0.200  ? 43   'X-RAY DIFFRACTION' ? 
r_symmetry_vdw_other         ?      ?      ? ?    'X-RAY DIFFRACTION' ? 
r_symmetry_hbond_refined     0.256  0.200  ? 20   'X-RAY DIFFRACTION' ? 
r_symmetry_hbond_other       ?      ?      ? ?    'X-RAY DIFFRACTION' ? 
r_symmetry_metal_ion_refined ?      ?      ? ?    'X-RAY DIFFRACTION' ? 
r_symmetry_metal_ion_other   ?      ?      ? ?    'X-RAY DIFFRACTION' ? 
r_mcbond_it                  1.448  1.500  ? 714  'X-RAY DIFFRACTION' ? 
r_mcbond_other               ?      ?      ? ?    'X-RAY DIFFRACTION' ? 
r_mcangle_it                 2.137  2.000  ? 1117 'X-RAY DIFFRACTION' ? 
r_scbond_it                  3.961  3.000  ? 502  'X-RAY DIFFRACTION' ? 
r_scangle_it                 6.472  4.500  ? 428  'X-RAY DIFFRACTION' ? 
r_rigid_bond_restr           ?      ?      ? ?    'X-RAY DIFFRACTION' ? 
r_sphericity_free            ?      ?      ? ?    'X-RAY DIFFRACTION' ? 
r_sphericity_bonded          ?      ?      ? ?    'X-RAY DIFFRACTION' ? 
# 
_refine_ls_shell.pdbx_total_number_of_bins_used   20 
_refine_ls_shell.d_res_high                       1.499 
_refine_ls_shell.d_res_low                        1.537 
_refine_ls_shell.number_reflns_R_work             1574 
_refine_ls_shell.R_factor_R_work                  0.259 
_refine_ls_shell.percent_reflns_obs               99.10 
_refine_ls_shell.R_factor_R_free                  0.329 
_refine_ls_shell.R_factor_R_free_error            ? 
_refine_ls_shell.percent_reflns_R_free            ? 
_refine_ls_shell.number_reflns_R_free             190 
_refine_ls_shell.number_reflns_all                ? 
_refine_ls_shell.R_factor_all                     ? 
_refine_ls_shell.number_reflns_obs                ? 
_refine_ls_shell.redundancy_reflns_obs            ? 
_refine_ls_shell.pdbx_refine_id                   'X-RAY DIFFRACTION' 
# 
_struct.entry_id                  2Q5U 
_struct.title                     'Crystal structure of IQN17' 
_struct.pdbx_model_details        ? 
_struct.pdbx_CASP_flag            ? 
_struct.pdbx_model_type_details   ? 
# 
_struct_keywords.entry_id        2Q5U 
_struct_keywords.pdbx_keywords   'VIRAL PROTEIN' 
_struct_keywords.text            'envelope glycoprotein, coiled coil, viral protein/viral protein inhibitor, VIRAL PROTEIN' 
# 
loop_
_struct_asym.id 
_struct_asym.pdbx_blank_PDB_chainid_flag 
_struct_asym.pdbx_modified 
_struct_asym.entity_id 
_struct_asym.details 
A N N 1 ? 
B N N 1 ? 
C N N 1 ? 
D N N 2 ? 
E N N 3 ? 
F N N 3 ? 
G N N 3 ? 
# 
_struct_ref.id                         1 
_struct_ref.db_name                    UNP 
_struct_ref.db_code                    A3F986_9HIV1 
_struct_ref.pdbx_db_accession          A3F986 
_struct_ref.entity_id                  1 
_struct_ref.pdbx_seq_one_letter_code   KLLQLTVWGIKQLQARIL 
_struct_ref.pdbx_align_begin           566 
_struct_ref.pdbx_db_isoform            ? 
# 
loop_
_struct_ref_seq.align_id 
_struct_ref_seq.ref_id 
_struct_ref_seq.pdbx_PDB_id_code 
_struct_ref_seq.pdbx_strand_id 
_struct_ref_seq.seq_align_beg 
_struct_ref_seq.pdbx_seq_align_beg_ins_code 
_struct_ref_seq.seq_align_end 
_struct_ref_seq.pdbx_seq_align_end_ins_code 
_struct_ref_seq.pdbx_db_accession 
_struct_ref_seq.db_align_beg 
_struct_ref_seq.pdbx_db_align_beg_ins_code 
_struct_ref_seq.db_align_end 
_struct_ref_seq.pdbx_db_align_end_ins_code 
_struct_ref_seq.pdbx_auth_seq_align_beg 
_struct_ref_seq.pdbx_auth_seq_align_end 
1 1 2Q5U A 29 ? 46 ? A3F986 566 ? 583 ? 28 45 
2 1 2Q5U B 29 ? 46 ? A3F986 566 ? 583 ? 28 45 
3 1 2Q5U C 29 ? 46 ? A3F986 566 ? 583 ? 28 45 
# 
_pdbx_struct_assembly.id                   1 
_pdbx_struct_assembly.details              author_and_software_defined_assembly 
_pdbx_struct_assembly.method_details       PISA 
_pdbx_struct_assembly.oligomeric_details   trimeric 
_pdbx_struct_assembly.oligomeric_count     3 
# 
loop_
_pdbx_struct_assembly_prop.biol_id 
_pdbx_struct_assembly_prop.type 
_pdbx_struct_assembly_prop.value 
_pdbx_struct_assembly_prop.details 
1 'ABSA (A^2)' 5830 ? 
1 MORE         -60  ? 
1 'SSA (A^2)'  9480 ? 
# 
_pdbx_struct_assembly_gen.assembly_id       1 
_pdbx_struct_assembly_gen.oper_expression   1 
_pdbx_struct_assembly_gen.asym_id_list      A,B,C,D,E,F,G 
# 
_pdbx_struct_oper_list.id                   1 
_pdbx_struct_oper_list.type                 'identity operation' 
_pdbx_struct_oper_list.name                 1_555 
_pdbx_struct_oper_list.symmetry_operation   x,y,z 
_pdbx_struct_oper_list.matrix[1][1]         1.0000000000 
_pdbx_struct_oper_list.matrix[1][2]         0.0000000000 
_pdbx_struct_oper_list.matrix[1][3]         0.0000000000 
_pdbx_struct_oper_list.vector[1]            0.0000000000 
_pdbx_struct_oper_list.matrix[2][1]         0.0000000000 
_pdbx_struct_oper_list.matrix[2][2]         1.0000000000 
_pdbx_struct_oper_list.matrix[2][3]         0.0000000000 
_pdbx_struct_oper_list.vector[2]            0.0000000000 
_pdbx_struct_oper_list.matrix[3][1]         0.0000000000 
_pdbx_struct_oper_list.matrix[3][2]         0.0000000000 
_pdbx_struct_oper_list.matrix[3][3]         1.0000000000 
_pdbx_struct_oper_list.vector[3]            0.0000000000 
# 
_struct_biol.id        1 
_struct_biol.details   'Unit cell contains biological assembly, trimer' 
# 
loop_
_struct_conf.conf_type_id 
_struct_conf.id 
_struct_conf.pdbx_PDB_helix_id 
_struct_conf.beg_label_comp_id 
_struct_conf.beg_label_asym_id 
_struct_conf.beg_label_seq_id 
_struct_conf.pdbx_beg_PDB_ins_code 
_struct_conf.end_label_comp_id 
_struct_conf.end_label_asym_id 
_struct_conf.end_label_seq_id 
_struct_conf.pdbx_end_PDB_ins_code 
_struct_conf.beg_auth_comp_id 
_struct_conf.beg_auth_asym_id 
_struct_conf.beg_auth_seq_id 
_struct_conf.end_auth_comp_id 
_struct_conf.end_auth_asym_id 
_struct_conf.end_auth_seq_id 
_struct_conf.pdbx_PDB_helix_class 
_struct_conf.details 
_struct_conf.pdbx_PDB_helix_length 
HELX_P HELX_P1 1 ARG A 2 ? ARG A 44 ? ARG A 1 ARG A 43 1 ? 43 
HELX_P HELX_P2 2 ARG B 2 ? LEU B 46 ? ARG B 1 LEU B 45 1 ? 45 
HELX_P HELX_P3 3 ARG C 2 ? LEU C 46 ? ARG C 1 LEU C 45 1 ? 45 
# 
_struct_conf_type.id          HELX_P 
_struct_conf_type.criteria    ? 
_struct_conf_type.reference   ? 
# 
loop_
_struct_conn.id 
_struct_conn.conn_type_id 
_struct_conn.pdbx_leaving_atom_flag 
_struct_conn.pdbx_PDB_id 
_struct_conn.ptnr1_label_asym_id 
_struct_conn.ptnr1_label_comp_id 
_struct_conn.ptnr1_label_seq_id 
_struct_conn.ptnr1_label_atom_id 
_struct_conn.pdbx_ptnr1_label_alt_id 
_struct_conn.pdbx_ptnr1_PDB_ins_code 
_struct_conn.pdbx_ptnr1_standard_comp_id 
_struct_conn.ptnr1_symmetry 
_struct_conn.ptnr2_label_asym_id 
_struct_conn.ptnr2_label_comp_id 
_struct_conn.ptnr2_label_seq_id 
_struct_conn.ptnr2_label_atom_id 
_struct_conn.pdbx_ptnr2_label_alt_id 
_struct_conn.pdbx_ptnr2_PDB_ins_code 
_struct_conn.ptnr1_auth_asym_id 
_struct_conn.ptnr1_auth_comp_id 
_struct_conn.ptnr1_auth_seq_id 
_struct_conn.ptnr2_auth_asym_id 
_struct_conn.ptnr2_auth_comp_id 
_struct_conn.ptnr2_auth_seq_id 
_struct_conn.ptnr2_symmetry 
_struct_conn.pdbx_ptnr3_label_atom_id 
_struct_conn.pdbx_ptnr3_label_seq_id 
_struct_conn.pdbx_ptnr3_label_comp_id 
_struct_conn.pdbx_ptnr3_label_asym_id 
_struct_conn.pdbx_ptnr3_label_alt_id 
_struct_conn.pdbx_ptnr3_PDB_ins_code 
_struct_conn.details 
_struct_conn.pdbx_dist_value 
_struct_conn.pdbx_value_order 
_struct_conn.pdbx_role 
covale1 covale both ? A ACE 1 C ? ? ? 1_555 A ARG 2 N ? ? A ACE 0 A ARG 1 1_555 ? ? ? ? ? ? ? 1.313 ? ? 
covale2 covale both ? B ACE 1 C ? ? ? 1_555 B ARG 2 N ? ? B ACE 0 B ARG 1 1_555 ? ? ? ? ? ? ? 1.320 ? ? 
covale3 covale both ? C ACE 1 C ? ? ? 1_555 C ARG 2 N ? ? C ACE 0 C ARG 1 1_555 ? ? ? ? ? ? ? 1.317 ? ? 
# 
_struct_conn_type.id          covale 
_struct_conn_type.criteria    ? 
_struct_conn_type.reference   ? 
# 
loop_
_pdbx_modification_feature.ordinal 
_pdbx_modification_feature.label_comp_id 
_pdbx_modification_feature.label_asym_id 
_pdbx_modification_feature.label_seq_id 
_pdbx_modification_feature.label_alt_id 
_pdbx_modification_feature.modified_residue_label_comp_id 
_pdbx_modification_feature.modified_residue_label_asym_id 
_pdbx_modification_feature.modified_residue_label_seq_id 
_pdbx_modification_feature.modified_residue_label_alt_id 
_pdbx_modification_feature.auth_comp_id 
_pdbx_modification_feature.auth_asym_id 
_pdbx_modification_feature.auth_seq_id 
_pdbx_modification_feature.PDB_ins_code 
_pdbx_modification_feature.symmetry 
_pdbx_modification_feature.modified_residue_auth_comp_id 
_pdbx_modification_feature.modified_residue_auth_asym_id 
_pdbx_modification_feature.modified_residue_auth_seq_id 
_pdbx_modification_feature.modified_residue_PDB_ins_code 
_pdbx_modification_feature.modified_residue_symmetry 
_pdbx_modification_feature.comp_id_linking_atom 
_pdbx_modification_feature.modified_residue_id_linking_atom 
_pdbx_modification_feature.modified_residue_id 
_pdbx_modification_feature.ref_pcm_id 
_pdbx_modification_feature.ref_comp_id 
_pdbx_modification_feature.type 
_pdbx_modification_feature.category 
1 ACE A 1 ? ARG A 2 ? ACE A 0 ? 1_555 ARG A 1 ? 1_555 . . ARG 8 ACE None 'Terminal acetylation' 
2 ACE B 1 ? ARG B 2 ? ACE B 0 ? 1_555 ARG B 1 ? 1_555 . . ARG 8 ACE None 'Terminal acetylation' 
3 ACE C 1 ? ARG C 2 ? ACE C 0 ? 1_555 ARG C 1 ? 1_555 . . ARG 8 ACE None 'Terminal acetylation' 
# 
_struct_site.id                   AC1 
_struct_site.pdbx_evidence_code   Software 
_struct_site.pdbx_auth_asym_id    A 
_struct_site.pdbx_auth_comp_id    CL 
_struct_site.pdbx_auth_seq_id     301 
_struct_site.pdbx_auth_ins_code   ? 
_struct_site.pdbx_num_residues    2 
_struct_site.details              'BINDING SITE FOR RESIDUE CL A 301' 
# 
loop_
_struct_site_gen.id 
_struct_site_gen.site_id 
_struct_site_gen.pdbx_num_res 
_struct_site_gen.label_comp_id 
_struct_site_gen.label_asym_id 
_struct_site_gen.label_seq_id 
_struct_site_gen.pdbx_auth_ins_code 
_struct_site_gen.auth_comp_id 
_struct_site_gen.auth_asym_id 
_struct_site_gen.auth_seq_id 
_struct_site_gen.label_atom_id 
_struct_site_gen.label_alt_id 
_struct_site_gen.symmetry 
_struct_site_gen.details 
1 AC1 2 ARG A 2  ? ARG A 1  . ? 1_555 ? 
2 AC1 2 ARG A 44 ? ARG A 43 . ? 6_555 ? 
# 
_pdbx_entry_details.entry_id                   2Q5U 
_pdbx_entry_details.compound_details           ? 
_pdbx_entry_details.source_details             ? 
_pdbx_entry_details.nonpolymer_details         ? 
_pdbx_entry_details.sequence_details           ? 
_pdbx_entry_details.has_ligand_of_interest     ? 
_pdbx_entry_details.has_protein_modification   Y 
# 
_pdbx_validate_rmsd_angle.id                         1 
_pdbx_validate_rmsd_angle.PDB_model_num              1 
_pdbx_validate_rmsd_angle.auth_atom_id_1             CB 
_pdbx_validate_rmsd_angle.auth_asym_id_1             A 
_pdbx_validate_rmsd_angle.auth_comp_id_1             LEU 
_pdbx_validate_rmsd_angle.auth_seq_id_1              29 
_pdbx_validate_rmsd_angle.PDB_ins_code_1             ? 
_pdbx_validate_rmsd_angle.label_alt_id_1             ? 
_pdbx_validate_rmsd_angle.auth_atom_id_2             CG 
_pdbx_validate_rmsd_angle.auth_asym_id_2             A 
_pdbx_validate_rmsd_angle.auth_comp_id_2             LEU 
_pdbx_validate_rmsd_angle.auth_seq_id_2              29 
_pdbx_validate_rmsd_angle.PDB_ins_code_2             ? 
_pdbx_validate_rmsd_angle.label_alt_id_2             ? 
_pdbx_validate_rmsd_angle.auth_atom_id_3             CD2 
_pdbx_validate_rmsd_angle.auth_asym_id_3             A 
_pdbx_validate_rmsd_angle.auth_comp_id_3             LEU 
_pdbx_validate_rmsd_angle.auth_seq_id_3              29 
_pdbx_validate_rmsd_angle.PDB_ins_code_3             ? 
_pdbx_validate_rmsd_angle.label_alt_id_3             ? 
_pdbx_validate_rmsd_angle.angle_value                121.53 
_pdbx_validate_rmsd_angle.angle_target_value         111.00 
_pdbx_validate_rmsd_angle.angle_deviation            10.53 
_pdbx_validate_rmsd_angle.angle_standard_deviation   1.70 
_pdbx_validate_rmsd_angle.linker_flag                N 
# 
_pdbx_validate_torsion.id              1 
_pdbx_validate_torsion.PDB_model_num   1 
_pdbx_validate_torsion.auth_comp_id    ARG 
_pdbx_validate_torsion.auth_asym_id    A 
_pdbx_validate_torsion.auth_seq_id     43 
_pdbx_validate_torsion.PDB_ins_code    ? 
_pdbx_validate_torsion.label_alt_id    ? 
_pdbx_validate_torsion.phi             -64.77 
_pdbx_validate_torsion.psi             10.90 
# 
loop_
_chem_comp_atom.comp_id 
_chem_comp_atom.atom_id 
_chem_comp_atom.type_symbol 
_chem_comp_atom.pdbx_aromatic_flag 
_chem_comp_atom.pdbx_stereo_config 
_chem_comp_atom.pdbx_ordinal 
ACE C    C  N N 1   
ACE O    O  N N 2   
ACE CH3  C  N N 3   
ACE H    H  N N 4   
ACE H1   H  N N 5   
ACE H2   H  N N 6   
ACE H3   H  N N 7   
ALA N    N  N N 8   
ALA CA   C  N S 9   
ALA C    C  N N 10  
ALA O    O  N N 11  
ALA CB   C  N N 12  
ALA OXT  O  N N 13  
ALA H    H  N N 14  
ALA H2   H  N N 15  
ALA HA   H  N N 16  
ALA HB1  H  N N 17  
ALA HB2  H  N N 18  
ALA HB3  H  N N 19  
ALA HXT  H  N N 20  
ARG N    N  N N 21  
ARG CA   C  N S 22  
ARG C    C  N N 23  
ARG O    O  N N 24  
ARG CB   C  N N 25  
ARG CG   C  N N 26  
ARG CD   C  N N 27  
ARG NE   N  N N 28  
ARG CZ   C  N N 29  
ARG NH1  N  N N 30  
ARG NH2  N  N N 31  
ARG OXT  O  N N 32  
ARG H    H  N N 33  
ARG H2   H  N N 34  
ARG HA   H  N N 35  
ARG HB2  H  N N 36  
ARG HB3  H  N N 37  
ARG HG2  H  N N 38  
ARG HG3  H  N N 39  
ARG HD2  H  N N 40  
ARG HD3  H  N N 41  
ARG HE   H  N N 42  
ARG HH11 H  N N 43  
ARG HH12 H  N N 44  
ARG HH21 H  N N 45  
ARG HH22 H  N N 46  
ARG HXT  H  N N 47  
ASN N    N  N N 48  
ASN CA   C  N S 49  
ASN C    C  N N 50  
ASN O    O  N N 51  
ASN CB   C  N N 52  
ASN CG   C  N N 53  
ASN OD1  O  N N 54  
ASN ND2  N  N N 55  
ASN OXT  O  N N 56  
ASN H    H  N N 57  
ASN H2   H  N N 58  
ASN HA   H  N N 59  
ASN HB2  H  N N 60  
ASN HB3  H  N N 61  
ASN HD21 H  N N 62  
ASN HD22 H  N N 63  
ASN HXT  H  N N 64  
ASP N    N  N N 65  
ASP CA   C  N S 66  
ASP C    C  N N 67  
ASP O    O  N N 68  
ASP CB   C  N N 69  
ASP CG   C  N N 70  
ASP OD1  O  N N 71  
ASP OD2  O  N N 72  
ASP OXT  O  N N 73  
ASP H    H  N N 74  
ASP H2   H  N N 75  
ASP HA   H  N N 76  
ASP HB2  H  N N 77  
ASP HB3  H  N N 78  
ASP HD2  H  N N 79  
ASP HXT  H  N N 80  
CL  CL   CL N N 81  
GLN N    N  N N 82  
GLN CA   C  N S 83  
GLN C    C  N N 84  
GLN O    O  N N 85  
GLN CB   C  N N 86  
GLN CG   C  N N 87  
GLN CD   C  N N 88  
GLN OE1  O  N N 89  
GLN NE2  N  N N 90  
GLN OXT  O  N N 91  
GLN H    H  N N 92  
GLN H2   H  N N 93  
GLN HA   H  N N 94  
GLN HB2  H  N N 95  
GLN HB3  H  N N 96  
GLN HG2  H  N N 97  
GLN HG3  H  N N 98  
GLN HE21 H  N N 99  
GLN HE22 H  N N 100 
GLN HXT  H  N N 101 
GLU N    N  N N 102 
GLU CA   C  N S 103 
GLU C    C  N N 104 
GLU O    O  N N 105 
GLU CB   C  N N 106 
GLU CG   C  N N 107 
GLU CD   C  N N 108 
GLU OE1  O  N N 109 
GLU OE2  O  N N 110 
GLU OXT  O  N N 111 
GLU H    H  N N 112 
GLU H2   H  N N 113 
GLU HA   H  N N 114 
GLU HB2  H  N N 115 
GLU HB3  H  N N 116 
GLU HG2  H  N N 117 
GLU HG3  H  N N 118 
GLU HE2  H  N N 119 
GLU HXT  H  N N 120 
GLY N    N  N N 121 
GLY CA   C  N N 122 
GLY C    C  N N 123 
GLY O    O  N N 124 
GLY OXT  O  N N 125 
GLY H    H  N N 126 
GLY H2   H  N N 127 
GLY HA2  H  N N 128 
GLY HA3  H  N N 129 
GLY HXT  H  N N 130 
HOH O    O  N N 131 
HOH H1   H  N N 132 
HOH H2   H  N N 133 
ILE N    N  N N 134 
ILE CA   C  N S 135 
ILE C    C  N N 136 
ILE O    O  N N 137 
ILE CB   C  N S 138 
ILE CG1  C  N N 139 
ILE CG2  C  N N 140 
ILE CD1  C  N N 141 
ILE OXT  O  N N 142 
ILE H    H  N N 143 
ILE H2   H  N N 144 
ILE HA   H  N N 145 
ILE HB   H  N N 146 
ILE HG12 H  N N 147 
ILE HG13 H  N N 148 
ILE HG21 H  N N 149 
ILE HG22 H  N N 150 
ILE HG23 H  N N 151 
ILE HD11 H  N N 152 
ILE HD12 H  N N 153 
ILE HD13 H  N N 154 
ILE HXT  H  N N 155 
LEU N    N  N N 156 
LEU CA   C  N S 157 
LEU C    C  N N 158 
LEU O    O  N N 159 
LEU CB   C  N N 160 
LEU CG   C  N N 161 
LEU CD1  C  N N 162 
LEU CD2  C  N N 163 
LEU OXT  O  N N 164 
LEU H    H  N N 165 
LEU H2   H  N N 166 
LEU HA   H  N N 167 
LEU HB2  H  N N 168 
LEU HB3  H  N N 169 
LEU HG   H  N N 170 
LEU HD11 H  N N 171 
LEU HD12 H  N N 172 
LEU HD13 H  N N 173 
LEU HD21 H  N N 174 
LEU HD22 H  N N 175 
LEU HD23 H  N N 176 
LEU HXT  H  N N 177 
LYS N    N  N N 178 
LYS CA   C  N S 179 
LYS C    C  N N 180 
LYS O    O  N N 181 
LYS CB   C  N N 182 
LYS CG   C  N N 183 
LYS CD   C  N N 184 
LYS CE   C  N N 185 
LYS NZ   N  N N 186 
LYS OXT  O  N N 187 
LYS H    H  N N 188 
LYS H2   H  N N 189 
LYS HA   H  N N 190 
LYS HB2  H  N N 191 
LYS HB3  H  N N 192 
LYS HG2  H  N N 193 
LYS HG3  H  N N 194 
LYS HD2  H  N N 195 
LYS HD3  H  N N 196 
LYS HE2  H  N N 197 
LYS HE3  H  N N 198 
LYS HZ1  H  N N 199 
LYS HZ2  H  N N 200 
LYS HZ3  H  N N 201 
LYS HXT  H  N N 202 
MET N    N  N N 203 
MET CA   C  N S 204 
MET C    C  N N 205 
MET O    O  N N 206 
MET CB   C  N N 207 
MET CG   C  N N 208 
MET SD   S  N N 209 
MET CE   C  N N 210 
MET OXT  O  N N 211 
MET H    H  N N 212 
MET H2   H  N N 213 
MET HA   H  N N 214 
MET HB2  H  N N 215 
MET HB3  H  N N 216 
MET HG2  H  N N 217 
MET HG3  H  N N 218 
MET HE1  H  N N 219 
MET HE2  H  N N 220 
MET HE3  H  N N 221 
MET HXT  H  N N 222 
SER N    N  N N 223 
SER CA   C  N S 224 
SER C    C  N N 225 
SER O    O  N N 226 
SER CB   C  N N 227 
SER OG   O  N N 228 
SER OXT  O  N N 229 
SER H    H  N N 230 
SER H2   H  N N 231 
SER HA   H  N N 232 
SER HB2  H  N N 233 
SER HB3  H  N N 234 
SER HG   H  N N 235 
SER HXT  H  N N 236 
THR N    N  N N 237 
THR CA   C  N S 238 
THR C    C  N N 239 
THR O    O  N N 240 
THR CB   C  N R 241 
THR OG1  O  N N 242 
THR CG2  C  N N 243 
THR OXT  O  N N 244 
THR H    H  N N 245 
THR H2   H  N N 246 
THR HA   H  N N 247 
THR HB   H  N N 248 
THR HG1  H  N N 249 
THR HG21 H  N N 250 
THR HG22 H  N N 251 
THR HG23 H  N N 252 
THR HXT  H  N N 253 
TRP N    N  N N 254 
TRP CA   C  N S 255 
TRP C    C  N N 256 
TRP O    O  N N 257 
TRP CB   C  N N 258 
TRP CG   C  Y N 259 
TRP CD1  C  Y N 260 
TRP CD2  C  Y N 261 
TRP NE1  N  Y N 262 
TRP CE2  C  Y N 263 
TRP CE3  C  Y N 264 
TRP CZ2  C  Y N 265 
TRP CZ3  C  Y N 266 
TRP CH2  C  Y N 267 
TRP OXT  O  N N 268 
TRP H    H  N N 269 
TRP H2   H  N N 270 
TRP HA   H  N N 271 
TRP HB2  H  N N 272 
TRP HB3  H  N N 273 
TRP HD1  H  N N 274 
TRP HE1  H  N N 275 
TRP HE3  H  N N 276 
TRP HZ2  H  N N 277 
TRP HZ3  H  N N 278 
TRP HH2  H  N N 279 
TRP HXT  H  N N 280 
VAL N    N  N N 281 
VAL CA   C  N S 282 
VAL C    C  N N 283 
VAL O    O  N N 284 
VAL CB   C  N N 285 
VAL CG1  C  N N 286 
VAL CG2  C  N N 287 
VAL OXT  O  N N 288 
VAL H    H  N N 289 
VAL H2   H  N N 290 
VAL HA   H  N N 291 
VAL HB   H  N N 292 
VAL HG11 H  N N 293 
VAL HG12 H  N N 294 
VAL HG13 H  N N 295 
VAL HG21 H  N N 296 
VAL HG22 H  N N 297 
VAL HG23 H  N N 298 
VAL HXT  H  N N 299 
# 
loop_
_chem_comp_bond.comp_id 
_chem_comp_bond.atom_id_1 
_chem_comp_bond.atom_id_2 
_chem_comp_bond.value_order 
_chem_comp_bond.pdbx_aromatic_flag 
_chem_comp_bond.pdbx_stereo_config 
_chem_comp_bond.pdbx_ordinal 
ACE C   O    doub N N 1   
ACE C   CH3  sing N N 2   
ACE C   H    sing N N 3   
ACE CH3 H1   sing N N 4   
ACE CH3 H2   sing N N 5   
ACE CH3 H3   sing N N 6   
ALA N   CA   sing N N 7   
ALA N   H    sing N N 8   
ALA N   H2   sing N N 9   
ALA CA  C    sing N N 10  
ALA CA  CB   sing N N 11  
ALA CA  HA   sing N N 12  
ALA C   O    doub N N 13  
ALA C   OXT  sing N N 14  
ALA CB  HB1  sing N N 15  
ALA CB  HB2  sing N N 16  
ALA CB  HB3  sing N N 17  
ALA OXT HXT  sing N N 18  
ARG N   CA   sing N N 19  
ARG N   H    sing N N 20  
ARG N   H2   sing N N 21  
ARG CA  C    sing N N 22  
ARG CA  CB   sing N N 23  
ARG CA  HA   sing N N 24  
ARG C   O    doub N N 25  
ARG C   OXT  sing N N 26  
ARG CB  CG   sing N N 27  
ARG CB  HB2  sing N N 28  
ARG CB  HB3  sing N N 29  
ARG CG  CD   sing N N 30  
ARG CG  HG2  sing N N 31  
ARG CG  HG3  sing N N 32  
ARG CD  NE   sing N N 33  
ARG CD  HD2  sing N N 34  
ARG CD  HD3  sing N N 35  
ARG NE  CZ   sing N N 36  
ARG NE  HE   sing N N 37  
ARG CZ  NH1  sing N N 38  
ARG CZ  NH2  doub N N 39  
ARG NH1 HH11 sing N N 40  
ARG NH1 HH12 sing N N 41  
ARG NH2 HH21 sing N N 42  
ARG NH2 HH22 sing N N 43  
ARG OXT HXT  sing N N 44  
ASN N   CA   sing N N 45  
ASN N   H    sing N N 46  
ASN N   H2   sing N N 47  
ASN CA  C    sing N N 48  
ASN CA  CB   sing N N 49  
ASN CA  HA   sing N N 50  
ASN C   O    doub N N 51  
ASN C   OXT  sing N N 52  
ASN CB  CG   sing N N 53  
ASN CB  HB2  sing N N 54  
ASN CB  HB3  sing N N 55  
ASN CG  OD1  doub N N 56  
ASN CG  ND2  sing N N 57  
ASN ND2 HD21 sing N N 58  
ASN ND2 HD22 sing N N 59  
ASN OXT HXT  sing N N 60  
ASP N   CA   sing N N 61  
ASP N   H    sing N N 62  
ASP N   H2   sing N N 63  
ASP CA  C    sing N N 64  
ASP CA  CB   sing N N 65  
ASP CA  HA   sing N N 66  
ASP C   O    doub N N 67  
ASP C   OXT  sing N N 68  
ASP CB  CG   sing N N 69  
ASP CB  HB2  sing N N 70  
ASP CB  HB3  sing N N 71  
ASP CG  OD1  doub N N 72  
ASP CG  OD2  sing N N 73  
ASP OD2 HD2  sing N N 74  
ASP OXT HXT  sing N N 75  
GLN N   CA   sing N N 76  
GLN N   H    sing N N 77  
GLN N   H2   sing N N 78  
GLN CA  C    sing N N 79  
GLN CA  CB   sing N N 80  
GLN CA  HA   sing N N 81  
GLN C   O    doub N N 82  
GLN C   OXT  sing N N 83  
GLN CB  CG   sing N N 84  
GLN CB  HB2  sing N N 85  
GLN CB  HB3  sing N N 86  
GLN CG  CD   sing N N 87  
GLN CG  HG2  sing N N 88  
GLN CG  HG3  sing N N 89  
GLN CD  OE1  doub N N 90  
GLN CD  NE2  sing N N 91  
GLN NE2 HE21 sing N N 92  
GLN NE2 HE22 sing N N 93  
GLN OXT HXT  sing N N 94  
GLU N   CA   sing N N 95  
GLU N   H    sing N N 96  
GLU N   H2   sing N N 97  
GLU CA  C    sing N N 98  
GLU CA  CB   sing N N 99  
GLU CA  HA   sing N N 100 
GLU C   O    doub N N 101 
GLU C   OXT  sing N N 102 
GLU CB  CG   sing N N 103 
GLU CB  HB2  sing N N 104 
GLU CB  HB3  sing N N 105 
GLU CG  CD   sing N N 106 
GLU CG  HG2  sing N N 107 
GLU CG  HG3  sing N N 108 
GLU CD  OE1  doub N N 109 
GLU CD  OE2  sing N N 110 
GLU OE2 HE2  sing N N 111 
GLU OXT HXT  sing N N 112 
GLY N   CA   sing N N 113 
GLY N   H    sing N N 114 
GLY N   H2   sing N N 115 
GLY CA  C    sing N N 116 
GLY CA  HA2  sing N N 117 
GLY CA  HA3  sing N N 118 
GLY C   O    doub N N 119 
GLY C   OXT  sing N N 120 
GLY OXT HXT  sing N N 121 
HOH O   H1   sing N N 122 
HOH O   H2   sing N N 123 
ILE N   CA   sing N N 124 
ILE N   H    sing N N 125 
ILE N   H2   sing N N 126 
ILE CA  C    sing N N 127 
ILE CA  CB   sing N N 128 
ILE CA  HA   sing N N 129 
ILE C   O    doub N N 130 
ILE C   OXT  sing N N 131 
ILE CB  CG1  sing N N 132 
ILE CB  CG2  sing N N 133 
ILE CB  HB   sing N N 134 
ILE CG1 CD1  sing N N 135 
ILE CG1 HG12 sing N N 136 
ILE CG1 HG13 sing N N 137 
ILE CG2 HG21 sing N N 138 
ILE CG2 HG22 sing N N 139 
ILE CG2 HG23 sing N N 140 
ILE CD1 HD11 sing N N 141 
ILE CD1 HD12 sing N N 142 
ILE CD1 HD13 sing N N 143 
ILE OXT HXT  sing N N 144 
LEU N   CA   sing N N 145 
LEU N   H    sing N N 146 
LEU N   H2   sing N N 147 
LEU CA  C    sing N N 148 
LEU CA  CB   sing N N 149 
LEU CA  HA   sing N N 150 
LEU C   O    doub N N 151 
LEU C   OXT  sing N N 152 
LEU CB  CG   sing N N 153 
LEU CB  HB2  sing N N 154 
LEU CB  HB3  sing N N 155 
LEU CG  CD1  sing N N 156 
LEU CG  CD2  sing N N 157 
LEU CG  HG   sing N N 158 
LEU CD1 HD11 sing N N 159 
LEU CD1 HD12 sing N N 160 
LEU CD1 HD13 sing N N 161 
LEU CD2 HD21 sing N N 162 
LEU CD2 HD22 sing N N 163 
LEU CD2 HD23 sing N N 164 
LEU OXT HXT  sing N N 165 
LYS N   CA   sing N N 166 
LYS N   H    sing N N 167 
LYS N   H2   sing N N 168 
LYS CA  C    sing N N 169 
LYS CA  CB   sing N N 170 
LYS CA  HA   sing N N 171 
LYS C   O    doub N N 172 
LYS C   OXT  sing N N 173 
LYS CB  CG   sing N N 174 
LYS CB  HB2  sing N N 175 
LYS CB  HB3  sing N N 176 
LYS CG  CD   sing N N 177 
LYS CG  HG2  sing N N 178 
LYS CG  HG3  sing N N 179 
LYS CD  CE   sing N N 180 
LYS CD  HD2  sing N N 181 
LYS CD  HD3  sing N N 182 
LYS CE  NZ   sing N N 183 
LYS CE  HE2  sing N N 184 
LYS CE  HE3  sing N N 185 
LYS NZ  HZ1  sing N N 186 
LYS NZ  HZ2  sing N N 187 
LYS NZ  HZ3  sing N N 188 
LYS OXT HXT  sing N N 189 
MET N   CA   sing N N 190 
MET N   H    sing N N 191 
MET N   H2   sing N N 192 
MET CA  C    sing N N 193 
MET CA  CB   sing N N 194 
MET CA  HA   sing N N 195 
MET C   O    doub N N 196 
MET C   OXT  sing N N 197 
MET CB  CG   sing N N 198 
MET CB  HB2  sing N N 199 
MET CB  HB3  sing N N 200 
MET CG  SD   sing N N 201 
MET CG  HG2  sing N N 202 
MET CG  HG3  sing N N 203 
MET SD  CE   sing N N 204 
MET CE  HE1  sing N N 205 
MET CE  HE2  sing N N 206 
MET CE  HE3  sing N N 207 
MET OXT HXT  sing N N 208 
SER N   CA   sing N N 209 
SER N   H    sing N N 210 
SER N   H2   sing N N 211 
SER CA  C    sing N N 212 
SER CA  CB   sing N N 213 
SER CA  HA   sing N N 214 
SER C   O    doub N N 215 
SER C   OXT  sing N N 216 
SER CB  OG   sing N N 217 
SER CB  HB2  sing N N 218 
SER CB  HB3  sing N N 219 
SER OG  HG   sing N N 220 
SER OXT HXT  sing N N 221 
THR N   CA   sing N N 222 
THR N   H    sing N N 223 
THR N   H2   sing N N 224 
THR CA  C    sing N N 225 
THR CA  CB   sing N N 226 
THR CA  HA   sing N N 227 
THR C   O    doub N N 228 
THR C   OXT  sing N N 229 
THR CB  OG1  sing N N 230 
THR CB  CG2  sing N N 231 
THR CB  HB   sing N N 232 
THR OG1 HG1  sing N N 233 
THR CG2 HG21 sing N N 234 
THR CG2 HG22 sing N N 235 
THR CG2 HG23 sing N N 236 
THR OXT HXT  sing N N 237 
TRP N   CA   sing N N 238 
TRP N   H    sing N N 239 
TRP N   H2   sing N N 240 
TRP CA  C    sing N N 241 
TRP CA  CB   sing N N 242 
TRP CA  HA   sing N N 243 
TRP C   O    doub N N 244 
TRP C   OXT  sing N N 245 
TRP CB  CG   sing N N 246 
TRP CB  HB2  sing N N 247 
TRP CB  HB3  sing N N 248 
TRP CG  CD1  doub Y N 249 
TRP CG  CD2  sing Y N 250 
TRP CD1 NE1  sing Y N 251 
TRP CD1 HD1  sing N N 252 
TRP CD2 CE2  doub Y N 253 
TRP CD2 CE3  sing Y N 254 
TRP NE1 CE2  sing Y N 255 
TRP NE1 HE1  sing N N 256 
TRP CE2 CZ2  sing Y N 257 
TRP CE3 CZ3  doub Y N 258 
TRP CE3 HE3  sing N N 259 
TRP CZ2 CH2  doub Y N 260 
TRP CZ2 HZ2  sing N N 261 
TRP CZ3 CH2  sing Y N 262 
TRP CZ3 HZ3  sing N N 263 
TRP CH2 HH2  sing N N 264 
TRP OXT HXT  sing N N 265 
VAL N   CA   sing N N 266 
VAL N   H    sing N N 267 
VAL N   H2   sing N N 268 
VAL CA  C    sing N N 269 
VAL CA  CB   sing N N 270 
VAL CA  HA   sing N N 271 
VAL C   O    doub N N 272 
VAL C   OXT  sing N N 273 
VAL CB  CG1  sing N N 274 
VAL CB  CG2  sing N N 275 
VAL CB  HB   sing N N 276 
VAL CG1 HG11 sing N N 277 
VAL CG1 HG12 sing N N 278 
VAL CG1 HG13 sing N N 279 
VAL CG2 HG21 sing N N 280 
VAL CG2 HG22 sing N N 281 
VAL CG2 HG23 sing N N 282 
VAL OXT HXT  sing N N 283 
# 
_pdbx_initial_refinement_model.id               1 
_pdbx_initial_refinement_model.entity_id_list   ? 
_pdbx_initial_refinement_model.type             'experimental model' 
_pdbx_initial_refinement_model.source_name      PDB 
_pdbx_initial_refinement_model.accession_code   1CZQ 
_pdbx_initial_refinement_model.details          'pdb entry 1CZQ' 
# 
_atom_sites.entry_id                    2Q5U 
_atom_sites.fract_transf_matrix[1][1]   0.02180494 
_atom_sites.fract_transf_matrix[1][2]   0.00269250 
_atom_sites.fract_transf_matrix[1][3]   -0.00014084 
_atom_sites.fract_transf_matrix[2][1]   -0.00149882 
_atom_sites.fract_transf_matrix[2][2]   0.01122033 
_atom_sites.fract_transf_matrix[2][3]   -0.01754396 
_atom_sites.fract_transf_matrix[3][1]   -0.00073133 
_atom_sites.fract_transf_matrix[3][2]   0.00613101 
_atom_sites.fract_transf_matrix[3][3]   0.00398359 
_atom_sites.fract_transf_vector[1]      0.246113 
_atom_sites.fract_transf_vector[2]      0.245717 
_atom_sites.fract_transf_vector[3]      0.401607 
# 
loop_
_atom_type.symbol 
C  
CL 
N  
O  
S  
# 
loop_
_atom_site.group_PDB 
_atom_site.id 
_atom_site.type_symbol 
_atom_site.label_atom_id 
_atom_site.label_alt_id 
_atom_site.label_comp_id 
_atom_site.label_asym_id 
_atom_site.label_entity_id 
_atom_site.label_seq_id 
_atom_site.pdbx_PDB_ins_code 
_atom_site.Cartn_x 
_atom_site.Cartn_y 
_atom_site.Cartn_z 
_atom_site.occupancy 
_atom_site.B_iso_or_equiv 
_atom_site.pdbx_formal_charge 
_atom_site.auth_seq_id 
_atom_site.auth_comp_id 
_atom_site.auth_asym_id 
_atom_site.auth_atom_id 
_atom_site.pdbx_PDB_model_num 
HETATM 1    C  C   . ACE A 1 1  ? 0.823   31.512  10.568  1.00 21.33  ? 0   ACE A C   1 
HETATM 2    O  O   . ACE A 1 1  ? 0.751   30.543  9.828   1.00 21.22  ? 0   ACE A O   1 
HETATM 3    C  CH3 . ACE A 1 1  ? 0.553   32.916  10.099  1.00 21.96  ? 0   ACE A CH3 1 
ATOM   4    N  N   . ARG A 1 2  ? 1.219   31.351  11.810  1.00 20.25  ? 1   ARG A N   1 
ATOM   5    C  CA  . ARG A 1 2  ? 1.557   30.022  12.325  1.00 18.88  ? 1   ARG A CA  1 
ATOM   6    C  C   . ARG A 1 2  ? 0.377   29.013  12.260  1.00 19.19  ? 1   ARG A C   1 
ATOM   7    O  O   . ARG A 1 2  ? 0.562   27.824  11.862  1.00 17.29  ? 1   ARG A O   1 
ATOM   8    C  CB  . ARG A 1 2  ? 2.044   30.158  13.746  1.00 20.32  ? 1   ARG A CB  1 
ATOM   9    C  CG  . ARG A 1 2  ? 2.371   28.873  14.375  1.00 20.00  ? 1   ARG A CG  1 
ATOM   10   C  CD  . ARG A 1 2  ? 3.020   29.203  15.725  1.00 22.49  ? 1   ARG A CD  1 
ATOM   11   N  NE  . ARG A 1 2  ? 3.660   28.038  16.267  1.00 19.57  ? 1   ARG A NE  1 
ATOM   12   C  CZ  . ARG A 1 2  ? 4.105   27.923  17.508  1.00 19.63  ? 1   ARG A CZ  1 
ATOM   13   N  NH1 . ARG A 1 2  ? 3.904   28.942  18.358  1.00 21.27  ? 1   ARG A NH1 1 
ATOM   14   N  NH2 . ARG A 1 2  ? 4.689   26.811  17.900  1.00 20.16  ? 1   ARG A NH2 1 
ATOM   15   N  N   . MET A 1 3  ? -0.804  29.418  12.706  1.00 17.03  ? 2   MET A N   1 
ATOM   16   C  CA  . MET A 1 3  ? -1.982  28.561  12.648  1.00 16.75  ? 2   MET A CA  1 
ATOM   17   C  C   . MET A 1 3  ? -2.393  28.196  11.232  1.00 16.08  ? 2   MET A C   1 
ATOM   18   O  O   . MET A 1 3  ? -2.734  27.040  10.979  1.00 15.58  ? 2   MET A O   1 
ATOM   19   C  CB  . MET A 1 3  ? -3.146  29.206  13.411  1.00 16.65  ? 2   MET A CB  1 
ATOM   20   C  CG  . MET A 1 3  ? -2.898  29.166  14.878  1.00 17.23  ? 2   MET A CG  1 
ATOM   21   S  SD  . MET A 1 3  ? -4.300  29.890  15.786  1.00 21.39  ? 2   MET A SD  1 
ATOM   22   C  CE  . MET A 1 3  ? -4.140  31.640  15.401  1.00 23.19  ? 2   MET A CE  1 
ATOM   23   N  N   . LYS A 1 4  ? -2.367  29.159  10.313  1.00 15.93  ? 3   LYS A N   1 
ATOM   24   C  CA  . LYS A 1 4  ? -2.701  28.879  8.908   1.00 15.66  ? 3   LYS A CA  1 
ATOM   25   C  C   . LYS A 1 4  ? -1.666  27.925  8.341   1.00 16.42  ? 3   LYS A C   1 
ATOM   26   O  O   . LYS A 1 4  ? -2.052  27.048  7.560   1.00 15.59  ? 3   LYS A O   1 
ATOM   27   C  CB  . LYS A 1 4  ? -2.771  30.204  8.126   1.00 16.98  ? 3   LYS A CB  1 
ATOM   28   C  CG  . LYS A 1 4  ? -2.920  30.088  6.599   1.00 19.85  ? 3   LYS A CG  1 
ATOM   29   C  CD  . LYS A 1 4  ? -4.142  29.356  6.213   1.00 20.54  ? 3   LYS A CD  1 
ATOM   30   C  CE  . LYS A 1 4  ? -4.584  29.701  4.768   1.00 25.60  ? 3   LYS A CE  1 
ATOM   31   N  NZ  . LYS A 1 4  ? -3.566  29.374  3.728   1.00 26.04  ? 3   LYS A NZ  1 
ATOM   32   N  N   . GLN A 1 5  ? -0.389  28.052  8.673   1.00 16.57  ? 4   GLN A N   1 
ATOM   33   C  CA  . GLN A 1 5  ? 0.625   27.080  8.196   1.00 17.35  ? 4   GLN A CA  1 
ATOM   34   C  C   . GLN A 1 5  ? 0.255   25.688  8.664   1.00 16.70  ? 4   GLN A C   1 
ATOM   35   O  O   . GLN A 1 5  ? 0.345   24.741  7.891   1.00 16.87  ? 4   GLN A O   1 
ATOM   36   C  CB  . GLN A 1 5  ? 2.027   27.427  8.668   1.00 19.12  ? 4   GLN A CB  1 
ATOM   37   C  CG  . GLN A 1 5  ? 3.089   26.467  8.141   1.00 25.77  ? 4   GLN A CG  1 
ATOM   38   C  CD  . GLN A 1 5  ? 4.487   26.994  8.380   1.00 32.07  ? 4   GLN A CD  1 
ATOM   39   O  OE1 . GLN A 1 5  ? 5.175   27.382  7.438   1.00 34.33  ? 4   GLN A OE1 1 
ATOM   40   N  NE2 . GLN A 1 5  ? 4.904   27.044  9.651   1.00 35.97  ? 4   GLN A NE2 1 
ATOM   41   N  N   . ILE A 1 6  ? -0.187  25.558  9.911   1.00 14.39  ? 5   ILE A N   1 
ATOM   42   C  CA  . ILE A 1 6  ? -0.556  24.245  10.445  1.00 14.69  ? 5   ILE A CA  1 
ATOM   43   C  C   . ILE A 1 6  ? -1.752  23.707  9.676   1.00 13.98  ? 5   ILE A C   1 
ATOM   44   O  O   . ILE A 1 6  ? -1.765  22.511  9.311   1.00 13.16  ? 5   ILE A O   1 
ATOM   45   C  CB  . ILE A 1 6  ? -0.854  24.384  11.947  1.00 15.37  ? 5   ILE A CB  1 
ATOM   46   C  CG1 . ILE A 1 6  ? 0.451   24.491  12.704  1.00 15.19  ? 5   ILE A CG1 1 
ATOM   47   C  CG2 . ILE A 1 6  ? -1.643  23.169  12.476  1.00 14.70  ? 5   ILE A CG2 1 
ATOM   48   C  CD1 . ILE A 1 6  ? 0.307   24.984  14.199  1.00 16.07  ? 5   ILE A CD1 1 
ATOM   49   N  N   . GLU A 1 7  ? -2.777  24.504  9.450   1.00 13.00  ? 6   GLU A N   1 
ATOM   50   C  CA  . GLU A 1 7  ? -3.972  24.090  8.771   1.00 13.19  ? 6   GLU A CA  1 
ATOM   51   C  C   . GLU A 1 7  ? -3.662  23.682  7.333   1.00 13.38  ? 6   GLU A C   1 
ATOM   52   O  O   . GLU A 1 7  ? -4.232  22.675  6.864   1.00 15.18  ? 6   GLU A O   1 
ATOM   53   C  CB  . GLU A 1 7  ? -4.985  25.285  8.771   1.00 14.89  ? 6   GLU A CB  1 
ATOM   54   C  CG  . GLU A 1 7  ? -5.542  25.486  10.145  1.00 16.49  ? 6   GLU A CG  1 
ATOM   55   C  CD  . GLU A 1 7  ? -6.332  26.799  10.328  1.00 16.86  ? 6   GLU A CD  1 
ATOM   56   O  OE1 . GLU A 1 7  ? -6.152  27.743  9.494   1.00 21.14  ? 6   GLU A OE1 1 
ATOM   57   O  OE2 . GLU A 1 7  ? -7.081  26.849  11.325  1.00 17.90  ? 6   GLU A OE2 1 
ATOM   58   N  N   . ASP A 1 8  ? -2.821  24.460  6.643   1.00 14.47  ? 7   ASP A N   1 
ATOM   59   C  CA  . ASP A 1 8  ? -2.421  24.093  5.261   1.00 14.80  ? 7   ASP A CA  1 
ATOM   60   C  C   . ASP A 1 8  ? -1.685  22.751  5.231   1.00 16.06  ? 7   ASP A C   1 
ATOM   61   O  O   . ASP A 1 8  ? -1.935  21.946  4.309   1.00 15.45  ? 7   ASP A O   1 
ATOM   62   C  CB  . ASP A 1 8  ? -1.517  25.174  4.658   1.00 15.91  ? 7   ASP A CB  1 
ATOM   63   C  CG  . ASP A 1 8  ? -2.267  26.423  4.276   1.00 17.77  ? 7   ASP A CG  1 
ATOM   64   O  OD1 . ASP A 1 8  ? -3.513  26.442  4.207   1.00 18.22  ? 7   ASP A OD1 1 
ATOM   65   O  OD2 . ASP A 1 8  ? -1.521  27.419  4.050   1.00 23.55  ? 7   ASP A OD2 1 
ATOM   66   N  N   . LYS A 1 9  ? -0.801  22.501  6.184   1.00 15.86  ? 8   LYS A N   1 
ATOM   67   C  CA  . LYS A 1 9  ? -0.078  21.226  6.256   1.00 15.58  ? 8   LYS A CA  1 
ATOM   68   C  C   . LYS A 1 9  ? -1.028  20.088  6.520   1.00 16.04  ? 8   LYS A C   1 
ATOM   69   O  O   . LYS A 1 9  ? -0.885  19.003  5.926   1.00 16.25  ? 8   LYS A O   1 
ATOM   70   C  CB  . LYS A 1 9  ? 1.068   21.244  7.263   1.00 17.22  ? 8   LYS A CB  1 
ATOM   71   C  CG  . LYS A 1 9  ? 1.767   19.907  7.384   1.00 19.21  ? 8   LYS A CG  1 
ATOM   72   C  CD  . LYS A 1 9  ? 2.509   19.454  6.129   1.00 26.31  ? 8   LYS A CD  1 
ATOM   73   C  CE  . LYS A 1 9  ? 3.837   20.187  6.032   1.00 27.94  ? 8   LYS A CE  1 
ATOM   74   N  NZ  . LYS A 1 9  ? 4.607   19.761  4.822   1.00 32.73  ? 8   LYS A NZ  1 
ATOM   75   N  N   . ILE A 1 10 ? -1.958  20.265  7.433   1.00 14.21  ? 9   ILE A N   1 
ATOM   76   C  CA  A ILE A 1 10 ? -3.007  19.255  7.681   0.50 14.50  ? 9   ILE A CA  1 
ATOM   77   C  CA  B ILE A 1 10 ? -2.925  19.219  7.695   0.50 14.02  ? 9   ILE A CA  1 
ATOM   78   C  C   . ILE A 1 10 ? -3.756  18.910  6.417   1.00 15.21  ? 9   ILE A C   1 
ATOM   79   O  O   . ILE A 1 10 ? -3.991  17.758  6.118   1.00 14.14  ? 9   ILE A O   1 
ATOM   80   C  CB  A ILE A 1 10 ? -3.999  19.720  8.783   0.50 14.86  ? 9   ILE A CB  1 
ATOM   81   C  CB  B ILE A 1 10 ? -3.706  19.527  9.030   0.50 13.45  ? 9   ILE A CB  1 
ATOM   82   C  CG1 A ILE A 1 10 ? -3.356  19.474  10.130  0.50 13.96  ? 9   ILE A CG1 1 
ATOM   83   C  CG1 B ILE A 1 10 ? -2.755  19.364  10.216  0.50 13.39  ? 9   ILE A CG1 1 
ATOM   84   C  CG2 A ILE A 1 10 ? -5.360  18.986  8.705   0.50 15.62  ? 9   ILE A CG2 1 
ATOM   85   C  CG2 B ILE A 1 10 ? -4.937  18.653  9.183   0.50 13.91  ? 9   ILE A CG2 1 
ATOM   86   C  CD1 A ILE A 1 10 ? -4.118  20.078  11.255  0.50 17.62  ? 9   ILE A CD1 1 
ATOM   87   C  CD1 B ILE A 1 10 ? -2.520  17.926  10.678  0.50 11.32  ? 9   ILE A CD1 1 
ATOM   88   N  N   . GLU A 1 11 ? -4.150  19.917  5.645   1.00 15.30  ? 10  GLU A N   1 
ATOM   89   C  CA  . GLU A 1 11 ? -4.906  19.744  4.425   1.00 16.03  ? 10  GLU A CA  1 
ATOM   90   C  C   . GLU A 1 11 ? -4.043  18.954  3.459   1.00 15.02  ? 10  GLU A C   1 
ATOM   91   O  O   . GLU A 1 11 ? -4.565  18.017  2.784   1.00 15.16  ? 10  GLU A O   1 
ATOM   92   C  CB  . GLU A 1 11 ? -5.209  21.138  3.881   1.00 18.50  ? 10  GLU A CB  1 
ATOM   93   C  CG  . GLU A 1 11 ? -6.074  21.179  2.648   1.00 20.88  ? 10  GLU A CG  1 
ATOM   94   C  CD  . GLU A 1 11 ? -6.459  22.604  2.250   1.00 20.74  ? 10  GLU A CD  1 
ATOM   95   O  OE1 . GLU A 1 11 ? -5.562  23.472  2.233   1.00 26.45  ? 10  GLU A OE1 1 
ATOM   96   O  OE2 . GLU A 1 11 ? -7.651  22.833  1.958   1.00 25.80  ? 10  GLU A OE2 1 
ATOM   97   N  N   . GLU A 1 12 ? -2.760  19.262  3.413   1.00 15.16  ? 11  GLU A N   1 
ATOM   98   C  CA  . GLU A 1 12 ? -1.848  18.539  2.494   1.00 15.75  ? 11  GLU A CA  1 
ATOM   99   C  C   . GLU A 1 12 ? -1.753  17.060  2.902   1.00 15.49  ? 11  GLU A C   1 
ATOM   100  O  O   . GLU A 1 12 ? -1.823  16.165  2.054   1.00 15.21  ? 11  GLU A O   1 
ATOM   101  C  CB  . GLU A 1 12 ? -0.474  19.203  2.459   1.00 16.82  ? 11  GLU A CB  1 
ATOM   102  C  CG  . GLU A 1 12 ? -0.437  20.560  1.644   1.00 24.66  ? 11  GLU A CG  1 
ATOM   103  C  CD  . GLU A 1 12 ? -0.928  20.448  0.196   1.00 32.99  ? 11  GLU A CD  1 
ATOM   104  O  OE1 . GLU A 1 12 ? -0.145  19.986  -0.668  1.00 38.21  ? 11  GLU A OE1 1 
ATOM   105  O  OE2 . GLU A 1 12 ? -2.082  20.852  -0.090  1.00 37.05  ? 11  GLU A OE2 1 
ATOM   106  N  N   . ILE A 1 13 ? -1.666  16.800  4.197   1.00 13.74  ? 12  ILE A N   1 
ATOM   107  C  CA  . ILE A 1 13 ? -1.572  15.428  4.722   1.00 12.99  ? 12  ILE A CA  1 
ATOM   108  C  C   . ILE A 1 13 ? -2.850  14.700  4.425   1.00 13.55  ? 12  ILE A C   1 
ATOM   109  O  O   . ILE A 1 13 ? -2.823  13.507  3.988   1.00 13.48  ? 12  ILE A O   1 
ATOM   110  C  CB  . ILE A 1 13 ? -1.299  15.454  6.254   1.00 13.65  ? 12  ILE A CB  1 
ATOM   111  C  CG1 . ILE A 1 13 ? 0.155   15.835  6.485   1.00 15.47  ? 12  ILE A CG1 1 
ATOM   112  C  CG2 . ILE A 1 13 ? -1.654  14.053  6.884   1.00 15.58  ? 12  ILE A CG2 1 
ATOM   113  C  CD1 . ILE A 1 13 ? 0.479   16.400  7.887   1.00 16.85  ? 12  ILE A CD1 1 
ATOM   114  N  N   . GLU A 1 14 ? -3.998  15.324  4.622   1.00 13.15  ? 13  GLU A N   1 
ATOM   115  C  CA  . GLU A 1 14 ? -5.288  14.682  4.270   1.00 13.83  ? 13  GLU A CA  1 
ATOM   116  C  C   . GLU A 1 14 ? -5.359  14.311  2.818   1.00 15.51  ? 13  GLU A C   1 
ATOM   117  O  O   . GLU A 1 14 ? -5.795  13.217  2.475   1.00 14.66  ? 13  GLU A O   1 
ATOM   118  C  CB  . GLU A 1 14 ? -6.502  15.549  4.693   1.00 15.81  ? 13  GLU A CB  1 
ATOM   119  C  CG  . GLU A 1 14 ? -6.674  15.665  6.204   1.00 17.96  ? 13  GLU A CG  1 
ATOM   120  C  CD  . GLU A 1 14 ? -7.680  16.737  6.619   1.00 20.44  ? 13  GLU A CD  1 
ATOM   121  O  OE1 . GLU A 1 14 ? -8.240  16.595  7.720   1.00 25.79  ? 13  GLU A OE1 1 
ATOM   122  O  OE2 . GLU A 1 14 ? -7.812  17.742  5.886   1.00 25.41  ? 13  GLU A OE2 1 
ATOM   123  N  N   . SER A 1 15 ? -4.916  15.179  1.938   1.00 13.33  ? 14  SER A N   1 
ATOM   124  C  CA  . SER A 1 15 ? -4.996  14.898  0.498   1.00 15.48  ? 14  SER A CA  1 
ATOM   125  C  C   . SER A 1 15 ? -4.057  13.756  0.117   1.00 15.89  ? 14  SER A C   1 
ATOM   126  O  O   . SER A 1 15 ? -4.456  12.868  -0.673  1.00 16.31  ? 14  SER A O   1 
ATOM   127  C  CB  . SER A 1 15 ? -4.629  16.161  -0.256  1.00 16.53  ? 14  SER A CB  1 
ATOM   128  O  OG  . SER A 1 15 ? -4.753  16.007  -1.665  1.00 23.18  ? 14  SER A OG  1 
ATOM   129  N  N   . LYS A 1 16 ? -2.879  13.723  0.689   1.00 14.60  ? 15  LYS A N   1 
ATOM   130  C  CA  . LYS A 1 16 ? -1.973  12.625  0.386   1.00 14.20  ? 15  LYS A CA  1 
ATOM   131  C  C   . LYS A 1 16 ? -2.544  11.327  0.933   1.00 14.52  ? 15  LYS A C   1 
ATOM   132  O  O   . LYS A 1 16 ? -2.376  10.253  0.330   1.00 12.58  ? 15  LYS A O   1 
ATOM   133  C  CB  . LYS A 1 16 ? -0.591  12.938  0.945   1.00 14.94  ? 15  LYS A CB  1 
ATOM   134  C  CG  . LYS A 1 16 ? 0.078   14.124  0.306   1.00 21.20  ? 15  LYS A CG  1 
ATOM   135  C  CD  . LYS A 1 16 ? 1.585   14.092  0.533   1.00 29.39  ? 15  LYS A CD  1 
ATOM   136  C  CE  . LYS A 1 16 ? 2.265   13.455  -0.707  1.00 33.10  ? 15  LYS A CE  1 
ATOM   137  N  NZ  . LYS A 1 16 ? 3.737   13.207  -0.650  1.00 36.43  ? 15  LYS A NZ  1 
ATOM   138  N  N   . GLN A 1 17 ? -3.200  11.388  2.085   1.00 13.06  ? 16  GLN A N   1 
ATOM   139  C  CA  . GLN A 1 17 ? -3.764  10.172  2.656   1.00 13.66  ? 16  GLN A CA  1 
ATOM   140  C  C   . GLN A 1 17 ? -4.857  9.645   1.761   1.00 13.91  ? 16  GLN A C   1 
ATOM   141  O  O   . GLN A 1 17 ? -4.937  8.401   1.553   1.00 12.82  ? 16  GLN A O   1 
ATOM   142  C  CB  . GLN A 1 17 ? -4.310  10.482  4.045   1.00 15.25  ? 16  GLN A CB  1 
ATOM   143  C  CG  . GLN A 1 17 ? -4.578  9.259   4.870   1.00 19.27  ? 16  GLN A CG  1 
ATOM   144  C  CD  . GLN A 1 17 ? -4.953  9.605   6.271   1.00 20.82  ? 16  GLN A CD  1 
ATOM   145  O  OE1 . GLN A 1 17 ? -5.942  10.361  6.483   1.00 21.37  ? 16  GLN A OE1 1 
ATOM   146  N  NE2 . GLN A 1 17 ? -4.162  9.121   7.261   1.00 18.37  ? 16  GLN A NE2 1 
ATOM   147  N  N   . LYS A 1 18 ? -5.708  10.509  1.194   1.00 13.42  ? 17  LYS A N   1 
ATOM   148  C  CA  . LYS A 1 18 ? -6.740  10.032  0.263   1.00 13.45  ? 17  LYS A CA  1 
ATOM   149  C  C   . LYS A 1 18 ? -6.082  9.405   -0.972  1.00 13.22  ? 17  LYS A C   1 
ATOM   150  O  O   . LYS A 1 18 ? -6.556  8.344   -1.470  1.00 14.03  ? 17  LYS A O   1 
ATOM   151  C  CB  . LYS A 1 18 ? -7.662  11.173  -0.164  1.00 15.42  ? 17  LYS A CB  1 
ATOM   152  C  CG  . LYS A 1 18 ? -8.830  10.748  -1.027  1.00 18.81  ? 17  LYS A CG  1 
ATOM   153  C  CD  . LYS A 1 18 ? -9.626  9.557   -0.434  1.00 24.72  ? 17  LYS A CD  1 
ATOM   154  C  CE  . LYS A 1 18 ? -11.123 9.561   -0.772  1.00 28.78  ? 17  LYS A CE  1 
ATOM   155  N  NZ  . LYS A 1 18 ? -11.738 8.305   -0.221  1.00 34.97  ? 17  LYS A NZ  1 
ATOM   156  N  N   . LYS A 1 19 ? -4.966  9.960   -1.435  1.00 12.86  ? 18  LYS A N   1 
ATOM   157  C  CA  . LYS A 1 19 ? -4.327  9.416   -2.626  1.00 13.47  ? 18  LYS A CA  1 
ATOM   158  C  C   . LYS A 1 19 ? -3.782  8.027   -2.264  1.00 12.19  ? 18  LYS A C   1 
ATOM   159  O  O   . LYS A 1 19 ? -3.951  7.087   -3.069  1.00 13.05  ? 18  LYS A O   1 
ATOM   160  C  CB  . LYS A 1 19 ? -3.207  10.364  -3.071  1.00 14.05  ? 18  LYS A CB  1 
ATOM   161  C  CG  . LYS A 1 19 ? -2.329  9.762   -4.158  1.00 16.06  ? 18  LYS A CG  1 
ATOM   162  C  CD  . LYS A 1 19 ? -3.105  9.579   -5.436  1.00 18.28  ? 18  LYS A CD  1 
ATOM   163  C  CE  . LYS A 1 19 ? -2.198  9.323   -6.662  1.00 18.50  ? 18  LYS A CE  1 
ATOM   164  N  NZ  . LYS A 1 19 ? -3.107  8.955   -7.803  1.00 22.03  ? 18  LYS A NZ  1 
ATOM   165  N  N   . ILE A 1 20 ? -3.149  7.890   -1.105  1.00 11.57  ? 19  ILE A N   1 
ATOM   166  C  CA  . ILE A 1 20 ? -2.637  6.592   -0.625  1.00 12.08  ? 19  ILE A CA  1 
ATOM   167  C  C   . ILE A 1 20 ? -3.800  5.600   -0.583  1.00 11.93  ? 19  ILE A C   1 
ATOM   168  O  O   . ILE A 1 20 ? -3.644  4.436   -1.023  1.00 11.83  ? 19  ILE A O   1 
ATOM   169  C  CB  . ILE A 1 20 ? -1.974  6.760   0.758   1.00 12.97  ? 19  ILE A CB  1 
ATOM   170  C  CG1 . ILE A 1 20 ? -0.649  7.465   0.584   1.00 13.25  ? 19  ILE A CG1 1 
ATOM   171  C  CG2 . ILE A 1 20 ? -1.863  5.384   1.513   1.00 12.61  ? 19  ILE A CG2 1 
ATOM   172  C  CD1 . ILE A 1 20 ? -0.061  8.016   1.872   1.00 14.33  ? 19  ILE A CD1 1 
ATOM   173  N  N   . GLU A 1 21 ? -4.989  5.979   -0.105  1.00 11.31  ? 20  GLU A N   1 
ATOM   174  C  CA  . GLU A 1 21 ? -6.103  5.029   0.011   1.00 10.56  ? 20  GLU A CA  1 
ATOM   175  C  C   . GLU A 1 21 ? -6.539  4.628   -1.397  1.00 12.29  ? 20  GLU A C   1 
ATOM   176  O  O   . GLU A 1 21 ? -6.829  3.424   -1.660  1.00 12.49  ? 20  GLU A O   1 
ATOM   177  C  CB  . GLU A 1 21 ? -7.272  5.639   0.794   1.00 14.05  ? 20  GLU A CB  1 
ATOM   178  C  CG  . GLU A 1 21 ? -6.954  5.898   2.216   1.00 16.68  ? 20  GLU A CG  1 
ATOM   179  C  CD  . GLU A 1 21 ? -8.223  6.321   2.923   1.00 25.20  ? 20  GLU A CD  1 
ATOM   180  O  OE1 . GLU A 1 21 ? -9.127  5.480   3.084   1.00 27.47  ? 20  GLU A OE1 1 
ATOM   181  O  OE2 . GLU A 1 21 ? -8.318  7.504   3.276   1.00 27.26  ? 20  GLU A OE2 1 
ATOM   182  N  N   . ASN A 1 22 ? -6.547  5.560   -2.340  1.00 11.02  ? 21  ASN A N   1 
ATOM   183  C  CA  . ASN A 1 22 ? -6.908  5.190   -3.729  1.00 12.08  ? 21  ASN A CA  1 
ATOM   184  C  C   . ASN A 1 22 ? -5.879  4.256   -4.342  1.00 12.18  ? 21  ASN A C   1 
ATOM   185  O  O   . ASN A 1 22 ? -6.274  3.314   -5.085  1.00 14.82  ? 21  ASN A O   1 
ATOM   186  C  CB  . ASN A 1 22 ? -7.054  6.437   -4.596  1.00 13.29  ? 21  ASN A CB  1 
ATOM   187  C  CG  . ASN A 1 22 ? -8.219  7.281   -4.138  1.00 18.15  ? 21  ASN A CG  1 
ATOM   188  O  OD1 . ASN A 1 22 ? -9.122  6.791   -3.454  1.00 22.38  ? 21  ASN A OD1 1 
ATOM   189  N  ND2 . ASN A 1 22 ? -8.171  8.584   -4.470  1.00 19.84  ? 21  ASN A ND2 1 
ATOM   190  N  N   . GLU A 1 23 ? -4.598  4.480   -4.085  1.00 11.32  ? 22  GLU A N   1 
ATOM   191  C  CA  . GLU A 1 23 ? -3.519  3.590   -4.583  1.00 12.22  ? 22  GLU A CA  1 
ATOM   192  C  C   . GLU A 1 23 ? -3.687  2.202   -3.969  1.00 11.57  ? 22  GLU A C   1 
ATOM   193  O  O   . GLU A 1 23 ? -3.471  1.159   -4.694  1.00 12.48  ? 22  GLU A O   1 
ATOM   194  C  CB  . GLU A 1 23 ? -2.120  4.208   -4.358  1.00 14.55  ? 22  GLU A CB  1 
ATOM   195  C  CG  . GLU A 1 23 ? -1.896  5.457   -5.155  1.00 16.51  ? 22  GLU A CG  1 
ATOM   196  C  CD  . GLU A 1 23 ? -1.938  5.176   -6.676  1.00 21.52  ? 22  GLU A CD  1 
ATOM   197  O  OE1 . GLU A 1 23 ? -2.737  5.821   -7.403  1.00 25.37  ? 22  GLU A OE1 1 
ATOM   198  O  OE2 . GLU A 1 23 ? -1.182  4.278   -7.116  1.00 26.12  ? 22  GLU A OE2 1 
ATOM   199  N  N   . ILE A 1 24 ? -3.967  2.114   -2.683  1.00 10.70  ? 23  ILE A N   1 
ATOM   200  C  CA  . ILE A 1 24 ? -4.191  0.808   -2.022  1.00 10.39  ? 23  ILE A CA  1 
ATOM   201  C  C   . ILE A 1 24 ? -5.351  0.104   -2.695  1.00 11.62  ? 23  ILE A C   1 
ATOM   202  O  O   . ILE A 1 24 ? -5.234  -1.116  -2.928  1.00 12.36  ? 23  ILE A O   1 
ATOM   203  C  CB  . ILE A 1 24 ? -4.358  1.008   -0.524  1.00 11.05  ? 23  ILE A CB  1 
ATOM   204  C  CG1 . ILE A 1 24 ? -2.978  1.335   0.045   1.00 11.71  ? 23  ILE A CG1 1 
ATOM   205  C  CG2 . ILE A 1 24 ? -5.066  -0.195  0.131   1.00 14.06  ? 23  ILE A CG2 1 
ATOM   206  C  CD1 . ILE A 1 24 ? -3.092  1.764   1.449   1.00 16.03  ? 23  ILE A CD1 1 
ATOM   207  N  N   . ALA A 1 25 ? -6.434  0.778   -3.078  1.00 11.39  ? 24  ALA A N   1 
ATOM   208  C  CA  . ALA A 1 25 ? -7.570  0.094   -3.641  1.00 12.25  ? 24  ALA A CA  1 
ATOM   209  C  C   . ALA A 1 25 ? -7.181  -0.462  -4.978  1.00 13.63  ? 24  ALA A C   1 
ATOM   210  O  O   . ALA A 1 25 ? -7.570  -1.616  -5.308  1.00 14.13  ? 24  ALA A O   1 
ATOM   211  C  CB  . ALA A 1 25 ? -8.775  1.075   -3.771  1.00 13.25  ? 24  ALA A CB  1 
ATOM   212  N  N   . ARG A 1 26 ? -6.394  0.277   -5.749  1.00 13.72  ? 25  ARG A N   1 
ATOM   213  C  CA  . ARG A 1 26 ? -5.982  -0.176  -7.073  1.00 14.33  ? 25  ARG A CA  1 
ATOM   214  C  C   . ARG A 1 26 ? -5.046  -1.422  -6.908  1.00 13.59  ? 25  ARG A C   1 
ATOM   215  O  O   . ARG A 1 26 ? -5.195  -2.437  -7.625  1.00 14.36  ? 25  ARG A O   1 
ATOM   216  C  CB  . ARG A 1 26 ? -5.213  0.949   -7.775  1.00 17.07  ? 25  ARG A CB  1 
ATOM   217  C  CG  . ARG A 1 26 ? -4.864  0.637   -9.204  1.00 22.78  ? 25  ARG A CG  1 
ATOM   218  C  CD  . ARG A 1 26 ? -3.838  1.626   -9.754  1.00 29.10  ? 25  ARG A CD  1 
ATOM   219  N  NE  . ARG A 1 26 ? -3.910  1.702   -11.209 1.00 36.93  ? 25  ARG A NE  1 
ATOM   220  C  CZ  . ARG A 1 26 ? -2.931  2.135   -12.003 1.00 39.92  ? 25  ARG A CZ  1 
ATOM   221  N  NH1 . ARG A 1 26 ? -1.770  2.519   -11.491 1.00 43.40  ? 25  ARG A NH1 1 
ATOM   222  N  NH2 . ARG A 1 26 ? -3.116  2.177   -13.319 1.00 39.60  ? 25  ARG A NH2 1 
ATOM   223  N  N   . ILE A 1 27 ? -4.139  -1.399  -5.942  1.00 11.67  ? 26  ILE A N   1 
ATOM   224  C  CA  . ILE A 1 27 ? -3.192  -2.485  -5.718  1.00 12.75  ? 26  ILE A CA  1 
ATOM   225  C  C   . ILE A 1 27 ? -3.995  -3.707  -5.327  1.00 12.34  ? 26  ILE A C   1 
ATOM   226  O  O   . ILE A 1 27 ? -3.699  -4.822  -5.791  1.00 11.74  ? 26  ILE A O   1 
ATOM   227  C  CB  . ILE A 1 27 ? -2.184  -2.084  -4.625  1.00 12.28  ? 26  ILE A CB  1 
ATOM   228  C  CG1 . ILE A 1 27 ? -1.181  -1.151  -5.240  1.00 13.55  ? 26  ILE A CG1 1 
ATOM   229  C  CG2 . ILE A 1 27 ? -1.537  -3.373  -3.995  1.00 13.57  ? 26  ILE A CG2 1 
ATOM   230  C  CD1 . ILE A 1 27 ? -0.399  -0.353  -4.171  1.00 16.73  ? 26  ILE A CD1 1 
ATOM   231  N  N   . LYS A 1 28 ? -5.025  -3.570  -4.504  1.00 11.49  ? 27  LYS A N   1 
ATOM   232  C  CA  . LYS A 1 28 ? -5.780  -4.758  -4.044  1.00 12.47  ? 27  LYS A CA  1 
ATOM   233  C  C   . LYS A 1 28 ? -6.486  -5.396  -5.234  1.00 11.74  ? 27  LYS A C   1 
ATOM   234  O  O   . LYS A 1 28 ? -6.525  -6.640  -5.294  1.00 12.59  ? 27  LYS A O   1 
ATOM   235  C  CB  . LYS A 1 28 ? -6.784  -4.359  -2.973  1.00 12.49  ? 27  LYS A CB  1 
ATOM   236  C  CG  . LYS A 1 28 ? -6.062  -4.112  -1.659  1.00 14.70  ? 27  LYS A CG  1 
ATOM   237  C  CD  . LYS A 1 28 ? -6.804  -3.234  -0.710  1.00 18.71  ? 27  LYS A CD  1 
ATOM   238  C  CE  . LYS A 1 28 ? -8.066  -3.880  -0.219  1.00 19.75  ? 27  LYS A CE  1 
ATOM   239  N  NZ  . LYS A 1 28 ? -8.693  -3.001  0.885   1.00 21.44  ? 27  LYS A NZ  1 
ATOM   240  N  N   . LYS A 1 29 ? -6.950  -4.620  -6.218  1.00 12.45  ? 28  LYS A N   1 
ATOM   241  C  CA  . LYS A 1 29 ? -7.696  -5.174  -7.332  1.00 13.80  ? 28  LYS A CA  1 
ATOM   242  C  C   . LYS A 1 29 ? -6.699  -5.915  -8.221  1.00 13.87  ? 28  LYS A C   1 
ATOM   243  O  O   . LYS A 1 29 ? -6.994  -7.075  -8.657  1.00 12.60  ? 28  LYS A O   1 
ATOM   244  C  CB  . LYS A 1 29 ? -8.465  -4.098  -8.119  1.00 15.09  ? 28  LYS A CB  1 
ATOM   245  C  CG  . LYS A 1 29 ? -9.683  -3.584  -7.372  1.00 18.85  ? 28  LYS A CG  1 
ATOM   246  C  CD  . LYS A 1 29 ? -10.267 -2.344  -8.032  1.00 26.06  ? 28  LYS A CD  1 
ATOM   247  C  CE  . LYS A 1 29 ? -10.621 -2.548  -9.498  1.00 31.39  ? 28  LYS A CE  1 
ATOM   248  N  NZ  . LYS A 1 29 ? -11.860 -3.349  -9.727  1.00 34.21  ? 28  LYS A NZ  1 
ATOM   249  N  N   . LEU A 1 30 ? -5.515  -5.336  -8.418  1.00 12.66  ? 29  LEU A N   1 
ATOM   250  C  CA  . LEU A 1 30 ? -4.471  -5.995  -9.233  1.00 13.43  ? 29  LEU A CA  1 
ATOM   251  C  C   . LEU A 1 30 ? -4.012  -7.263  -8.545  1.00 13.29  ? 29  LEU A C   1 
ATOM   252  O  O   . LEU A 1 30 ? -3.830  -8.326  -9.205  1.00 14.37  ? 29  LEU A O   1 
ATOM   253  C  CB  . LEU A 1 30 ? -3.291  -5.086  -9.557  1.00 15.14  ? 29  LEU A CB  1 
ATOM   254  C  CG  . LEU A 1 30 ? -2.659  -5.262  -10.963 1.00 24.16  ? 29  LEU A CG  1 
ATOM   255  C  CD1 . LEU A 1 30 ? -1.214  -4.898  -10.900 1.00 23.57  ? 29  LEU A CD1 1 
ATOM   256  C  CD2 . LEU A 1 30 ? -2.846  -6.569  -11.777 1.00 24.22  ? 29  LEU A CD2 1 
ATOM   257  N  N   . LEU A 1 31 ? -3.891  -7.249  -7.238  1.00 11.92  ? 30  LEU A N   1 
ATOM   258  C  CA  . LEU A 1 31 ? -3.403  -8.421  -6.518  1.00 11.54  ? 30  LEU A CA  1 
ATOM   259  C  C   . LEU A 1 31 ? -4.463  -9.542  -6.637  1.00 13.50  ? 30  LEU A C   1 
ATOM   260  O  O   . LEU A 1 31 ? -4.132  -10.763 -6.812  1.00 13.22  ? 30  LEU A O   1 
ATOM   261  C  CB  . LEU A 1 31 ? -3.182  -8.016  -5.059  1.00 14.02  ? 30  LEU A CB  1 
ATOM   262  C  CG  . LEU A 1 31 ? -2.659  -9.099  -4.154  1.00 15.04  ? 30  LEU A CG  1 
ATOM   263  C  CD1 . LEU A 1 31 ? -1.381  -9.802  -4.736  1.00 18.51  ? 30  LEU A CD1 1 
ATOM   264  C  CD2 . LEU A 1 31 ? -2.359  -8.451  -2.811  1.00 18.66  ? 30  LEU A CD2 1 
ATOM   265  N  N   . GLN A 1 32 ? -5.746  -9.209  -6.555  1.00 14.44  ? 31  GLN A N   1 
ATOM   266  C  CA  . GLN A 1 32 ? -6.783  -10.237 -6.705  1.00 14.62  ? 31  GLN A CA  1 
ATOM   267  C  C   . GLN A 1 32 ? -6.694  -10.861 -8.115  1.00 13.43  ? 31  GLN A C   1 
ATOM   268  O  O   . GLN A 1 32 ? -6.822  -12.095 -8.256  1.00 13.19  ? 31  GLN A O   1 
ATOM   269  C  CB  . GLN A 1 32 ? -8.199  -9.662  -6.442  1.00 15.71  ? 31  GLN A CB  1 
ATOM   270  C  CG  . GLN A 1 32 ? -9.375  -10.703 -6.582  1.00 17.44  ? 31  GLN A CG  1 
ATOM   271  C  CD  . GLN A 1 32 ? -9.276  -11.901 -5.652  1.00 21.35  ? 31  GLN A CD  1 
ATOM   272  O  OE1 . GLN A 1 32 ? -8.775  -13.004 -6.020  1.00 23.23  ? 31  GLN A OE1 1 
ATOM   273  N  NE2 . GLN A 1 32 ? -9.777  -11.720 -4.440  1.00 20.84  ? 31  GLN A NE2 1 
ATOM   274  N  N   . LEU A 1 33 ? -6.467  -10.054 -9.127  1.00 13.24  ? 32  LEU A N   1 
ATOM   275  C  CA  . LEU A 1 33 ? -6.292  -10.577 -10.472 1.00 14.57  ? 32  LEU A CA  1 
ATOM   276  C  C   . LEU A 1 33 ? -5.063  -11.492 -10.541 1.00 13.72  ? 32  LEU A C   1 
ATOM   277  O  O   . LEU A 1 33 ? -5.158  -12.563 -11.190 1.00 14.37  ? 32  LEU A O   1 
ATOM   278  C  CB  . LEU A 1 33 ? -6.183  -9.450  -11.476 1.00 15.01  ? 32  LEU A CB  1 
ATOM   279  C  CG  . LEU A 1 33 ? -7.433  -8.574  -11.676 1.00 16.26  ? 32  LEU A CG  1 
ATOM   280  C  CD1 . LEU A 1 33 ? -7.064  -7.341  -12.540 1.00 20.92  ? 32  LEU A CD1 1 
ATOM   281  C  CD2 . LEU A 1 33 ? -8.639  -9.381  -12.241 1.00 19.46  ? 32  LEU A CD2 1 
ATOM   282  N  N   . THR A 1 34 ? -3.942  -11.132 -9.933  1.00 11.79  ? 33  THR A N   1 
ATOM   283  C  CA  . THR A 1 34 ? -2.757  -12.041 -9.957  1.00 12.79  ? 33  THR A CA  1 
ATOM   284  C  C   . THR A 1 34 ? -3.077  -13.365 -9.272  1.00 13.60  ? 33  THR A C   1 
ATOM   285  O  O   . THR A 1 34 ? -2.650  -14.452 -9.750  1.00 13.82  ? 33  THR A O   1 
ATOM   286  C  CB  . THR A 1 34 ? -1.463  -11.395 -9.427  1.00 11.49  ? 33  THR A CB  1 
ATOM   287  O  OG1 . THR A 1 34 ? -1.592  -11.199 -8.003  1.00 14.01  ? 33  THR A OG1 1 
ATOM   288  C  CG2 . THR A 1 34 ? -1.136  -10.080 -10.191 1.00 14.96  ? 33  THR A CG2 1 
ATOM   289  N  N   . VAL A 1 35 ? -3.776  -13.345 -8.145  1.00 11.17  ? 34  VAL A N   1 
ATOM   290  C  CA  . VAL A 1 35 ? -4.168  -14.568 -7.485  1.00 12.41  ? 34  VAL A CA  1 
ATOM   291  C  C   . VAL A 1 35 ? -5.009  -15.432 -8.436  1.00 12.50  ? 34  VAL A C   1 
ATOM   292  O  O   . VAL A 1 35 ? -4.760  -16.648 -8.593  1.00 13.41  ? 34  VAL A O   1 
ATOM   293  C  CB  . VAL A 1 35 ? -4.961  -14.275 -6.152  1.00 11.97  ? 34  VAL A CB  1 
ATOM   294  C  CG1 . VAL A 1 35 ? -5.567  -15.579 -5.580  1.00 15.31  ? 34  VAL A CG1 1 
ATOM   295  C  CG2 . VAL A 1 35 ? -4.036  -13.631 -5.154  1.00 14.40  ? 34  VAL A CG2 1 
ATOM   296  N  N   . TRP A 1 36 ? -6.000  -14.868 -9.098  1.00 11.76  ? 35  TRP A N   1 
ATOM   297  C  CA  . TRP A 1 36 ? -6.861  -15.668 -9.974  1.00 12.05  ? 35  TRP A CA  1 
ATOM   298  C  C   . TRP A 1 36 ? -6.004  -16.182 -11.148 1.00 11.81  ? 35  TRP A C   1 
ATOM   299  O  O   . TRP A 1 36 ? -6.145  -17.377 -11.538 1.00 13.02  ? 35  TRP A O   1 
ATOM   300  C  CB  . TRP A 1 36 ? -8.073  -14.856 -10.468 1.00 14.44  ? 35  TRP A CB  1 
ATOM   301  C  CG  . TRP A 1 36 ? -9.159  -14.716 -9.420  1.00 16.81  ? 35  TRP A CG  1 
ATOM   302  C  CD1 . TRP A 1 36 ? -9.397  -15.527 -8.336  1.00 18.81  ? 35  TRP A CD1 1 
ATOM   303  C  CD2 . TRP A 1 36 ? -10.146 -13.682 -9.379  1.00 19.88  ? 35  TRP A CD2 1 
ATOM   304  N  NE1 . TRP A 1 36 ? -10.488 -15.058 -7.637  1.00 19.45  ? 35  TRP A NE1 1 
ATOM   305  C  CE2 . TRP A 1 36 ? -10.940 -13.907 -8.247  1.00 18.10  ? 35  TRP A CE2 1 
ATOM   306  C  CE3 . TRP A 1 36 ? -10.430 -12.574 -10.202 1.00 19.60  ? 35  TRP A CE3 1 
ATOM   307  C  CZ2 . TRP A 1 36 ? -12.036 -13.079 -7.915  1.00 20.88  ? 35  TRP A CZ2 1 
ATOM   308  C  CZ3 . TRP A 1 36 ? -11.505 -11.721 -9.835  1.00 19.56  ? 35  TRP A CZ3 1 
ATOM   309  C  CH2 . TRP A 1 36 ? -12.271 -11.990 -8.703  1.00 18.45  ? 35  TRP A CH2 1 
ATOM   310  N  N   . GLY A 1 37 ? -5.085  -15.365 -11.648 1.00 12.61  ? 36  GLY A N   1 
ATOM   311  C  CA  . GLY A 1 37 ? -4.168  -15.827 -12.737 1.00 11.74  ? 36  GLY A CA  1 
ATOM   312  C  C   . GLY A 1 37 ? -3.306  -17.013 -12.296 1.00 11.76  ? 36  GLY A C   1 
ATOM   313  O  O   . GLY A 1 37 ? -3.137  -18.023 -13.044 1.00 12.81  ? 36  GLY A O   1 
ATOM   314  N  N   . ILE A 1 38 ? -2.769  -16.994 -11.085 1.00 11.89  ? 37  ILE A N   1 
ATOM   315  C  CA  . ILE A 1 38 ? -1.987  -18.104 -10.565 1.00 12.14  ? 37  ILE A CA  1 
ATOM   316  C  C   . ILE A 1 38 ? -2.891  -19.328 -10.426 1.00 11.12  ? 37  ILE A C   1 
ATOM   317  O  O   . ILE A 1 38 ? -2.491  -20.453 -10.780 1.00 11.50  ? 37  ILE A O   1 
ATOM   318  C  CB  . ILE A 1 38 ? -1.314  -17.746 -9.217  1.00 12.76  ? 37  ILE A CB  1 
ATOM   319  C  CG1 . ILE A 1 38 ? -0.212  -16.725 -9.493  1.00 14.84  ? 37  ILE A CG1 1 
ATOM   320  C  CG2 . ILE A 1 38 ? -0.728  -19.034 -8.515  1.00 13.43  ? 37  ILE A CG2 1 
ATOM   321  C  CD1 . ILE A 1 38 ? 0.192   -15.873 -8.306  1.00 13.96  ? 37  ILE A CD1 1 
ATOM   322  N  N   . LYS A 1 39 ? -4.112  -19.150 -9.909  1.00 11.43  ? 38  LYS A N   1 
ATOM   323  C  CA  . LYS A 1 39 ? -4.980  -20.319 -9.729  1.00 12.20  ? 38  LYS A CA  1 
ATOM   324  C  C   . LYS A 1 39 ? -5.287  -20.992 -11.074 1.00 11.22  ? 38  LYS A C   1 
ATOM   325  O  O   . LYS A 1 39 ? -5.364  -22.233 -11.154 1.00 12.80  ? 38  LYS A O   1 
ATOM   326  C  CB  . LYS A 1 39 ? -6.241  -19.932 -8.964  1.00 13.62  ? 38  LYS A CB  1 
ATOM   327  C  CG  . LYS A 1 39 ? -5.955  -19.743 -7.452  1.00 17.45  ? 38  LYS A CG  1 
ATOM   328  C  CD  . LYS A 1 39 ? -7.287  -19.417 -6.655  1.00 18.76  ? 38  LYS A CD  1 
ATOM   329  C  CE  . LYS A 1 39 ? -7.741  -17.944 -6.736  1.00 29.26  ? 38  LYS A CE  1 
ATOM   330  N  NZ  . LYS A 1 39 ? -8.734  -17.531 -5.691  1.00 30.80  ? 38  LYS A NZ  1 
ATOM   331  N  N   . GLN A 1 40 ? -5.478  -20.202 -12.112 1.00 11.61  ? 39  GLN A N   1 
ATOM   332  C  CA  . GLN A 1 40 ? -5.746  -20.686 -13.471 1.00 12.47  ? 39  GLN A CA  1 
ATOM   333  C  C   . GLN A 1 40 ? -4.566  -21.518 -13.944 1.00 12.52  ? 39  GLN A C   1 
ATOM   334  O  O   . GLN A 1 40 ? -4.759  -22.647 -14.466 1.00 13.36  ? 39  GLN A O   1 
ATOM   335  C  CB  . GLN A 1 40 ? -6.023  -19.533 -14.406 1.00 12.34  ? 39  GLN A CB  1 
ATOM   336  C  CG  . GLN A 1 40 ? -7.279  -18.723 -14.052 1.00 21.64  ? 39  GLN A CG  1 
ATOM   337  C  CD  . GLN A 1 40 ? -8.544  -19.226 -14.725 1.00 30.81  ? 39  GLN A CD  1 
ATOM   338  O  OE1 . GLN A 1 40 ? -8.592  -19.343 -15.955 1.00 34.06  ? 39  GLN A OE1 1 
ATOM   339  N  NE2 . GLN A 1 40 ? -9.598  -19.479 -13.930 1.00 34.77  ? 39  GLN A NE2 1 
ATOM   340  N  N   . LEU A 1 41 ? -3.349  -21.026 -13.727 1.00 12.19  ? 40  LEU A N   1 
ATOM   341  C  CA  . LEU A 1 41 ? -2.172  -21.760 -14.097 1.00 12.93  ? 40  LEU A CA  1 
ATOM   342  C  C   . LEU A 1 41 ? -2.051  -23.051 -13.298 1.00 13.10  ? 40  LEU A C   1 
ATOM   343  O  O   . LEU A 1 41 ? -1.646  -24.109 -13.851 1.00 15.61  ? 40  LEU A O   1 
ATOM   344  C  CB  . LEU A 1 41 ? -0.931  -20.923 -13.919 1.00 12.92  ? 40  LEU A CB  1 
ATOM   345  C  CG  . LEU A 1 41 ? -0.805  -19.756 -14.881 1.00 13.81  ? 40  LEU A CG  1 
ATOM   346  C  CD1 . LEU A 1 41 ? 0.319   -18.833 -14.436 1.00 15.47  ? 40  LEU A CD1 1 
ATOM   347  C  CD2 . LEU A 1 41 ? -0.433  -20.319 -16.292 1.00 14.99  ? 40  LEU A CD2 1 
ATOM   348  N  N   . GLN A 1 42 ? -2.314  -23.017 -12.010 1.00 13.96  ? 41  GLN A N   1 
ATOM   349  C  CA  . GLN A 1 42 ? -2.244  -24.228 -11.179 1.00 14.77  ? 41  GLN A CA  1 
ATOM   350  C  C   . GLN A 1 42 ? -3.164  -25.302 -11.748 1.00 17.31  ? 41  GLN A C   1 
ATOM   351  O  O   . GLN A 1 42 ? -2.756  -26.465 -11.884 1.00 19.21  ? 41  GLN A O   1 
ATOM   352  C  CB  . GLN A 1 42 ? -2.608  -23.913 -9.715  1.00 14.79  ? 41  GLN A CB  1 
ATOM   353  C  CG  . GLN A 1 42 ? -1.579  -23.056 -9.037  1.00 14.14  ? 41  GLN A CG  1 
ATOM   354  C  CD  . GLN A 1 42 ? -2.017  -22.634 -7.680  1.00 14.73  ? 41  GLN A CD  1 
ATOM   355  O  OE1 . GLN A 1 42 ? -3.225  -22.554 -7.389  1.00 18.79  ? 41  GLN A OE1 1 
ATOM   356  N  NE2 . GLN A 1 42 ? -1.063  -22.287 -6.856  1.00 16.64  ? 41  GLN A NE2 1 
ATOM   357  N  N   . ALA A 1 43 ? -4.379  -24.911 -12.124 1.00 15.92  ? 42  ALA A N   1 
ATOM   358  C  CA  . ALA A 1 43 ? -5.389  -25.837 -12.694 1.00 18.80  ? 42  ALA A CA  1 
ATOM   359  C  C   . ALA A 1 43 ? -4.833  -26.471 -13.959 1.00 20.53  ? 42  ALA A C   1 
ATOM   360  O  O   . ALA A 1 43 ? -4.922  -27.712 -14.149 1.00 22.56  ? 42  ALA A O   1 
ATOM   361  C  CB  . ALA A 1 43 ? -6.625  -25.071 -13.030 1.00 18.40  ? 42  ALA A CB  1 
ATOM   362  N  N   . ARG A 1 44 ? -4.229  -25.679 -14.829 1.00 19.79  ? 43  ARG A N   1 
ATOM   363  C  CA  . ARG A 1 44 ? -3.746  -26.184 -16.135 1.00 21.64  ? 43  ARG A CA  1 
ATOM   364  C  C   . ARG A 1 44 ? -2.630  -27.210 -15.923 1.00 22.82  ? 43  ARG A C   1 
ATOM   365  O  O   . ARG A 1 44 ? -1.981  -27.737 -16.859 1.00 24.97  ? 43  ARG A O   1 
ATOM   366  C  CB  . ARG A 1 44 ? -3.398  -25.074 -17.117 1.00 20.23  ? 43  ARG A CB  1 
ATOM   367  C  CG  . ARG A 1 44 ? -4.632  -24.275 -17.490 1.00 23.26  ? 43  ARG A CG  1 
ATOM   368  C  CD  . ARG A 1 44 ? -4.393  -23.362 -18.672 1.00 21.76  ? 43  ARG A CD  1 
ATOM   369  N  NE  . ARG A 1 44 ? -4.148  -24.043 -19.938 1.00 22.67  ? 43  ARG A NE  1 
ATOM   370  C  CZ  . ARG A 1 44 ? -3.997  -23.389 -21.089 1.00 26.22  ? 43  ARG A CZ  1 
ATOM   371  N  NH1 . ARG A 1 44 ? -4.107  -22.069 -21.106 1.00 25.08  ? 43  ARG A NH1 1 
ATOM   372  N  NH2 . ARG A 1 44 ? -3.786  -24.035 -22.243 1.00 28.73  ? 43  ARG A NH2 1 
ATOM   373  N  N   . ILE A 1 45 ? -2.473  -27.612 -14.677 1.00 24.10  ? 44  ILE A N   1 
ATOM   374  C  CA  . ILE A 1 45 ? -1.555  -28.700 -14.407 1.00 23.88  ? 44  ILE A CA  1 
ATOM   375  C  C   . ILE A 1 45 ? -2.069  -29.725 -13.366 1.00 26.31  ? 44  ILE A C   1 
ATOM   376  O  O   . ILE A 1 45 ? -1.352  -30.617 -12.929 1.00 27.26  ? 44  ILE A O   1 
ATOM   377  C  CB  . ILE A 1 45 ? -0.157  -28.114 -14.107 1.00 22.43  ? 44  ILE A CB  1 
ATOM   378  C  CG1 . ILE A 1 45 ? 0.217   -27.034 -15.130 1.00 20.30  ? 44  ILE A CG1 1 
ATOM   379  C  CG2 . ILE A 1 45 ? 0.863   -29.125 -14.324 1.00 21.36  ? 44  ILE A CG2 1 
ATOM   380  C  CD1 . ILE A 1 45 ? 0.975   -25.908 -14.549 1.00 19.22  ? 44  ILE A CD1 1 
ATOM   381  N  N   . LEU A 1 46 ? -3.328  -29.606 -12.979 1.00 28.01  ? 45  LEU A N   1 
ATOM   382  C  CA  . LEU A 1 46 ? -3.881  -30.489 -11.970 1.00 28.91  ? 45  LEU A CA  1 
ATOM   383  C  C   . LEU A 1 46 ? -4.043  -31.907 -12.545 1.00 29.91  ? 45  LEU A C   1 
ATOM   384  O  O   . LEU A 1 46 ? -3.734  -32.932 -11.878 1.00 30.57  ? 45  LEU A O   1 
ATOM   385  C  CB  . LEU A 1 46 ? -5.225  -29.943 -11.467 1.00 29.71  ? 45  LEU A CB  1 
ATOM   386  C  CG  . LEU A 1 46 ? -5.578  -30.213 -10.003 1.00 30.53  ? 45  LEU A CG  1 
ATOM   387  C  CD1 . LEU A 1 46 ? -4.671  -29.422 -9.056  1.00 33.73  ? 45  LEU A CD1 1 
ATOM   388  C  CD2 . LEU A 1 46 ? -7.042  -29.860 -9.746  1.00 33.38  ? 45  LEU A CD2 1 
ATOM   389  O  OXT . LEU A 1 46 ? -4.520  -32.019 -13.689 1.00 28.60  ? 45  LEU A OXT 1 
HETATM 390  C  C   . ACE B 1 1  ? 2.423   23.683  23.276  1.00 22.89  ? 0   ACE B C   1 
HETATM 391  O  O   . ACE B 1 1  ? 2.735   22.755  22.510  1.00 22.25  ? 0   ACE B O   1 
HETATM 392  C  CH3 . ACE B 1 1  ? 3.410   24.400  24.161  1.00 23.45  ? 0   ACE B CH3 1 
ATOM   393  N  N   . ARG B 1 2  ? 1.192   24.156  23.221  1.00 21.16  ? 1   ARG B N   1 
ATOM   394  C  CA  . ARG B 1 2  ? 0.142   23.504  22.454  1.00 19.49  ? 1   ARG B CA  1 
ATOM   395  C  C   . ARG B 1 2  ? 0.403   23.464  20.935  1.00 20.30  ? 1   ARG B C   1 
ATOM   396  O  O   . ARG B 1 2  ? 0.197   22.427  20.257  1.00 17.94  ? 1   ARG B O   1 
ATOM   397  C  CB  . ARG B 1 2  ? -1.195  24.174  22.715  1.00 21.92  ? 1   ARG B CB  1 
ATOM   398  C  CG  . ARG B 1 2  ? -2.344  23.403  22.148  1.00 18.68  ? 1   ARG B CG  1 
ATOM   399  C  CD  . ARG B 1 2  ? -3.652  24.113  22.549  1.00 21.40  ? 1   ARG B CD  1 
ATOM   400  N  NE  . ARG B 1 2  ? -4.827  23.329  22.232  1.00 20.47  ? 1   ARG B NE  1 
ATOM   401  C  CZ  . ARG B 1 2  ? -6.080  23.678  22.472  1.00 18.46  ? 1   ARG B CZ  1 
ATOM   402  N  NH1 . ARG B 1 2  ? -6.374  24.841  23.076  1.00 19.57  ? 1   ARG B NH1 1 
ATOM   403  N  NH2 . ARG B 1 2  ? -7.055  22.870  22.132  1.00 17.56  ? 1   ARG B NH2 1 
ATOM   404  N  N   . MET B 1 3  ? 0.839   24.586  20.380  1.00 19.42  ? 2   MET B N   1 
ATOM   405  C  CA  . MET B 1 3  ? 1.101   24.580  18.938  1.00 20.11  ? 2   MET B CA  1 
ATOM   406  C  C   . MET B 1 3  ? 2.353   23.767  18.660  1.00 18.93  ? 2   MET B C   1 
ATOM   407  O  O   . MET B 1 3  ? 2.410   23.079  17.617  1.00 17.01  ? 2   MET B O   1 
ATOM   408  C  CB  . MET B 1 3  ? 1.265   26.002  18.429  1.00 19.06  ? 2   MET B CB  1 
ATOM   409  C  CG  . MET B 1 3  ? -0.054  26.714  18.399  1.00 20.08  ? 2   MET B CG  1 
ATOM   410  S  SD  . MET B 1 3  ? 0.081   28.449  17.929  1.00 25.62  ? 2   MET B SD  1 
ATOM   411  C  CE  . MET B 1 3  ? 0.305   29.175  19.567  1.00 27.24  ? 2   MET B CE  1 
ATOM   412  N  N   . LYS B 1 4  ? 3.373   23.895  19.502  1.00 18.88  ? 3   LYS B N   1 
ATOM   413  C  CA  . LYS B 1 4  ? 4.575   23.072  19.365  1.00 19.95  ? 3   LYS B CA  1 
ATOM   414  C  C   . LYS B 1 4  ? 4.222   21.594  19.326  1.00 20.10  ? 3   LYS B C   1 
ATOM   415  O  O   . LYS B 1 4  ? 4.734   20.893  18.459  1.00 19.26  ? 3   LYS B O   1 
ATOM   416  C  CB  . LYS B 1 4  ? 5.601   23.340  20.475  1.00 20.12  ? 3   LYS B CB  1 
ATOM   417  C  CG  . LYS B 1 4  ? 6.990   22.901  20.098  1.00 25.26  ? 3   LYS B CG  1 
ATOM   418  C  CD  . LYS B 1 4  ? 7.357   21.560  20.631  1.00 29.67  ? 3   LYS B CD  1 
ATOM   419  C  CE  . LYS B 1 4  ? 8.878   21.485  20.739  1.00 29.92  ? 3   LYS B CE  1 
ATOM   420  N  NZ  . LYS B 1 4  ? 9.405   20.121  20.500  1.00 30.29  ? 3   LYS B NZ  1 
ATOM   421  N  N   . GLN B 1 5  ? 3.335   21.125  20.204  1.00 18.94  ? 4   GLN B N   1 
ATOM   422  C  CA  . GLN B 1 5  ? 2.919   19.703  20.248  1.00 18.06  ? 4   GLN B CA  1 
ATOM   423  C  C   . GLN B 1 5  ? 2.197   19.312  18.941  1.00 16.50  ? 4   GLN B C   1 
ATOM   424  O  O   . GLN B 1 5  ? 2.406   18.217  18.430  1.00 16.23  ? 4   GLN B O   1 
ATOM   425  C  CB  . GLN B 1 5  ? 2.024   19.469  21.481  1.00 19.31  ? 4   GLN B CB  1 
ATOM   426  C  CG  . GLN B 1 5  ? 1.699   18.033  21.848  1.00 27.21  ? 4   GLN B CG  1 
ATOM   427  C  CD  . GLN B 1 5  ? 1.348   17.927  23.338  1.00 33.36  ? 4   GLN B CD  1 
ATOM   428  O  OE1 . GLN B 1 5  ? 1.367   16.838  23.912  1.00 36.81  ? 4   GLN B OE1 1 
ATOM   429  N  NE2 . GLN B 1 5  ? 1.041   19.076  23.975  1.00 38.21  ? 4   GLN B NE2 1 
ATOM   430  N  N   . ILE B 1 6  ? 1.337   20.169  18.409  1.00 14.69  ? 5   ILE B N   1 
ATOM   431  C  CA  . ILE B 1 6  ? 0.726   19.915  17.120  1.00 14.88  ? 5   ILE B CA  1 
ATOM   432  C  C   . ILE B 1 6  ? 1.777   19.818  16.025  1.00 14.60  ? 5   ILE B C   1 
ATOM   433  O  O   . ILE B 1 6  ? 1.753   18.901  15.185  1.00 14.50  ? 5   ILE B O   1 
ATOM   434  C  CB  . ILE B 1 6  ? -0.219  21.051  16.802  1.00 13.71  ? 5   ILE B CB  1 
ATOM   435  C  CG1 . ILE B 1 6  ? -1.512  20.922  17.622  1.00 17.48  ? 5   ILE B CG1 1 
ATOM   436  C  CG2 . ILE B 1 6  ? -0.589  21.057  15.316  1.00 16.77  ? 5   ILE B CG2 1 
ATOM   437  C  CD1 . ILE B 1 6  ? -2.332  22.243  17.640  1.00 15.10  ? 5   ILE B CD1 1 
ATOM   438  N  N   . GLU B 1 7  ? 2.704   20.785  15.980  1.00 15.49  ? 6   GLU B N   1 
ATOM   439  C  CA  . GLU B 1 7  ? 3.728   20.791  14.952  1.00 14.50  ? 6   GLU B CA  1 
ATOM   440  C  C   . GLU B 1 7  ? 4.547   19.517  15.040  1.00 16.24  ? 6   GLU B C   1 
ATOM   441  O  O   . GLU B 1 7  ? 4.957   18.944  14.002  1.00 17.43  ? 6   GLU B O   1 
ATOM   442  C  CB  . GLU B 1 7  ? 4.608   22.049  15.106  1.00 14.75  ? 6   GLU B CB  1 
ATOM   443  C  CG  . GLU B 1 7  ? 3.850   23.287  14.681  1.00 15.99  ? 6   GLU B CG  1 
ATOM   444  C  CD  . GLU B 1 7  ? 4.448   24.649  15.127  1.00 15.85  ? 6   GLU B CD  1 
ATOM   445  O  OE1 . GLU B 1 7  ? 5.339   24.646  15.971  1.00 21.23  ? 6   GLU B OE1 1 
ATOM   446  O  OE2 . GLU B 1 7  ? 3.965   25.697  14.624  1.00 21.75  ? 6   GLU B OE2 1 
ATOM   447  N  N   . ASP B 1 8  ? 4.830   19.076  16.250  1.00 16.62  ? 7   ASP B N   1 
ATOM   448  C  CA  . ASP B 1 8  ? 5.662   17.883  16.411  1.00 18.34  ? 7   ASP B CA  1 
ATOM   449  C  C   . ASP B 1 8  ? 4.880   16.641  15.978  1.00 17.84  ? 7   ASP B C   1 
ATOM   450  O  O   . ASP B 1 8  ? 5.420   15.696  15.371  1.00 18.22  ? 7   ASP B O   1 
ATOM   451  C  CB  . ASP B 1 8  ? 6.125   17.791  17.846  1.00 20.21  ? 7   ASP B CB  1 
ATOM   452  C  CG  . ASP B 1 8  ? 7.215   18.824  18.201  1.00 21.42  ? 7   ASP B CG  1 
ATOM   453  O  OD1 . ASP B 1 8  ? 7.701   19.604  17.359  1.00 24.99  ? 7   ASP B OD1 1 
ATOM   454  O  OD2 . ASP B 1 8  ? 7.556   18.840  19.395  1.00 30.16  ? 7   ASP B OD2 1 
ATOM   455  N  N   . LYS B 1 9  ? 3.582   16.664  16.241  1.00 17.16  ? 8   LYS B N   1 
ATOM   456  C  CA  . LYS B 1 9  ? 2.729   15.538  15.814  1.00 16.67  ? 8   LYS B CA  1 
ATOM   457  C  C   . LYS B 1 9  ? 2.665   15.486  14.303  1.00 15.41  ? 8   LYS B C   1 
ATOM   458  O  O   . LYS B 1 9  ? 2.704   14.374  13.708  1.00 15.32  ? 8   LYS B O   1 
ATOM   459  C  CB  . LYS B 1 9  ? 1.311   15.582  16.401  1.00 17.81  ? 8   LYS B CB  1 
ATOM   460  C  CG  . LYS B 1 9  ? 0.596   14.274  16.238  1.00 23.85  ? 8   LYS B CG  1 
ATOM   461  C  CD  . LYS B 1 9  ? 1.246   13.220  17.166  1.00 27.86  ? 8   LYS B CD  1 
ATOM   462  C  CE  . LYS B 1 9  ? 1.377   11.867  16.502  1.00 33.76  ? 8   LYS B CE  1 
ATOM   463  N  NZ  . LYS B 1 9  ? 1.778   11.965  15.081  1.00 30.76  ? 8   LYS B NZ  1 
ATOM   464  N  N   . ILE B 1 10 ? 2.556   16.625  13.652  1.00 12.91  ? 9   ILE B N   1 
ATOM   465  C  CA  . ILE B 1 10 ? 2.600   16.695  12.199  1.00 15.10  ? 9   ILE B CA  1 
ATOM   466  C  C   . ILE B 1 10 ? 3.895   16.104  11.677  1.00 15.81  ? 9   ILE B C   1 
ATOM   467  O  O   . ILE B 1 10 ? 3.872   15.370  10.670  1.00 15.70  ? 9   ILE B O   1 
ATOM   468  C  CB  . ILE B 1 10 ? 2.442   18.139  11.755  1.00 15.92  ? 9   ILE B CB  1 
ATOM   469  C  CG1 . ILE B 1 10 ? 1.000   18.533  11.991  1.00 15.19  ? 9   ILE B CG1 1 
ATOM   470  C  CG2 . ILE B 1 10 ? 2.921   18.328  10.332  1.00 18.19  ? 9   ILE B CG2 1 
ATOM   471  C  CD1 . ILE B 1 10 ? 0.734   20.053  11.932  1.00 18.61  ? 9   ILE B CD1 1 
ATOM   472  N  N   . GLU B 1 11 ? 5.050   16.410  12.277  1.00 17.07  ? 10  GLU B N   1 
ATOM   473  C  CA  . GLU B 1 11 ? 6.313   15.804  11.818  1.00 18.09  ? 10  GLU B CA  1 
ATOM   474  C  C   . GLU B 1 11 ? 6.237   14.299  11.850  1.00 17.36  ? 10  GLU B C   1 
ATOM   475  O  O   . GLU B 1 11 ? 6.743   13.639  10.944  1.00 17.43  ? 10  GLU B O   1 
ATOM   476  C  CB  . GLU B 1 11 ? 7.510   16.162  12.697  1.00 20.85  ? 10  GLU B CB  1 
ATOM   477  C  CG  . GLU B 1 11 ? 8.124   17.452  12.434  1.00 24.49  ? 10  GLU B CG  1 
ATOM   478  C  CD  . GLU B 1 11 ? 9.093   17.838  13.532  1.00 27.77  ? 10  GLU B CD  1 
ATOM   479  O  OE1 . GLU B 1 11 ? 9.210   17.120  14.553  1.00 32.00  ? 10  GLU B OE1 1 
ATOM   480  O  OE2 . GLU B 1 11 ? 9.716   18.876  13.386  1.00 24.77  ? 10  GLU B OE2 1 
ATOM   481  N  N   . GLU B 1 12 ? 5.721   13.744  12.931  1.00 14.84  ? 11  GLU B N   1 
ATOM   482  C  CA  . GLU B 1 12 ? 5.660   12.288  13.098  1.00 15.75  ? 11  GLU B CA  1 
ATOM   483  C  C   . GLU B 1 12 ? 4.724   11.718  12.014  1.00 15.54  ? 11  GLU B C   1 
ATOM   484  O  O   . GLU B 1 12 ? 5.048   10.730  11.370  1.00 15.06  ? 11  GLU B O   1 
ATOM   485  C  CB  . GLU B 1 12 ? 5.179   11.857  14.470  1.00 17.10  ? 11  GLU B CB  1 
ATOM   486  C  CG  . GLU B 1 12 ? 5.017   10.349  14.594  1.00 24.14  ? 11  GLU B CG  1 
ATOM   487  C  CD  . GLU B 1 12 ? 6.306   9.574   14.285  1.00 33.02  ? 11  GLU B CD  1 
ATOM   488  O  OE1 . GLU B 1 12 ? 7.146   9.487   15.205  1.00 38.70  ? 11  GLU B OE1 1 
ATOM   489  O  OE2 . GLU B 1 12 ? 6.483   9.041   13.142  1.00 36.18  ? 11  GLU B OE2 1 
ATOM   490  N  N   . ILE B 1 13 ? 3.579   12.359  11.794  1.00 14.00  ? 12  ILE B N   1 
ATOM   491  C  CA  . ILE B 1 13 ? 2.644   11.910  10.754  1.00 14.83  ? 12  ILE B CA  1 
ATOM   492  C  C   . ILE B 1 13 ? 3.282   11.983  9.366   1.00 14.59  ? 12  ILE B C   1 
ATOM   493  O  O   . ILE B 1 13 ? 3.169   11.023  8.591   1.00 14.57  ? 12  ILE B O   1 
ATOM   494  C  CB  . ILE B 1 13 ? 1.359   12.737  10.764  1.00 14.67  ? 12  ILE B CB  1 
ATOM   495  C  CG1 . ILE B 1 13 ? 0.578   12.415  12.025  1.00 15.68  ? 12  ILE B CG1 1 
ATOM   496  C  CG2 . ILE B 1 13 ? 0.497   12.464  9.480   1.00 15.86  ? 12  ILE B CG2 1 
ATOM   497  C  CD1 . ILE B 1 13 ? -0.482  13.477  12.290  1.00 16.30  ? 12  ILE B CD1 1 
ATOM   498  N  N   . GLU B 1 14 ? 3.952   13.089  9.026   1.00 14.45  ? 13  GLU B N   1 
ATOM   499  C  CA  . GLU B 1 14 ? 4.589   13.220  7.711   1.00 16.65  ? 13  GLU B CA  1 
ATOM   500  C  C   . GLU B 1 14 ? 5.628   12.123  7.527   1.00 17.34  ? 13  GLU B C   1 
ATOM   501  O  O   . GLU B 1 14 ? 5.763   11.559  6.426   1.00 18.11  ? 13  GLU B O   1 
ATOM   502  C  CB  . GLU B 1 14 ? 5.289   14.575  7.568   1.00 18.18  ? 13  GLU B CB  1 
ATOM   503  C  CG  . GLU B 1 14 ? 4.383   15.742  7.527   1.00 21.98  ? 13  GLU B CG  1 
ATOM   504  C  CD  . GLU B 1 14 ? 5.166   17.027  7.258   1.00 29.19  ? 13  GLU B CD  1 
ATOM   505  O  OE1 . GLU B 1 14 ? 5.415   17.807  8.204   1.00 33.95  ? 13  GLU B OE1 1 
ATOM   506  O  OE2 . GLU B 1 14 ? 5.599   17.213  6.110   1.00 34.69  ? 13  GLU B OE2 1 
ATOM   507  N  N   . SER B 1 15 ? 6.378   11.802  8.589   1.00 16.28  ? 14  SER B N   1 
ATOM   508  C  CA  A SER B 1 15 ? 7.436   10.775  8.533   0.50 17.22  ? 14  SER B CA  1 
ATOM   509  C  CA  B SER B 1 15 ? 7.431   10.788  8.435   0.50 17.16  ? 14  SER B CA  1 
ATOM   510  C  C   . SER B 1 15 ? 6.799   9.422   8.216   1.00 16.91  ? 14  SER B C   1 
ATOM   511  O  O   . SER B 1 15 ? 7.259   8.647   7.351   1.00 17.10  ? 14  SER B O   1 
ATOM   512  C  CB  A SER B 1 15 ? 8.184   10.720  9.884   0.50 18.01  ? 14  SER B CB  1 
ATOM   513  C  CB  B SER B 1 15 ? 8.436   10.809  9.592   0.50 17.85  ? 14  SER B CB  1 
ATOM   514  O  OG  A SER B 1 15 ? 9.106   9.656   9.934   0.50 20.83  ? 14  SER B OG  1 
ATOM   515  O  OG  B SER B 1 15 ? 9.099   12.050  9.572   0.50 20.76  ? 14  SER B OG  1 
ATOM   516  N  N   . LYS B 1 16 ? 5.720   9.126   8.936   1.00 15.68  ? 15  LYS B N   1 
ATOM   517  C  CA  . LYS B 1 16 ? 5.045   7.871   8.750   1.00 16.68  ? 15  LYS B CA  1 
ATOM   518  C  C   . LYS B 1 16 ? 4.443   7.795   7.336   1.00 15.82  ? 15  LYS B C   1 
ATOM   519  O  O   . LYS B 1 16 ? 4.469   6.739   6.690   1.00 15.74  ? 15  LYS B O   1 
ATOM   520  C  CB  . LYS B 1 16 ? 3.920   7.684   9.766   1.00 16.52  ? 15  LYS B CB  1 
ATOM   521  C  CG  . LYS B 1 16 ? 4.383   7.406   11.183  1.00 19.66  ? 15  LYS B CG  1 
ATOM   522  C  CD  . LYS B 1 16 ? 3.220   6.893   12.090  1.00 21.72  ? 15  LYS B CD  1 
ATOM   523  C  CE  . LYS B 1 16 ? 2.808   7.895   13.164  1.00 28.92  ? 15  LYS B CE  1 
ATOM   524  N  NZ  . LYS B 1 16 ? 2.164   9.160   12.682  1.00 29.55  ? 15  LYS B NZ  1 
ATOM   525  N  N   . GLN B 1 17 ? 3.913   8.899   6.818   1.00 14.42  ? 16  GLN B N   1 
ATOM   526  C  CA  . GLN B 1 17 ? 3.342   8.962   5.483   1.00 15.53  ? 16  GLN B CA  1 
ATOM   527  C  C   . GLN B 1 17 ? 4.438   8.703   4.457   1.00 16.59  ? 16  GLN B C   1 
ATOM   528  O  O   . GLN B 1 17 ? 4.207   8.010   3.440   1.00 15.68  ? 16  GLN B O   1 
ATOM   529  C  CB  . GLN B 1 17 ? 2.701   10.334  5.295   1.00 16.32  ? 16  GLN B CB  1 
ATOM   530  C  CG  . GLN B 1 17 ? 1.842   10.401  4.107   1.00 20.12  ? 16  GLN B CG  1 
ATOM   531  C  CD  . GLN B 1 17 ? 0.845   11.577  4.159   1.00 22.58  ? 16  GLN B CD  1 
ATOM   532  O  OE1 . GLN B 1 17 ? 1.244   12.718  3.947   1.00 25.54  ? 16  GLN B OE1 1 
ATOM   533  N  NE2 . GLN B 1 17 ? -0.425  11.310  4.454   1.00 20.96  ? 16  GLN B NE2 1 
ATOM   534  N  N   . LYS B 1 18 ? 5.641   9.246   4.682   1.00 16.76  ? 17  LYS B N   1 
ATOM   535  C  CA  . LYS B 1 18 ? 6.752   8.938   3.739   1.00 18.03  ? 17  LYS B CA  1 
ATOM   536  C  C   . LYS B 1 18 ? 7.095   7.432   3.766   1.00 15.72  ? 17  LYS B C   1 
ATOM   537  O  O   . LYS B 1 18 ? 7.327   6.809   2.696   1.00 16.30  ? 17  LYS B O   1 
ATOM   538  C  CB  . LYS B 1 18 ? 7.977   9.782   4.114   1.00 18.80  ? 17  LYS B CB  1 
ATOM   539  C  CG  . LYS B 1 18 ? 9.227   9.505   3.248   1.00 24.61  ? 17  LYS B CG  1 
ATOM   540  C  CD  . LYS B 1 18 ? 9.521   10.691  2.333   1.00 32.07  ? 17  LYS B CD  1 
ATOM   541  C  CE  . LYS B 1 18 ? 10.150  11.839  3.133   1.00 35.83  ? 17  LYS B CE  1 
ATOM   542  N  NZ  . LYS B 1 18 ? 11.131  12.684  2.359   1.00 37.26  ? 17  LYS B NZ  1 
ATOM   543  N  N   . LYS B 1 19 ? 7.115   6.798   4.926   1.00 15.41  ? 18  LYS B N   1 
ATOM   544  C  CA  . LYS B 1 19 ? 7.383   5.358   5.027   1.00 15.66  ? 18  LYS B CA  1 
ATOM   545  C  C   . LYS B 1 19 ? 6.309   4.573   4.274   1.00 14.61  ? 18  LYS B C   1 
ATOM   546  O  O   . LYS B 1 19 ? 6.585   3.594   3.565   1.00 14.84  ? 18  LYS B O   1 
ATOM   547  C  CB  . LYS B 1 19 ? 7.452   4.900   6.506   1.00 15.66  ? 18  LYS B CB  1 
ATOM   548  C  CG  . LYS B 1 19 ? 8.669   5.493   7.203   1.00 23.80  ? 18  LYS B CG  1 
ATOM   549  C  CD  . LYS B 1 19 ? 8.908   4.908   8.574   1.00 29.09  ? 18  LYS B CD  1 
ATOM   550  C  CE  . LYS B 1 19 ? 10.335  5.260   9.031   1.00 33.01  ? 18  LYS B CE  1 
ATOM   551  N  NZ  . LYS B 1 19 ? 10.597  5.065   10.499  1.00 37.74  ? 18  LYS B NZ  1 
ATOM   552  N  N   . ILE B 1 20 ? 5.078   5.010   4.408   1.00 14.66  ? 19  ILE B N   1 
ATOM   553  C  CA  . ILE B 1 20 ? 3.968   4.403   3.661   1.00 14.56  ? 19  ILE B CA  1 
ATOM   554  C  C   . ILE B 1 20 ? 4.152   4.546   2.134   1.00 14.10  ? 19  ILE B C   1 
ATOM   555  O  O   . ILE B 1 20 ? 3.987   3.597   1.368   1.00 14.01  ? 19  ILE B O   1 
ATOM   556  C  CB  . ILE B 1 20 ? 2.613   4.975   4.191   1.00 12.65  ? 19  ILE B CB  1 
ATOM   557  C  CG1 . ILE B 1 20 ? 2.319   4.386   5.566   1.00 14.02  ? 19  ILE B CG1 1 
ATOM   558  C  CG2 . ILE B 1 20 ? 1.462   4.642   3.242   1.00 15.63  ? 19  ILE B CG2 1 
ATOM   559  C  CD1 . ILE B 1 20 ? 1.250   5.275   6.365   1.00 16.69  ? 19  ILE B CD1 1 
ATOM   560  N  N   . GLU B 1 21 ? 4.495   5.728   1.657   1.00 13.96  ? 20  GLU B N   1 
ATOM   561  C  CA  . GLU B 1 21 ? 4.693   5.942   0.200   1.00 15.91  ? 20  GLU B CA  1 
ATOM   562  C  C   . GLU B 1 21 ? 5.832   5.019   -0.251  1.00 15.52  ? 20  GLU B C   1 
ATOM   563  O  O   . GLU B 1 21 ? 5.726   4.405   -1.351  1.00 14.83  ? 20  GLU B O   1 
ATOM   564  C  CB  . GLU B 1 21 ? 5.074   7.397   -0.087  1.00 17.05  ? 20  GLU B CB  1 
ATOM   565  C  CG  . GLU B 1 21 ? 3.999   8.411   0.239   1.00 18.66  ? 20  GLU B CG  1 
ATOM   566  C  CD  . GLU B 1 21 ? 4.528   9.848   0.255   1.00 21.88  ? 20  GLU B CD  1 
ATOM   567  O  OE1 . GLU B 1 21 ? 5.751   10.064  0.109   1.00 31.33  ? 20  GLU B OE1 1 
ATOM   568  O  OE2 . GLU B 1 21 ? 3.702   10.752  0.396   1.00 29.77  ? 20  GLU B OE2 1 
ATOM   569  N  N   . ASN B 1 22 ? 6.911   4.898   0.526   1.00 15.42  ? 21  ASN B N   1 
ATOM   570  C  CA  . ASN B 1 22 ? 7.998   4.027   0.115   1.00 16.39  ? 21  ASN B CA  1 
ATOM   571  C  C   . ASN B 1 22 ? 7.547   2.565   0.064   1.00 14.95  ? 21  ASN B C   1 
ATOM   572  O  O   . ASN B 1 22 ? 7.936   1.808   -0.868  1.00 16.28  ? 21  ASN B O   1 
ATOM   573  C  CB  . ASN B 1 22 ? 9.228   4.225   0.990   1.00 17.83  ? 21  ASN B CB  1 
ATOM   574  C  CG  . ASN B 1 22 ? 9.784   5.665   0.904   1.00 20.88  ? 21  ASN B CG  1 
ATOM   575  O  OD1 . ASN B 1 22 ? 9.600   6.355   -0.100  1.00 24.91  ? 21  ASN B OD1 1 
ATOM   576  N  ND2 . ASN B 1 22 ? 10.439  6.127   1.989   1.00 25.10  ? 21  ASN B ND2 1 
ATOM   577  N  N   . GLU B 1 23 ? 6.731   2.126   1.012   1.00 14.55  ? 22  GLU B N   1 
ATOM   578  C  CA  . GLU B 1 23 ? 6.237   0.746   0.966   1.00 15.24  ? 22  GLU B CA  1 
ATOM   579  C  C   . GLU B 1 23 ? 5.323   0.523   -0.254  1.00 15.06  ? 22  GLU B C   1 
ATOM   580  O  O   . GLU B 1 23 ? 5.378   -0.573  -0.892  1.00 14.78  ? 22  GLU B O   1 
ATOM   581  C  CB  . GLU B 1 23 ? 5.493   0.336   2.213   1.00 16.17  ? 22  GLU B CB  1 
ATOM   582  C  CG  . GLU B 1 23 ? 5.310   -1.152  2.286   1.00 21.52  ? 22  GLU B CG  1 
ATOM   583  C  CD  . GLU B 1 23 ? 6.576   -1.920  2.057   1.00 30.91  ? 22  GLU B CD  1 
ATOM   584  O  OE1 . GLU B 1 23 ? 7.531   -1.724  2.844   1.00 31.30  ? 22  GLU B OE1 1 
ATOM   585  O  OE2 . GLU B 1 23 ? 6.596   -2.730  1.096   1.00 30.68  ? 22  GLU B OE2 1 
ATOM   586  N  N   . ILE B 1 24 ? 4.463   1.483   -0.589  1.00 12.99  ? 23  ILE B N   1 
ATOM   587  C  CA  . ILE B 1 24 ? 3.610   1.382   -1.771  1.00 12.81  ? 23  ILE B CA  1 
ATOM   588  C  C   . ILE B 1 24 ? 4.444   1.282   -3.019  1.00 13.66  ? 23  ILE B C   1 
ATOM   589  O  O   . ILE B 1 24 ? 4.145   0.442   -3.880  1.00 12.72  ? 23  ILE B O   1 
ATOM   590  C  CB  . ILE B 1 24 ? 2.644   2.582   -1.814  1.00 13.37  ? 23  ILE B CB  1 
ATOM   591  C  CG1 . ILE B 1 24 ? 1.608   2.359   -0.735  1.00 14.43  ? 23  ILE B CG1 1 
ATOM   592  C  CG2 . ILE B 1 24 ? 1.951   2.726   -3.189  1.00 13.51  ? 23  ILE B CG2 1 
ATOM   593  C  CD1 . ILE B 1 24 ? 0.695   3.520   -0.565  1.00 17.89  ? 23  ILE B CD1 1 
ATOM   594  N  N   . ALA B 1 25 ? 5.527   2.041   -3.111  1.00 13.09  ? 24  ALA B N   1 
ATOM   595  C  CA  . ALA B 1 25 ? 6.424   1.965   -4.292  1.00 14.40  ? 24  ALA B CA  1 
ATOM   596  C  C   . ALA B 1 25 ? 7.046   0.551   -4.388  1.00 13.71  ? 24  ALA B C   1 
ATOM   597  O  O   . ALA B 1 25 ? 7.112   -0.051  -5.499  1.00 15.12  ? 24  ALA B O   1 
ATOM   598  C  CB  . ALA B 1 25 ? 7.554   3.026   -4.172  1.00 14.93  ? 24  ALA B CB  1 
ATOM   599  N  N   . ARG B 1 26 ? 7.438   -0.034  -3.272  1.00 13.94  ? 25  ARG B N   1 
ATOM   600  C  CA  . ARG B 1 26 ? 8.045   -1.395  -3.253  1.00 15.85  ? 25  ARG B CA  1 
ATOM   601  C  C   . ARG B 1 26 ? 6.998   -2.400  -3.677  1.00 14.52  ? 25  ARG B C   1 
ATOM   602  O  O   . ARG B 1 26 ? 7.276   -3.285  -4.505  1.00 14.49  ? 25  ARG B O   1 
ATOM   603  C  CB  . ARG B 1 26 ? 8.527   -1.826  -1.862  1.00 16.06  ? 25  ARG B CB  1 
ATOM   604  C  CG  . ARG B 1 26 ? 9.772   -1.101  -1.350  1.00 20.67  ? 25  ARG B CG  1 
ATOM   605  C  CD  . ARG B 1 26 ? 10.205  -1.645  0.012   1.00 21.52  ? 25  ARG B CD  1 
ATOM   606  N  NE  . ARG B 1 26 ? 9.525   -1.039  1.160   1.00 32.16  ? 25  ARG B NE  1 
ATOM   607  C  CZ  . ARG B 1 26 ? 10.130  -0.313  2.106   1.00 33.38  ? 25  ARG B CZ  1 
ATOM   608  N  NH1 . ARG B 1 26 ? 11.441  -0.133  2.078   1.00 36.42  ? 25  ARG B NH1 1 
ATOM   609  N  NH2 . ARG B 1 26 ? 9.414   0.185   3.107   1.00 35.75  ? 25  ARG B NH2 1 
ATOM   610  N  N   . ILE B 1 27 ? 5.799   -2.299  -3.115  1.00 13.18  ? 26  ILE B N   1 
ATOM   611  C  CA  . ILE B 1 27 ? 4.681   -3.146  -3.512  1.00 11.53  ? 26  ILE B CA  1 
ATOM   612  C  C   . ILE B 1 27 ? 4.410   -3.064  -4.997  1.00 12.48  ? 26  ILE B C   1 
ATOM   613  O  O   . ILE B 1 27 ? 4.197   -4.079  -5.654  1.00 13.25  ? 26  ILE B O   1 
ATOM   614  C  CB  . ILE B 1 27 ? 3.406   -2.821  -2.667  1.00 12.03  ? 26  ILE B CB  1 
ATOM   615  C  CG1 . ILE B 1 27 ? 3.581   -3.275  -1.216  1.00 12.23  ? 26  ILE B CG1 1 
ATOM   616  C  CG2 . ILE B 1 27 ? 2.164   -3.438  -3.282  1.00 13.97  ? 26  ILE B CG2 1 
ATOM   617  C  CD1 . ILE B 1 27 ? 2.512   -2.649  -0.290  1.00 12.88  ? 26  ILE B CD1 1 
ATOM   618  N  N   . LYS B 1 28 ? 4.392   -1.883  -5.567  1.00 12.61  ? 27  LYS B N   1 
ATOM   619  C  CA  . LYS B 1 28 ? 4.078   -1.747  -6.975  1.00 12.75  ? 27  LYS B CA  1 
ATOM   620  C  C   . LYS B 1 28 ? 5.166   -2.436  -7.800  1.00 13.00  ? 27  LYS B C   1 
ATOM   621  O  O   . LYS B 1 28 ? 4.863   -3.103  -8.795  1.00 14.39  ? 27  LYS B O   1 
ATOM   622  C  CB  . LYS B 1 28 ? 3.966   -0.286  -7.351  1.00 13.91  ? 27  LYS B CB  1 
ATOM   623  C  CG  . LYS B 1 28 ? 2.749   0.351   -6.796  1.00 15.55  ? 27  LYS B CG  1 
ATOM   624  C  CD  . LYS B 1 28 ? 2.756   1.811   -7.250  1.00 19.44  ? 27  LYS B CD  1 
ATOM   625  C  CE  . LYS B 1 28 ? 1.470   2.489   -6.974  1.00 19.42  ? 27  LYS B CE  1 
ATOM   626  N  NZ  . LYS B 1 28 ? 1.708   3.984   -7.255  1.00 22.55  ? 27  LYS B NZ  1 
ATOM   627  N  N   . LYS B 1 29 ? 6.429   -2.277  -7.446  1.00 13.13  ? 28  LYS B N   1 
ATOM   628  C  CA  . LYS B 1 29 ? 7.506   -2.883  -8.201  1.00 15.29  ? 28  LYS B CA  1 
ATOM   629  C  C   . LYS B 1 29 ? 7.375   -4.403  -8.132  1.00 13.72  ? 28  LYS B C   1 
ATOM   630  O  O   . LYS B 1 29 ? 7.492   -5.115  -9.190  1.00 14.77  ? 28  LYS B O   1 
ATOM   631  C  CB  . LYS B 1 29 ? 8.843   -2.372  -7.644  1.00 14.73  ? 28  LYS B CB  1 
ATOM   632  C  CG  . LYS B 1 29 ? 9.152   -0.930  -8.081  1.00 23.29  ? 28  LYS B CG  1 
ATOM   633  C  CD  . LYS B 1 29 ? 10.392  -0.415  -7.404  1.00 29.03  ? 28  LYS B CD  1 
ATOM   634  C  CE  . LYS B 1 29 ? 10.739  0.981   -7.881  1.00 31.66  ? 28  LYS B CE  1 
ATOM   635  N  NZ  . LYS B 1 29 ? 11.492  1.725   -6.827  1.00 33.61  ? 28  LYS B NZ  1 
ATOM   636  N  N   . LEU B 1 30 ? 7.114   -4.937  -6.955  1.00 13.47  ? 29  LEU B N   1 
ATOM   637  C  CA  . LEU B 1 30 ? 6.975   -6.372  -6.789  1.00 13.26  ? 29  LEU B CA  1 
ATOM   638  C  C   . LEU B 1 30 ? 5.766   -6.869  -7.533  1.00 14.09  ? 29  LEU B C   1 
ATOM   639  O  O   . LEU B 1 30 ? 5.850   -7.906  -8.197  1.00 14.20  ? 29  LEU B O   1 
ATOM   640  C  CB  . LEU B 1 30 ? 7.006   -6.831  -5.326  1.00 13.52  ? 29  LEU B CB  1 
ATOM   641  C  CG  . LEU B 1 30 ? 6.943   -8.344  -5.111  1.00 16.33  ? 29  LEU B CG  1 
ATOM   642  C  CD1 . LEU B 1 30 ? 8.071   -9.110  -5.897  1.00 15.98  ? 29  LEU B CD1 1 
ATOM   643  C  CD2 . LEU B 1 30 ? 7.044   -8.608  -3.573  1.00 16.86  ? 29  LEU B CD2 1 
ATOM   644  N  N   . LEU B 1 31 ? 4.643   -6.163  -7.456  1.00 12.82  ? 30  LEU B N   1 
ATOM   645  C  CA  . LEU B 1 31 ? 3.481   -6.602  -8.201  1.00 14.06  ? 30  LEU B CA  1 
ATOM   646  C  C   . LEU B 1 31 ? 3.796   -6.626  -9.701  1.00 13.36  ? 30  LEU B C   1 
ATOM   647  O  O   . LEU B 1 31 ? 3.376   -7.558  -10.402 1.00 14.80  ? 30  LEU B O   1 
ATOM   648  C  CB  . LEU B 1 31 ? 2.293   -5.676  -7.842  1.00 15.46  ? 30  LEU B CB  1 
ATOM   649  C  CG  . LEU B 1 31 ? 0.936   -5.959  -8.407  1.00 19.67  ? 30  LEU B CG  1 
ATOM   650  C  CD1 . LEU B 1 31 ? 0.490   -7.271  -7.791  1.00 18.40  ? 30  LEU B CD1 1 
ATOM   651  C  CD2 . LEU B 1 31 ? -0.024  -4.813  -8.076  1.00 20.27  ? 30  LEU B CD2 1 
ATOM   652  N  N   . GLN B 1 32 ? 4.500   -5.628  -10.229 1.00 13.07  ? 31  GLN B N   1 
ATOM   653  C  CA  . GLN B 1 32 ? 4.930   -5.651  -11.656 1.00 15.62  ? 31  GLN B CA  1 
ATOM   654  C  C   . GLN B 1 32 ? 5.708   -6.915  -11.969 1.00 14.11  ? 31  GLN B C   1 
ATOM   655  O  O   . GLN B 1 32 ? 5.491   -7.530  -13.001 1.00 15.67  ? 31  GLN B O   1 
ATOM   656  C  CB  . GLN B 1 32 ? 5.829   -4.429  -11.888 1.00 15.48  ? 31  GLN B CB  1 
ATOM   657  C  CG  . GLN B 1 32 ? 6.880   -4.430  -12.988 1.00 23.84  ? 31  GLN B CG  1 
ATOM   658  C  CD  . GLN B 1 32 ? 8.121   -3.574  -12.590 1.00 24.06  ? 31  GLN B CD  1 
ATOM   659  O  OE1 . GLN B 1 32 ? 8.323   -2.473  -13.114 1.00 33.55  ? 31  GLN B OE1 1 
ATOM   660  N  NE2 . GLN B 1 32 ? 8.943   -4.090  -11.643 1.00 30.83  ? 31  GLN B NE2 1 
ATOM   661  N  N   . LEU B 1 33 ? 6.631   -7.277  -11.098 1.00 13.13  ? 32  LEU B N   1 
ATOM   662  C  CA  . LEU B 1 33 ? 7.446   -8.485  -11.296 1.00 13.49  ? 32  LEU B CA  1 
ATOM   663  C  C   . LEU B 1 33 ? 6.578   -9.733  -11.287 1.00 12.56  ? 32  LEU B C   1 
ATOM   664  O  O   . LEU B 1 33 ? 6.799   -10.676 -12.102 1.00 12.22  ? 32  LEU B O   1 
ATOM   665  C  CB  . LEU B 1 33 ? 8.553   -8.571  -10.241 1.00 14.49  ? 32  LEU B CB  1 
ATOM   666  C  CG  . LEU B 1 33 ? 9.688   -7.551  -10.343 1.00 16.10  ? 32  LEU B CG  1 
ATOM   667  C  CD1 . LEU B 1 33 ? 10.585  -7.632  -9.088  1.00 18.81  ? 32  LEU B CD1 1 
ATOM   668  C  CD2 . LEU B 1 33 ? 10.439  -7.744  -11.654 1.00 20.66  ? 32  LEU B CD2 1 
ATOM   669  N  N   . THR B 1 34 ? 5.590   -9.814  -10.395 1.00 12.09  ? 33  THR B N   1 
ATOM   670  C  CA  . THR B 1 34 ? 4.714   -11.007 -10.376 1.00 11.30  ? 33  THR B CA  1 
ATOM   671  C  C   . THR B 1 34 ? 3.842   -11.079 -11.618 1.00 12.52  ? 33  THR B C   1 
ATOM   672  O  O   . THR B 1 34 ? 3.618   -12.175 -12.142 1.00 11.82  ? 33  THR B O   1 
ATOM   673  C  CB  . THR B 1 34 ? 3.857   -11.118 -9.110  1.00 12.35  ? 33  THR B CB  1 
ATOM   674  O  OG1 . THR B 1 34 ? 2.973   -9.972  -9.054  1.00 14.12  ? 33  THR B OG1 1 
ATOM   675  C  CG2 . THR B 1 34 ? 4.763   -11.178 -7.861  1.00 11.87  ? 33  THR B CG2 1 
ATOM   676  N  N   . VAL B 1 35 ? 3.316   -9.956  -12.093 1.00 12.30  ? 34  VAL B N   1 
ATOM   677  C  CA  . VAL B 1 35 ? 2.564   -9.959  -13.343 1.00 12.37  ? 34  VAL B CA  1 
ATOM   678  C  C   . VAL B 1 35 ? 3.448   -10.465 -14.488 1.00 13.35  ? 34  VAL B C   1 
ATOM   679  O  O   . VAL B 1 35 ? 3.015   -11.352 -15.267 1.00 13.26  ? 34  VAL B O   1 
ATOM   680  C  CB  . VAL B 1 35 ? 1.969   -8.528  -13.621 1.00 13.15  ? 34  VAL B CB  1 
ATOM   681  C  CG1 . VAL B 1 35 ? 1.469   -8.446  -15.067 1.00 14.68  ? 34  VAL B CG1 1 
ATOM   682  C  CG2 . VAL B 1 35 ? 0.868   -8.240  -12.602 1.00 14.52  ? 34  VAL B CG2 1 
ATOM   683  N  N   . TRP B 1 36 ? 4.666   -9.968  -14.567 1.00 13.32  ? 35  TRP B N   1 
ATOM   684  C  CA  . TRP B 1 36 ? 5.589   -10.447 -15.615 1.00 14.05  ? 35  TRP B CA  1 
ATOM   685  C  C   . TRP B 1 36 ? 5.834   -11.962 -15.493 1.00 13.28  ? 35  TRP B C   1 
ATOM   686  O  O   . TRP B 1 36 ? 5.772   -12.708 -16.495 1.00 13.50  ? 35  TRP B O   1 
ATOM   687  C  CB  . TRP B 1 36 ? 6.918   -9.685  -15.599 1.00 16.11  ? 35  TRP B CB  1 
ATOM   688  C  CG  . TRP B 1 36 ? 6.807   -8.320  -16.115 1.00 22.14  ? 35  TRP B CG  1 
ATOM   689  C  CD1 . TRP B 1 36 ? 5.851   -7.828  -16.966 1.00 25.80  ? 35  TRP B CD1 1 
ATOM   690  C  CD2 . TRP B 1 36 ? 7.709   -7.245  -15.851 1.00 24.83  ? 35  TRP B CD2 1 
ATOM   691  N  NE1 . TRP B 1 36 ? 6.088   -6.484  -17.221 1.00 26.93  ? 35  TRP B NE1 1 
ATOM   692  C  CE2 . TRP B 1 36 ? 7.225   -6.108  -16.555 1.00 25.96  ? 35  TRP B CE2 1 
ATOM   693  C  CE3 . TRP B 1 36 ? 8.881   -7.126  -15.087 1.00 25.86  ? 35  TRP B CE3 1 
ATOM   694  C  CZ2 . TRP B 1 36 ? 7.866   -4.858  -16.493 1.00 26.05  ? 35  TRP B CZ2 1 
ATOM   695  C  CZ3 . TRP B 1 36 ? 9.518   -5.894  -15.036 1.00 26.30  ? 35  TRP B CZ3 1 
ATOM   696  C  CH2 . TRP B 1 36 ? 9.008   -4.777  -15.749 1.00 25.36  ? 35  TRP B CH2 1 
ATOM   697  N  N   . GLY B 1 37 ? 6.012   -12.407 -14.258 1.00 11.95  ? 36  GLY B N   1 
ATOM   698  C  CA  . GLY B 1 37 ? 6.238   -13.831 -13.998 1.00 11.68  ? 36  GLY B CA  1 
ATOM   699  C  C   . GLY B 1 37 ? 5.062   -14.678 -14.452 1.00 12.39  ? 36  GLY B C   1 
ATOM   700  O  O   . GLY B 1 37 ? 5.226   -15.771 -15.053 1.00 12.39  ? 36  GLY B O   1 
ATOM   701  N  N   . ILE B 1 38 ? 3.855   -14.262 -14.133 1.00 12.13  ? 37  ILE B N   1 
ATOM   702  C  CA  . ILE B 1 38 ? 2.651   -14.983 -14.521 1.00 12.89  ? 37  ILE B CA  1 
ATOM   703  C  C   . ILE B 1 38 ? 2.565   -14.977 -16.054 1.00 12.79  ? 37  ILE B C   1 
ATOM   704  O  O   . ILE B 1 38 ? 2.243   -16.015 -16.663 1.00 12.74  ? 37  ILE B O   1 
ATOM   705  C  CB  . ILE B 1 38 ? 1.420   -14.337 -13.878 1.00 12.21  ? 37  ILE B CB  1 
ATOM   706  C  CG1 . ILE B 1 38 ? 1.462   -14.591 -12.357 1.00 13.14  ? 37  ILE B CG1 1 
ATOM   707  C  CG2 . ILE B 1 38 ? 0.096   -14.812 -14.528 1.00 14.44  ? 37  ILE B CG2 1 
ATOM   708  C  CD1 . ILE B 1 38 ? 0.543   -13.618 -11.597 1.00 15.02  ? 37  ILE B CD1 1 
ATOM   709  N  N   . LYS B 1 39 ? 2.799   -13.844 -16.713 1.00 13.62  ? 38  LYS B N   1 
ATOM   710  C  CA  . LYS B 1 39 ? 2.683   -13.792 -18.182 1.00 14.82  ? 38  LYS B CA  1 
ATOM   711  C  C   . LYS B 1 39 ? 3.710   -14.712 -18.834 1.00 14.35  ? 38  LYS B C   1 
ATOM   712  O  O   . LYS B 1 39 ? 3.412   -15.370 -19.865 1.00 15.69  ? 38  LYS B O   1 
ATOM   713  C  CB  . LYS B 1 39 ? 2.854   -12.336 -18.618 1.00 15.36  ? 38  LYS B CB  1 
ATOM   714  C  CG  . LYS B 1 39 ? 1.653   -11.460 -18.262 1.00 17.19  ? 38  LYS B CG  1 
ATOM   715  C  CD  . LYS B 1 39 ? 1.838   -9.978  -18.646 1.00 19.32  ? 38  LYS B CD  1 
ATOM   716  C  CE  . LYS B 1 39 ? 0.513   -9.218  -18.369 1.00 23.49  ? 38  LYS B CE  1 
ATOM   717  N  NZ  . LYS B 1 39 ? -0.672  -9.662  -19.188 1.00 29.83  ? 38  LYS B NZ  1 
ATOM   718  N  N   . GLN B 1 40 ? 4.890   -14.819 -18.234 1.00 14.38  ? 39  GLN B N   1 
ATOM   719  C  CA  . GLN B 1 40 ? 5.938   -15.754 -18.760 1.00 14.04  ? 39  GLN B CA  1 
ATOM   720  C  C   . GLN B 1 40 ? 5.437   -17.178 -18.645 1.00 14.25  ? 39  GLN B C   1 
ATOM   721  O  O   . GLN B 1 40 ? 5.588   -17.956 -19.617 1.00 15.32  ? 39  GLN B O   1 
ATOM   722  C  CB  . GLN B 1 40 ? 7.275   -15.601 -18.082 1.00 14.57  ? 39  GLN B CB  1 
ATOM   723  C  CG  . GLN B 1 40 ? 7.894   -14.228 -18.405 1.00 19.67  ? 39  GLN B CG  1 
ATOM   724  C  CD  . GLN B 1 40 ? 9.060   -13.869 -17.524 1.00 29.03  ? 39  GLN B CD  1 
ATOM   725  O  OE1 . GLN B 1 40 ? 9.288   -14.479 -16.466 1.00 32.85  ? 39  GLN B OE1 1 
ATOM   726  N  NE2 . GLN B 1 40 ? 9.807   -12.848 -17.944 1.00 32.78  ? 39  GLN B NE2 1 
ATOM   727  N  N   . LEU B 1 41 ? 4.780   -17.530 -17.540 1.00 12.83  ? 40  LEU B N   1 
ATOM   728  C  CA  . LEU B 1 41 ? 4.249   -18.914 -17.376 1.00 13.94  ? 40  LEU B CA  1 
ATOM   729  C  C   . LEU B 1 41 ? 3.109   -19.151 -18.371 1.00 15.54  ? 40  LEU B C   1 
ATOM   730  O  O   . LEU B 1 41 ? 2.980   -20.260 -18.969 1.00 14.63  ? 40  LEU B O   1 
ATOM   731  C  CB  . LEU B 1 41 ? 3.777   -19.151 -15.952 1.00 14.80  ? 40  LEU B CB  1 
ATOM   732  C  CG  . LEU B 1 41 ? 4.921   -19.263 -14.976 1.00 14.14  ? 40  LEU B CG  1 
ATOM   733  C  CD1 . LEU B 1 41 ? 4.437   -19.154 -13.519 1.00 15.74  ? 40  LEU B CD1 1 
ATOM   734  C  CD2 . LEU B 1 41 ? 5.704   -20.578 -15.104 1.00 16.57  ? 40  LEU B CD2 1 
ATOM   735  N  N   . GLN B 1 42 ? 2.236   -18.168 -18.559 1.00 14.26  ? 41  GLN B N   1 
ATOM   736  C  CA  . GLN B 1 42 ? 1.147   -18.303 -19.567 1.00 14.87  ? 41  GLN B CA  1 
ATOM   737  C  C   . GLN B 1 42 ? 1.706   -18.545 -20.948 1.00 15.89  ? 41  GLN B C   1 
ATOM   738  O  O   . GLN B 1 42 ? 1.176   -19.378 -21.725 1.00 17.17  ? 41  GLN B O   1 
ATOM   739  C  CB  . GLN B 1 42 ? 0.315   -17.009 -19.610 1.00 14.98  ? 41  GLN B CB  1 
ATOM   740  C  CG  . GLN B 1 42 ? -0.421  -16.747 -18.313 1.00 15.74  ? 41  GLN B CG  1 
ATOM   741  C  CD  . GLN B 1 42 ? -1.141  -15.425 -18.306 1.00 15.67  ? 41  GLN B CD  1 
ATOM   742  O  OE1 . GLN B 1 42 ? -0.786  -14.516 -19.050 1.00 23.08  ? 41  GLN B OE1 1 
ATOM   743  N  NE2 . GLN B 1 42 ? -2.168  -15.326 -17.495 1.00 21.09  ? 41  GLN B NE2 1 
ATOM   744  N  N   . ALA B 1 43 ? 2.800   -17.870 -21.277 1.00 16.51  ? 42  ALA B N   1 
ATOM   745  C  CA  . ALA B 1 43 ? 3.332   -18.030 -22.631 1.00 17.26  ? 42  ALA B CA  1 
ATOM   746  C  C   . ALA B 1 43 ? 3.921   -19.418 -22.799 1.00 20.12  ? 42  ALA B C   1 
ATOM   747  O  O   . ALA B 1 43 ? 3.843   -19.960 -23.930 1.00 20.99  ? 42  ALA B O   1 
ATOM   748  C  CB  . ALA B 1 43 ? 4.356   -16.950 -22.961 1.00 18.09  ? 42  ALA B CB  1 
ATOM   749  N  N   . ARG B 1 44 ? 4.512   -19.976 -21.724 1.00 19.78  ? 43  ARG B N   1 
ATOM   750  C  CA  . ARG B 1 44 ? 5.154   -21.290 -21.795 1.00 21.27  ? 43  ARG B CA  1 
ATOM   751  C  C   . ARG B 1 44 ? 4.143   -22.340 -22.131 1.00 20.35  ? 43  ARG B C   1 
ATOM   752  O  O   . ARG B 1 44 ? 4.456   -23.269 -22.902 1.00 21.68  ? 43  ARG B O   1 
ATOM   753  C  CB  . ARG B 1 44 ? 5.921   -21.628 -20.536 1.00 22.39  ? 43  ARG B CB  1 
ATOM   754  C  CG  . ARG B 1 44 ? 7.197   -20.822 -20.498 1.00 25.72  ? 43  ARG B CG  1 
ATOM   755  C  CD  . ARG B 1 44 ? 8.367   -21.672 -20.057 1.00 32.90  ? 43  ARG B CD  1 
ATOM   756  N  NE  . ARG B 1 44 ? 8.373   -21.815 -18.610 1.00 38.21  ? 43  ARG B NE  1 
ATOM   757  C  CZ  . ARG B 1 44 ? 9.459   -21.972 -17.863 1.00 37.88  ? 43  ARG B CZ  1 
ATOM   758  N  NH1 . ARG B 1 44 ? 10.677  -22.056 -18.412 1.00 38.91  ? 43  ARG B NH1 1 
ATOM   759  N  NH2 . ARG B 1 44 ? 9.313   -22.087 -16.555 1.00 38.93  ? 43  ARG B NH2 1 
ATOM   760  N  N   . ILE B 1 45 ? 2.949   -22.225 -21.582 1.00 19.05  ? 44  ILE B N   1 
ATOM   761  C  CA  . ILE B 1 45 ? 1.966   -23.300 -21.760 1.00 19.96  ? 44  ILE B CA  1 
ATOM   762  C  C   . ILE B 1 45 ? 1.008   -23.118 -22.920 1.00 21.25  ? 44  ILE B C   1 
ATOM   763  O  O   . ILE B 1 45 ? 0.132   -23.974 -23.161 1.00 22.49  ? 44  ILE B O   1 
ATOM   764  C  CB  . ILE B 1 45 ? 1.199   -23.591 -20.458 1.00 20.01  ? 44  ILE B CB  1 
ATOM   765  C  CG1 . ILE B 1 45 ? 0.279   -22.456 -20.076 1.00 19.87  ? 44  ILE B CG1 1 
ATOM   766  C  CG2 . ILE B 1 45 ? 2.212   -23.831 -19.377 1.00 16.57  ? 44  ILE B CG2 1 
ATOM   767  C  CD1 . ILE B 1 45 ? -0.591  -22.756 -18.859 1.00 19.32  ? 44  ILE B CD1 1 
ATOM   768  N  N   . LEU B 1 46 ? 1.186   -22.016 -23.653 1.00 21.93  ? 45  LEU B N   1 
ATOM   769  C  CA  . LEU B 1 46 ? 0.412   -21.735 -24.853 1.00 24.58  ? 45  LEU B CA  1 
ATOM   770  C  C   . LEU B 1 46 ? 0.761   -22.729 -25.959 1.00 24.60  ? 45  LEU B C   1 
ATOM   771  O  O   . LEU B 1 46 ? 1.937   -23.036 -26.172 1.00 25.15  ? 45  LEU B O   1 
ATOM   772  C  CB  . LEU B 1 46 ? 0.714   -20.301 -25.297 1.00 24.43  ? 45  LEU B CB  1 
ATOM   773  C  CG  . LEU B 1 46 ? 0.087   -19.815 -26.594 1.00 25.13  ? 45  LEU B CG  1 
ATOM   774  C  CD1 . LEU B 1 46 ? -1.436  -19.889 -26.546 1.00 24.90  ? 45  LEU B CD1 1 
ATOM   775  C  CD2 . LEU B 1 46 ? 0.568   -18.419 -26.920 1.00 27.04  ? 45  LEU B CD2 1 
ATOM   776  O  OXT . LEU B 1 46 ? -0.126  -23.234 -26.675 1.00 27.93  ? 45  LEU B OXT 1 
HETATM 777  C  C   . ACE C 1 1  ? -10.198 26.237  17.115  1.00 19.53  ? 0   ACE C C   1 
HETATM 778  O  O   . ACE C 1 1  ? -10.371 24.996  16.963  1.00 19.84  ? 0   ACE C O   1 
HETATM 779  C  CH3 . ACE C 1 1  ? -10.976 27.002  18.092  1.00 19.86  ? 0   ACE C CH3 1 
ATOM   780  N  N   . ARG C 1 2  ? -9.352  26.959  16.410  1.00 18.39  ? 1   ARG C N   1 
ATOM   781  C  CA  . ARG C 1 2  ? -8.600  26.431  15.282  1.00 17.93  ? 1   ARG C CA  1 
ATOM   782  C  C   . ARG C 1 2  ? -7.680  25.329  15.757  1.00 19.00  ? 1   ARG C C   1 
ATOM   783  O  O   . ARG C 1 2  ? -7.491  24.368  15.017  1.00 16.99  ? 1   ARG C O   1 
ATOM   784  C  CB  . ARG C 1 2  ? -7.791  27.522  14.624  1.00 14.88  ? 1   ARG C CB  1 
ATOM   785  C  CG  . ARG C 1 2  ? -8.711  28.398  13.857  1.00 19.00  ? 1   ARG C CG  1 
ATOM   786  C  CD  . ARG C 1 2  ? -8.044  29.696  13.497  1.00 20.69  ? 1   ARG C CD  1 
ATOM   787  N  NE  . ARG C 1 2  ? -7.078  29.496  12.426  1.00 17.02  ? 1   ARG C NE  1 
ATOM   788  C  CZ  . ARG C 1 2  ? -6.238  30.394  11.936  1.00 19.73  ? 1   ARG C CZ  1 
ATOM   789  N  NH1 . ARG C 1 2  ? -6.187  31.631  12.427  1.00 18.36  ? 1   ARG C NH1 1 
ATOM   790  N  NH2 . ARG C 1 2  ? -5.430  30.094  10.944  1.00 19.78  ? 1   ARG C NH2 1 
ATOM   791  N  N   . MET C 1 3  ? -7.066  25.519  16.940  1.00 19.69  ? 2   MET C N   1 
ATOM   792  C  CA  . MET C 1 3  ? -6.190  24.525  17.578  1.00 21.10  ? 2   MET C CA  1 
ATOM   793  C  C   . MET C 1 3  ? -6.934  23.228  17.928  1.00 18.78  ? 2   MET C C   1 
ATOM   794  O  O   . MET C 1 3  ? -6.469  22.144  17.603  1.00 16.47  ? 2   MET C O   1 
ATOM   795  C  CB  . MET C 1 3  ? -5.614  25.083  18.885  1.00 22.76  ? 2   MET C CB  1 
ATOM   796  C  CG  . MET C 1 3  ? -4.586  26.124  18.684  1.00 24.37  ? 2   MET C CG  1 
ATOM   797  S  SD  . MET C 1 3  ? -4.086  26.705  20.323  1.00 28.41  ? 2   MET C SD  1 
ATOM   798  C  CE  . MET C 1 3  ? -3.028  28.081  19.883  1.00 29.71  ? 2   MET C CE  1 
ATOM   799  N  N   . LYS C 1 4  ? -8.061  23.346  18.586  1.00 17.90  ? 3   LYS C N   1 
ATOM   800  C  CA  . LYS C 1 4  ? -8.900  22.183  18.914  1.00 17.10  ? 3   LYS C CA  1 
ATOM   801  C  C   . LYS C 1 4  ? -9.378  21.410  17.660  1.00 15.97  ? 3   LYS C C   1 
ATOM   802  O  O   . LYS C 1 4  ? -9.363  20.141  17.624  1.00 15.03  ? 3   LYS C O   1 
ATOM   803  C  CB  . LYS C 1 4  ? -10.083 22.588  19.790  1.00 19.48  ? 3   LYS C CB  1 
ATOM   804  C  CG  . LYS C 1 4  ? -10.970 21.496  20.219  1.00 18.23  ? 3   LYS C CG  1 
ATOM   805  C  CD  . LYS C 1 4  ? -10.248 20.255  20.785  1.00 22.94  ? 3   LYS C CD  1 
ATOM   806  C  CE  . LYS C 1 4  ? -11.230 19.312  21.509  1.00 27.59  ? 3   LYS C CE  1 
ATOM   807  N  NZ  . LYS C 1 4  ? -12.252 18.627  20.636  1.00 28.49  ? 3   LYS C NZ  1 
ATOM   808  N  N   . GLN C 1 5  ? -9.736  22.145  16.603  1.00 14.76  ? 4   GLN C N   1 
ATOM   809  C  CA  . GLN C 1 5  ? -10.139 21.557  15.337  1.00 14.36  ? 4   GLN C CA  1 
ATOM   810  C  C   . GLN C 1 5  ? -8.950  20.819  14.762  1.00 12.44  ? 4   GLN C C   1 
ATOM   811  O  O   . GLN C 1 5  ? -9.087  19.656  14.262  1.00 12.75  ? 4   GLN C O   1 
ATOM   812  C  CB  . GLN C 1 5  ? -10.578 22.629  14.350  1.00 15.51  ? 4   GLN C CB  1 
ATOM   813  C  CG  . GLN C 1 5  ? -11.058 22.089  13.013  1.00 18.29  ? 4   GLN C CG  1 
ATOM   814  C  CD  . GLN C 1 5  ? -12.075 20.973  13.226  1.00 21.39  ? 4   GLN C CD  1 
ATOM   815  O  OE1 . GLN C 1 5  ? -13.148 21.193  13.771  1.00 25.11  ? 4   GLN C OE1 1 
ATOM   816  N  NE2 . GLN C 1 5  ? -11.708 19.738  12.831  1.00 26.73  ? 4   GLN C NE2 1 
ATOM   817  N  N   . ILE C 1 6  ? -7.766  21.430  14.807  1.00 12.64  ? 5   ILE C N   1 
ATOM   818  C  CA  . ILE C 1 6  ? -6.556  20.783  14.323  1.00 14.84  ? 5   ILE C CA  1 
ATOM   819  C  C   . ILE C 1 6  ? -6.274  19.487  15.103  1.00 13.61  ? 5   ILE C C   1 
ATOM   820  O  O   . ILE C 1 6  ? -5.974  18.460  14.508  1.00 13.73  ? 5   ILE C O   1 
ATOM   821  C  CB  . ILE C 1 6  ? -5.339  21.723  14.403  1.00 16.50  ? 5   ILE C CB  1 
ATOM   822  C  CG1 . ILE C 1 6  ? -5.477  22.815  13.299  1.00 17.37  ? 5   ILE C CG1 1 
ATOM   823  C  CG2 . ILE C 1 6  ? -4.068  20.946  14.237  1.00 18.14  ? 5   ILE C CG2 1 
ATOM   824  C  CD1 . ILE C 1 6  ? -4.875  24.229  13.726  1.00 25.09  ? 5   ILE C CD1 1 
ATOM   825  N  N   . GLU C 1 7  ? -6.398  19.537  16.431  1.00 12.14  ? 6   GLU C N   1 
ATOM   826  C  CA  . GLU C 1 7  ? -6.173  18.352  17.273  1.00 12.74  ? 6   GLU C CA  1 
ATOM   827  C  C   . GLU C 1 7  ? -7.156  17.255  16.865  1.00 12.26  ? 6   GLU C C   1 
ATOM   828  O  O   . GLU C 1 7  ? -6.755  16.077  16.751  1.00 13.40  ? 6   GLU C O   1 
ATOM   829  C  CB  . GLU C 1 7  ? -6.260  18.722  18.760  1.00 13.71  ? 6   GLU C CB  1 
ATOM   830  C  CG  . GLU C 1 7  ? -5.131  19.611  19.170  1.00 12.75  ? 6   GLU C CG  1 
ATOM   831  C  CD  . GLU C 1 7  ? -5.311  20.301  20.519  1.00 13.96  ? 6   GLU C CD  1 
ATOM   832  O  OE1 . GLU C 1 7  ? -6.431  20.310  21.049  1.00 17.11  ? 6   GLU C OE1 1 
ATOM   833  O  OE2 . GLU C 1 7  ? -4.257  20.788  20.971  1.00 16.89  ? 6   GLU C OE2 1 
ATOM   834  N  N   . ASP C 1 8  ? -8.423  17.588  16.633  1.00 13.55  ? 7   ASP C N   1 
ATOM   835  C  CA  . ASP C 1 8  ? -9.421  16.600  16.238  1.00 14.76  ? 7   ASP C CA  1 
ATOM   836  C  C   . ASP C 1 8  ? -9.051  15.981  14.897  1.00 13.98  ? 7   ASP C C   1 
ATOM   837  O  O   . ASP C 1 8  ? -9.156  14.753  14.686  1.00 14.71  ? 7   ASP C O   1 
ATOM   838  C  CB  . ASP C 1 8  ? -10.799 17.240  16.193  1.00 14.52  ? 7   ASP C CB  1 
ATOM   839  C  CG  . ASP C 1 8  ? -11.305 17.639  17.582  1.00 17.14  ? 7   ASP C CG  1 
ATOM   840  O  OD1 . ASP C 1 8  ? -10.832 17.146  18.633  1.00 20.48  ? 7   ASP C OD1 1 
ATOM   841  O  OD2 . ASP C 1 8  ? -12.261 18.483  17.639  1.00 22.21  ? 7   ASP C OD2 1 
ATOM   842  N  N   . LYS C 1 9  ? -8.629  16.795  13.970  1.00 12.43  ? 8   LYS C N   1 
ATOM   843  C  CA  . LYS C 1 9  ? -8.199  16.320  12.646  1.00 13.54  ? 8   LYS C CA  1 
ATOM   844  C  C   . LYS C 1 9  ? -6.967  15.425  12.769  1.00 13.83  ? 8   LYS C C   1 
ATOM   845  O  O   . LYS C 1 9  ? -6.887  14.385  12.073  1.00 15.72  ? 8   LYS C O   1 
ATOM   846  C  CB  . LYS C 1 9  ? -7.939  17.478  11.674  1.00 15.08  ? 8   LYS C CB  1 
ATOM   847  C  CG  . LYS C 1 9  ? -9.183  18.146  11.173  1.00 17.96  ? 8   LYS C CG  1 
ATOM   848  C  CD  . LYS C 1 9  ? -8.878  19.295  10.260  1.00 23.58  ? 8   LYS C CD  1 
ATOM   849  C  CE  . LYS C 1 9  ? -10.201 19.913  9.829   1.00 26.51  ? 8   LYS C CE  1 
ATOM   850  N  NZ  . LYS C 1 9  ? -10.189 21.377  9.550   1.00 29.99  ? 8   LYS C NZ  1 
ATOM   851  N  N   . ILE C 1 10 ? -6.004  15.789  13.617  1.00 12.95  ? 9   ILE C N   1 
ATOM   852  C  CA  . ILE C 1 10 ? -4.832  14.923  13.857  1.00 14.88  ? 9   ILE C CA  1 
ATOM   853  C  C   . ILE C 1 10 ? -5.253  13.551  14.337  1.00 15.72  ? 9   ILE C C   1 
ATOM   854  O  O   . ILE C 1 10 ? -4.765  12.524  13.832  1.00 15.66  ? 9   ILE C O   1 
ATOM   855  C  CB  . ILE C 1 10 ? -3.832  15.601  14.809  1.00 15.33  ? 9   ILE C CB  1 
ATOM   856  C  CG1 . ILE C 1 10 ? -3.099  16.722  14.077  1.00 17.49  ? 9   ILE C CG1 1 
ATOM   857  C  CG2 . ILE C 1 10 ? -2.876  14.558  15.374  1.00 18.85  ? 9   ILE C CG2 1 
ATOM   858  C  CD1 . ILE C 1 10 ? -2.344  17.594  15.076  1.00 17.90  ? 9   ILE C CD1 1 
ATOM   859  N  N   . GLU C 1 11 ? -6.168  13.491  15.312  1.00 15.38  ? 10  GLU C N   1 
ATOM   860  C  CA  . GLU C 1 11 ? -6.619  12.201  15.855  1.00 15.11  ? 10  GLU C CA  1 
ATOM   861  C  C   . GLU C 1 11 ? -7.221  11.361  14.734  1.00 14.62  ? 10  GLU C C   1 
ATOM   862  O  O   . GLU C 1 11 ? -6.958  10.123  14.662  1.00 15.69  ? 10  GLU C O   1 
ATOM   863  C  CB  . GLU C 1 11 ? -7.655  12.396  16.954  1.00 17.80  ? 10  GLU C CB  1 
ATOM   864  C  CG  . GLU C 1 11 ? -8.193  11.122  17.582  1.00 24.58  ? 10  GLU C CG  1 
ATOM   865  C  CD  . GLU C 1 11 ? -9.656  11.233  18.013  1.00 31.90  ? 10  GLU C CD  1 
ATOM   866  O  OE1 . GLU C 1 11 ? -10.361 10.191  17.974  1.00 35.62  ? 10  GLU C OE1 1 
ATOM   867  O  OE2 . GLU C 1 11 ? -10.108 12.348  18.387  1.00 36.94  ? 10  GLU C OE2 1 
ATOM   868  N  N   . GLU C 1 12 ? -7.994  11.969  13.838  1.00 14.58  ? 11  GLU C N   1 
ATOM   869  C  CA  . GLU C 1 12 ? -8.591  11.288  12.671  1.00 16.24  ? 11  GLU C CA  1 
ATOM   870  C  C   . GLU C 1 12 ? -7.527  10.741  11.713  1.00 14.24  ? 11  GLU C C   1 
ATOM   871  O  O   . GLU C 1 12 ? -7.602  9.554   11.264  1.00 14.92  ? 11  GLU C O   1 
ATOM   872  C  CB  . GLU C 1 12 ? -9.481  12.245  11.860  1.00 17.48  ? 11  GLU C CB  1 
ATOM   873  C  CG  . GLU C 1 12 ? -10.258 11.543  10.736  1.00 21.18  ? 11  GLU C CG  1 
ATOM   874  C  CD  . GLU C 1 12 ? -11.362 12.411  10.153  1.00 22.80  ? 11  GLU C CD  1 
ATOM   875  O  OE1 . GLU C 1 12 ? -11.062 13.460  9.521   1.00 29.61  ? 11  GLU C OE1 1 
ATOM   876  O  OE2 . GLU C 1 12 ? -12.533 12.046  10.364  1.00 29.50  ? 11  GLU C OE2 1 
ATOM   877  N  N   . ILE C 1 13 ? -6.571  11.602  11.372  1.00 13.20  ? 12  ILE C N   1 
ATOM   878  C  CA  . ILE C 1 13 ? -5.494  11.241  10.491  1.00 11.93  ? 12  ILE C CA  1 
ATOM   879  C  C   . ILE C 1 13 ? -4.699  10.073  11.072  1.00 13.04  ? 12  ILE C C   1 
ATOM   880  O  O   . ILE C 1 13 ? -4.399  9.099   10.362  1.00 12.54  ? 12  ILE C O   1 
ATOM   881  C  CB  . ILE C 1 13 ? -4.596  12.462  10.213  1.00 12.90  ? 12  ILE C CB  1 
ATOM   882  C  CG1 . ILE C 1 13 ? -5.295  13.431  9.270   1.00 14.02  ? 12  ILE C CG1 1 
ATOM   883  C  CG2 . ILE C 1 13 ? -3.301  12.012  9.522   1.00 13.66  ? 12  ILE C CG2 1 
ATOM   884  C  CD1 . ILE C 1 13 ? -4.740  14.861  9.432   1.00 15.22  ? 12  ILE C CD1 1 
ATOM   885  N  N   . GLU C 1 14 ? -4.394  10.135  12.357  1.00 12.76  ? 13  GLU C N   1 
ATOM   886  C  CA  . GLU C 1 14 ? -3.611  9.062   12.985  1.00 14.41  ? 13  GLU C CA  1 
ATOM   887  C  C   . GLU C 1 14 ? -4.375  7.738   12.952  1.00 14.77  ? 13  GLU C C   1 
ATOM   888  O  O   . GLU C 1 14 ? -3.789  6.648   12.696  1.00 13.72  ? 13  GLU C O   1 
ATOM   889  C  CB  . GLU C 1 14 ? -3.236  9.435   14.430  1.00 14.54  ? 13  GLU C CB  1 
ATOM   890  C  CG  . GLU C 1 14 ? -2.251  10.599  14.517  1.00 16.32  ? 13  GLU C CG  1 
ATOM   891  C  CD  . GLU C 1 14 ? -2.057  11.196  15.946  1.00 20.55  ? 13  GLU C CD  1 
ATOM   892  O  OE1 . GLU C 1 14 ? -2.939  11.064  16.816  1.00 23.57  ? 13  GLU C OE1 1 
ATOM   893  O  OE2 . GLU C 1 14 ? -1.029  11.864  16.162  1.00 25.82  ? 13  GLU C OE2 1 
ATOM   894  N  N   . SER C 1 15 ? -5.678  7.789   13.154  1.00 13.59  ? 14  SER C N   1 
ATOM   895  C  CA  . SER C 1 15 ? -6.492  6.603   13.120  1.00 16.11  ? 14  SER C CA  1 
ATOM   896  C  C   . SER C 1 15 ? -6.450  5.952   11.755  1.00 15.91  ? 14  SER C C   1 
ATOM   897  O  O   . SER C 1 15 ? -6.253  4.725   11.639  1.00 17.05  ? 14  SER C O   1 
ATOM   898  C  CB  . SER C 1 15 ? -7.931  6.968   13.440  1.00 17.23  ? 14  SER C CB  1 
ATOM   899  O  OG  . SER C 1 15 ? -8.649  5.788   13.668  1.00 24.26  ? 14  SER C OG  1 
ATOM   900  N  N   . LYS C 1 16 ? -6.571  6.764   10.716  1.00 15.80  ? 15  LYS C N   1 
ATOM   901  C  CA  . LYS C 1 16 ? -6.633  6.275   9.342   1.00 15.55  ? 15  LYS C CA  1 
ATOM   902  C  C   . LYS C 1 16 ? -5.253  5.760   8.977   1.00 15.61  ? 15  LYS C C   1 
ATOM   903  O  O   . LYS C 1 16 ? -5.114  4.756   8.250   1.00 14.95  ? 15  LYS C O   1 
ATOM   904  C  CB  . LYS C 1 16 ? -7.053  7.385   8.396   1.00 16.03  ? 15  LYS C CB  1 
ATOM   905  C  CG  . LYS C 1 16 ? -7.114  7.083   6.918   1.00 20.43  ? 15  LYS C CG  1 
ATOM   906  C  CD  . LYS C 1 16 ? -7.937  8.157   6.211   1.00 28.73  ? 15  LYS C CD  1 
ATOM   907  C  CE  . LYS C 1 16 ? -9.423  8.057   6.506   1.00 31.18  ? 15  LYS C CE  1 
ATOM   908  N  NZ  . LYS C 1 16 ? -10.003 6.949   5.747   1.00 29.63  ? 15  LYS C NZ  1 
ATOM   909  N  N   . GLN C 1 17 ? -4.217  6.421   9.477   1.00 15.08  ? 16  GLN C N   1 
ATOM   910  C  CA  . GLN C 1 17 ? -2.854  6.004   9.152   1.00 14.31  ? 16  GLN C CA  1 
ATOM   911  C  C   . GLN C 1 17 ? -2.598  4.610   9.707   1.00 14.41  ? 16  GLN C C   1 
ATOM   912  O  O   . GLN C 1 17 ? -1.994  3.757   9.029   1.00 13.76  ? 16  GLN C O   1 
ATOM   913  C  CB  . GLN C 1 17 ? -1.873  7.039   9.702   1.00 16.76  ? 16  GLN C CB  1 
ATOM   914  C  CG  . GLN C 1 17 ? -0.436  6.809   9.283   1.00 19.51  ? 16  GLN C CG  1 
ATOM   915  C  CD  . GLN C 1 17 ? 0.410   8.065   9.520   1.00 23.40  ? 16  GLN C CD  1 
ATOM   916  O  OE1 . GLN C 1 17 ? 0.670   8.433   10.661  1.00 24.40  ? 16  GLN C OE1 1 
ATOM   917  N  NE2 . GLN C 1 17 ? 0.815   8.725   8.455   1.00 20.96  ? 16  GLN C NE2 1 
ATOM   918  N  N   . LYS C 1 18 ? -3.084  4.330   10.906  1.00 13.36  ? 17  LYS C N   1 
ATOM   919  C  CA  . LYS C 1 18 ? -2.936  2.983   11.494  1.00 15.39  ? 17  LYS C CA  1 
ATOM   920  C  C   . LYS C 1 18 ? -3.666  1.966   10.644  1.00 14.22  ? 17  LYS C C   1 
ATOM   921  O  O   . LYS C 1 18 ? -3.120  0.861   10.353  1.00 15.42  ? 17  LYS C O   1 
ATOM   922  C  CB  . LYS C 1 18 ? -3.447  2.961   12.930  1.00 16.51  ? 17  LYS C CB  1 
ATOM   923  C  CG  . LYS C 1 18 ? -3.388  1.616   13.601  1.00 20.94  ? 17  LYS C CG  1 
ATOM   924  C  CD  . LYS C 1 18 ? -1.974  1.196   13.800  1.00 27.14  ? 17  LYS C CD  1 
ATOM   925  C  CE  . LYS C 1 18 ? -1.897  0.178   14.952  1.00 31.12  ? 17  LYS C CE  1 
ATOM   926  N  NZ  . LYS C 1 18 ? -0.675  -0.665  14.864  1.00 34.25  ? 17  LYS C NZ  1 
ATOM   927  N  N   . LYS C 1 19 ? -4.866  2.302   10.176  1.00 13.93  ? 18  LYS C N   1 
ATOM   928  C  CA  . LYS C 1 19 ? -5.615  1.390   9.278   1.00 14.45  ? 18  LYS C CA  1 
ATOM   929  C  C   . LYS C 1 19 ? -4.862  1.123   7.982   1.00 13.46  ? 18  LYS C C   1 
ATOM   930  O  O   . LYS C 1 19 ? -4.789  -0.026  7.465   1.00 15.64  ? 18  LYS C O   1 
ATOM   931  C  CB  . LYS C 1 19 ? -7.016  1.948   8.990   1.00 15.74  ? 18  LYS C CB  1 
ATOM   932  C  CG  . LYS C 1 19 ? -7.883  1.933   10.215  1.00 21.54  ? 18  LYS C CG  1 
ATOM   933  C  CD  . LYS C 1 19 ? -9.313  2.204   9.851   1.00 27.46  ? 18  LYS C CD  1 
ATOM   934  C  CE  . LYS C 1 19 ? -10.195 2.250   11.107  1.00 32.54  ? 18  LYS C CE  1 
ATOM   935  N  NZ  . LYS C 1 19 ? -9.629  3.234   12.087  1.00 32.39  ? 18  LYS C NZ  1 
ATOM   936  N  N   . ILE C 1 20 ? -4.274  2.180   7.438   1.00 13.38  ? 19  ILE C N   1 
ATOM   937  C  CA  . ILE C 1 20 ? -3.456  2.072   6.201   1.00 12.33  ? 19  ILE C CA  1 
ATOM   938  C  C   . ILE C 1 20 ? -2.243  1.175   6.449   1.00 14.46  ? 19  ILE C C   1 
ATOM   939  O  O   . ILE C 1 20 ? -1.932  0.324   5.646   1.00 13.04  ? 19  ILE C O   1 
ATOM   940  C  CB  . ILE C 1 20 ? -3.037  3.461   5.718   1.00 14.12  ? 19  ILE C CB  1 
ATOM   941  C  CG1 . ILE C 1 20 ? -4.274  4.108   5.145   1.00 13.58  ? 19  ILE C CG1 1 
ATOM   942  C  CG2 . ILE C 1 20 ? -1.899  3.411   4.707   1.00 15.09  ? 19  ILE C CG2 1 
ATOM   943  C  CD1 . ILE C 1 20 ? -4.112  5.603   5.027   1.00 13.99  ? 19  ILE C CD1 1 
ATOM   944  N  N   . GLU C 1 21 ? -1.561  1.364   7.560   1.00 13.29  ? 20  GLU C N   1 
ATOM   945  C  CA  . GLU C 1 21 ? -0.411  0.488   7.864   1.00 14.25  ? 20  GLU C CA  1 
ATOM   946  C  C   . GLU C 1 21 ? -0.851  -0.972  7.942   1.00 14.10  ? 20  GLU C C   1 
ATOM   947  O  O   . GLU C 1 21 ? -0.136  -1.872  7.441   1.00 14.34  ? 20  GLU C O   1 
ATOM   948  C  CB  . GLU C 1 21 ? 0.273   0.946   9.175   1.00 15.05  ? 20  GLU C CB  1 
ATOM   949  C  CG  . GLU C 1 21 ? 0.948   2.334   9.091   1.00 16.79  ? 20  GLU C CG  1 
ATOM   950  C  CD  . GLU C 1 21 ? 1.349   2.948   10.443  1.00 20.02  ? 20  GLU C CD  1 
ATOM   951  O  OE1 . GLU C 1 21 ? 0.871   2.501   11.489  1.00 25.54  ? 20  GLU C OE1 1 
ATOM   952  O  OE2 . GLU C 1 21 ? 2.103   3.929   10.438  1.00 27.55  ? 20  GLU C OE2 1 
ATOM   953  N  N   . ASN C 1 22 ? -2.009  -1.239  8.549   1.00 13.93  ? 21  ASN C N   1 
ATOM   954  C  CA  . ASN C 1 22 ? -2.468  -2.625  8.734   1.00 14.59  ? 21  ASN C CA  1 
ATOM   955  C  C   . ASN C 1 22 ? -2.802  -3.238  7.374   1.00 14.77  ? 21  ASN C C   1 
ATOM   956  O  O   . ASN C 1 22 ? -2.471  -4.423  7.098   1.00 15.70  ? 21  ASN C O   1 
ATOM   957  C  CB  . ASN C 1 22 ? -3.685  -2.686  9.671   1.00 16.13  ? 21  ASN C CB  1 
ATOM   958  C  CG  . ASN C 1 22 ? -3.310  -2.451  11.130  1.00 19.05  ? 21  ASN C CG  1 
ATOM   959  O  OD1 . ASN C 1 22 ? -4.192  -2.132  11.941  1.00 26.93  ? 21  ASN C OD1 1 
ATOM   960  N  ND2 . ASN C 1 22 ? -2.052  -2.599  11.479  1.00 21.51  ? 21  ASN C ND2 1 
ATOM   961  N  N   . GLU C 1 23 ? -3.433  -2.448  6.495   1.00 13.44  ? 22  GLU C N   1 
ATOM   962  C  CA  . GLU C 1 23 ? -3.751  -2.917  5.142   1.00 15.23  ? 22  GLU C CA  1 
ATOM   963  C  C   . GLU C 1 23 ? -2.477  -3.168  4.360   1.00 14.11  ? 22  GLU C C   1 
ATOM   964  O  O   . GLU C 1 23 ? -2.383  -4.164  3.582   1.00 15.05  ? 22  GLU C O   1 
ATOM   965  C  CB  . GLU C 1 23 ? -4.612  -1.944  4.349   1.00 17.60  ? 22  GLU C CB  1 
ATOM   966  C  CG  . GLU C 1 23 ? -5.330  -2.660  3.158   1.00 20.89  ? 22  GLU C CG  1 
ATOM   967  C  CD  . GLU C 1 23 ? -6.461  -3.649  3.581   1.00 27.92  ? 22  GLU C CD  1 
ATOM   968  O  OE1 . GLU C 1 23 ? -7.440  -3.804  2.816   1.00 32.26  ? 22  GLU C OE1 1 
ATOM   969  O  OE2 . GLU C 1 23 ? -6.375  -4.304  4.647   1.00 27.43  ? 22  GLU C OE2 1 
ATOM   970  N  N   . ILE C 1 24 ? -1.482  -2.297  4.461   1.00 12.86  ? 23  ILE C N   1 
ATOM   971  C  CA  . ILE C 1 24 ? -0.199  -2.592  3.794   1.00 13.03  ? 23  ILE C CA  1 
ATOM   972  C  C   . ILE C 1 24 ? 0.400   -3.903  4.286   1.00 14.36  ? 23  ILE C C   1 
ATOM   973  O  O   . ILE C 1 24 ? 0.924   -4.665  3.459   1.00 13.12  ? 23  ILE C O   1 
ATOM   974  C  CB  . ILE C 1 24 ? 0.771   -1.380  3.979   1.00 14.09  ? 23  ILE C CB  1 
ATOM   975  C  CG1 . ILE C 1 24 ? 0.201   -0.210  3.174   1.00 15.37  ? 23  ILE C CG1 1 
ATOM   976  C  CG2 . ILE C 1 24 ? 2.212   -1.763  3.665   1.00 15.07  ? 23  ILE C CG2 1 
ATOM   977  C  CD1 . ILE C 1 24 ? 0.982   1.032   3.305   1.00 19.51  ? 23  ILE C CD1 1 
ATOM   978  N  N   . ALA C 1 25 ? 0.281   -4.201  5.565   1.00 13.52  ? 24  ALA C N   1 
ATOM   979  C  CA  . ALA C 1 25 ? 0.858   -5.443  6.111   1.00 14.41  ? 24  ALA C CA  1 
ATOM   980  C  C   . ALA C 1 25 ? 0.135   -6.653  5.484   1.00 14.61  ? 24  ALA C C   1 
ATOM   981  O  O   . ALA C 1 25 ? 0.805   -7.653  5.114   1.00 14.92  ? 24  ALA C O   1 
ATOM   982  C  CB  . ALA C 1 25 ? 0.755   -5.441  7.633   1.00 13.94  ? 24  ALA C CB  1 
ATOM   983  N  N   . ARG C 1 26 ? -1.176  -6.568  5.301   1.00 13.95  ? 25  ARG C N   1 
ATOM   984  C  CA  . ARG C 1 26 ? -1.992  -7.648  4.691   1.00 15.78  ? 25  ARG C CA  1 
ATOM   985  C  C   . ARG C 1 26 ? -1.636  -7.814  3.227   1.00 15.82  ? 25  ARG C C   1 
ATOM   986  O  O   . ARG C 1 26 ? -1.449  -8.933  2.699   1.00 16.09  ? 25  ARG C O   1 
ATOM   987  C  CB  . ARG C 1 26 ? -3.495  -7.383  4.825   1.00 16.01  ? 25  ARG C CB  1 
ATOM   988  C  CG  . ARG C 1 26 ? -4.033  -7.479  6.262   1.00 21.20  ? 25  ARG C CG  1 
ATOM   989  C  CD  . ARG C 1 26 ? -5.516  -7.038  6.376   1.00 20.07  ? 25  ARG C CD  1 
ATOM   990  N  NE  . ARG C 1 26 ? -5.870  -6.786  7.779   1.00 28.19  ? 25  ARG C NE  1 
ATOM   991  C  CZ  . ARG C 1 26 ? -6.228  -5.609  8.289   1.00 28.62  ? 25  ARG C CZ  1 
ATOM   992  N  NH1 . ARG C 1 26 ? -6.337  -4.533  7.519   1.00 27.47  ? 25  ARG C NH1 1 
ATOM   993  N  NH2 . ARG C 1 26 ? -6.511  -5.519  9.587   1.00 33.42  ? 25  ARG C NH2 1 
ATOM   994  N  N   . ILE C 1 27 ? -1.481  -6.710  2.533   1.00 14.46  ? 26  ILE C N   1 
ATOM   995  C  CA  . ILE C 1 27 ? -1.046  -6.761  1.134   1.00 13.85  ? 26  ILE C CA  1 
ATOM   996  C  C   . ILE C 1 27 ? 0.313   -7.412  0.964   1.00 14.22  ? 26  ILE C C   1 
ATOM   997  O  O   . ILE C 1 27 ? 0.506   -8.231  0.044   1.00 14.35  ? 26  ILE C O   1 
ATOM   998  C  CB  . ILE C 1 27 ? -1.070  -5.316  0.509   1.00 14.43  ? 26  ILE C CB  1 
ATOM   999  C  CG1 . ILE C 1 27 ? -2.505  -4.859  0.372   1.00 14.42  ? 26  ILE C CG1 1 
ATOM   1000 C  CG2 . ILE C 1 27 ? -0.277  -5.218  -0.841  1.00 14.80  ? 26  ILE C CG2 1 
ATOM   1001 C  CD1 . ILE C 1 27 ? -2.656  -3.347  0.037   1.00 15.22  ? 26  ILE C CD1 1 
ATOM   1002 N  N   . LYS C 1 28 ? 1.271   -7.042  1.789   1.00 14.25  ? 27  LYS C N   1 
ATOM   1003 C  CA  . LYS C 1 28 ? 2.635   -7.591  1.713   1.00 14.15  ? 27  LYS C CA  1 
ATOM   1004 C  C   . LYS C 1 28 ? 2.599   -9.092  1.912   1.00 14.87  ? 27  LYS C C   1 
ATOM   1005 O  O   . LYS C 1 28 ? 3.289   -9.816  1.149   1.00 15.24  ? 27  LYS C O   1 
ATOM   1006 C  CB  . LYS C 1 28 ? 3.507   -6.887  2.748   1.00 14.11  ? 27  LYS C CB  1 
ATOM   1007 C  CG  . LYS C 1 28 ? 3.857   -5.492  2.326   1.00 17.60  ? 27  LYS C CG  1 
ATOM   1008 C  CD  . LYS C 1 28 ? 4.410   -4.703  3.478   1.00 21.95  ? 27  LYS C CD  1 
ATOM   1009 C  CE  . LYS C 1 28 ? 5.705   -5.250  3.985   1.00 23.61  ? 27  LYS C CE  1 
ATOM   1010 N  NZ  . LYS C 1 28 ? 6.181   -4.356  5.088   1.00 24.29  ? 27  LYS C NZ  1 
ATOM   1011 N  N   . LYS C 1 29 ? 1.799   -9.569  2.850   1.00 13.76  ? 28  LYS C N   1 
ATOM   1012 C  CA  . LYS C 1 29 ? 1.711   -11.019 3.096   1.00 15.42  ? 28  LYS C CA  1 
ATOM   1013 C  C   . LYS C 1 29 ? 1.128   -11.700 1.866   1.00 16.05  ? 28  LYS C C   1 
ATOM   1014 O  O   . LYS C 1 29 ? 1.690   -12.728 1.343   1.00 14.34  ? 28  LYS C O   1 
ATOM   1015 C  CB  . LYS C 1 29 ? 0.829   -11.241 4.304   1.00 16.48  ? 28  LYS C CB  1 
ATOM   1016 C  CG  . LYS C 1 29 ? 1.479   -10.919 5.644   1.00 22.41  ? 28  LYS C CG  1 
ATOM   1017 C  CD  . LYS C 1 29 ? 0.505   -10.330 6.665   1.00 29.42  ? 28  LYS C CD  1 
ATOM   1018 C  CE  . LYS C 1 29 ? 1.096   -10.439 8.053   1.00 31.75  ? 28  LYS C CE  1 
ATOM   1019 N  NZ  . LYS C 1 29 ? 0.706   -11.694 8.704   1.00 34.28  ? 28  LYS C NZ  1 
ATOM   1020 N  N   . LEU C 1 30 ? 0.027   -11.176 1.340   1.00 14.63  ? 29  LEU C N   1 
ATOM   1021 C  CA  . LEU C 1 30 ? -0.575  -11.820 0.170   1.00 15.25  ? 29  LEU C CA  1 
ATOM   1022 C  C   . LEU C 1 30 ? 0.375   -11.799 -1.039  1.00 15.19  ? 29  LEU C C   1 
ATOM   1023 O  O   . LEU C 1 30 ? 0.478   -12.779 -1.809  1.00 13.11  ? 29  LEU C O   1 
ATOM   1024 C  CB  . LEU C 1 30 ? -1.975  -11.272 -0.154  1.00 14.71  ? 29  LEU C CB  1 
ATOM   1025 C  CG  . LEU C 1 30 ? -2.675  -11.926 -1.382  1.00 16.82  ? 29  LEU C CG  1 
ATOM   1026 C  CD1 . LEU C 1 30 ? -2.740  -13.460 -1.276  1.00 20.72  ? 29  LEU C CD1 1 
ATOM   1027 C  CD2 . LEU C 1 30 ? -4.080  -11.333 -1.612  1.00 17.49  ? 29  LEU C CD2 1 
ATOM   1028 N  N   . LEU C 1 31 ? 1.080   -10.701 -1.253  1.00 14.70  ? 30  LEU C N   1 
ATOM   1029 C  CA  . LEU C 1 31 ? 2.042   -10.575 -2.342  1.00 15.43  ? 30  LEU C CA  1 
ATOM   1030 C  C   . LEU C 1 31 ? 3.134   -11.624 -2.171  1.00 16.55  ? 30  LEU C C   1 
ATOM   1031 O  O   . LEU C 1 31 ? 3.506   -12.301 -3.153  1.00 15.66  ? 30  LEU C O   1 
ATOM   1032 C  CB  . LEU C 1 31 ? 2.604   -9.136  -2.365  1.00 16.44  ? 30  LEU C CB  1 
ATOM   1033 C  CG  . LEU C 1 31 ? 3.485   -8.692  -3.478  1.00 20.43  ? 30  LEU C CG  1 
ATOM   1034 C  CD1 . LEU C 1 31 ? 2.879   -9.013  -4.825  1.00 19.95  ? 30  LEU C CD1 1 
ATOM   1035 C  CD2 . LEU C 1 31 ? 3.668   -7.182  -3.338  1.00 20.66  ? 30  LEU C CD2 1 
ATOM   1036 N  N   . GLN C 1 32 ? 3.608   -11.827 -0.938  1.00 15.57  ? 31  GLN C N   1 
ATOM   1037 C  CA  . GLN C 1 32 ? 4.633   -12.883 -0.711  1.00 16.07  ? 31  GLN C CA  1 
ATOM   1038 C  C   . GLN C 1 32 ? 4.085   -14.266 -1.064  1.00 14.01  ? 31  GLN C C   1 
ATOM   1039 O  O   . GLN C 1 32 ? 4.846   -15.071 -1.661  1.00 14.08  ? 31  GLN C O   1 
ATOM   1040 C  CB  . GLN C 1 32 ? 5.127   -12.846 0.714   1.00 16.95  ? 31  GLN C CB  1 
ATOM   1041 C  CG  . GLN C 1 32 ? 6.439   -13.672 0.904   1.00 22.04  ? 31  GLN C CG  1 
ATOM   1042 C  CD  . GLN C 1 32 ? 7.703   -12.849 0.555   1.00 29.73  ? 31  GLN C CD  1 
ATOM   1043 O  OE1 . GLN C 1 32 ? 8.736   -12.984 1.204   1.00 35.47  ? 31  GLN C OE1 1 
ATOM   1044 N  NE2 . GLN C 1 32 ? 7.601   -11.976 -0.464  1.00 33.90  ? 31  GLN C NE2 1 
ATOM   1045 N  N   . LEU C 1 33 ? 2.821   -14.556 -0.731  1.00 11.86  ? 32  LEU C N   1 
ATOM   1046 C  CA  . LEU C 1 33 ? 2.218   -15.835 -1.095  1.00 12.48  ? 32  LEU C CA  1 
ATOM   1047 C  C   . LEU C 1 33 ? 2.165   -15.949 -2.612  1.00 12.62  ? 32  LEU C C   1 
ATOM   1048 O  O   . LEU C 1 33 ? 2.432   -17.058 -3.143  1.00 12.05  ? 32  LEU C O   1 
ATOM   1049 C  CB  . LEU C 1 33 ? 0.834   -15.992 -0.481  1.00 13.78  ? 32  LEU C CB  1 
ATOM   1050 C  CG  . LEU C 1 33 ? 0.915   -16.073 1.045   1.00 13.70  ? 32  LEU C CG  1 
ATOM   1051 C  CD1 . LEU C 1 33 ? -0.519  -16.066 1.526   1.00 17.38  ? 32  LEU C CD1 1 
ATOM   1052 C  CD2 . LEU C 1 33 ? 1.629   -17.371 1.492   1.00 17.71  ? 32  LEU C CD2 1 
ATOM   1053 N  N   . THR C 1 34 ? 1.851   -14.874 -3.329  1.00 11.05  ? 33  THR C N   1 
ATOM   1054 C  CA  . THR C 1 34 ? 1.853   -14.998 -4.803  1.00 11.61  ? 33  THR C CA  1 
ATOM   1055 C  C   . THR C 1 34 ? 3.243   -15.249 -5.318  1.00 11.30  ? 33  THR C C   1 
ATOM   1056 O  O   . THR C 1 34 ? 3.396   -16.013 -6.314  1.00 11.50  ? 33  THR C O   1 
ATOM   1057 C  CB  . THR C 1 34 ? 1.186   -13.831 -5.545  1.00 12.71  ? 33  THR C CB  1 
ATOM   1058 O  OG1 . THR C 1 34 ? 1.937   -12.635 -5.317  1.00 15.37  ? 33  THR C OG1 1 
ATOM   1059 C  CG2 . THR C 1 34 ? -0.240  -13.683 -5.081  1.00 13.65  ? 33  THR C CG2 1 
ATOM   1060 N  N   . VAL C 1 35 ? 4.290   -14.634 -4.780  1.00 11.28  ? 34  VAL C N   1 
ATOM   1061 C  CA  . VAL C 1 35 ? 5.662   -14.911 -5.232  1.00 12.02  ? 34  VAL C CA  1 
ATOM   1062 C  C   . VAL C 1 35 ? 5.952   -16.392 -4.979  1.00 12.70  ? 34  VAL C C   1 
ATOM   1063 O  O   . VAL C 1 35 ? 6.522   -17.039 -5.864  1.00 12.07  ? 34  VAL C O   1 
ATOM   1064 C  CB  . VAL C 1 35 ? 6.659   -14.009 -4.472  1.00 12.66  ? 34  VAL C CB  1 
ATOM   1065 C  CG1 . VAL C 1 35 ? 8.066   -14.463 -4.728  1.00 13.43  ? 34  VAL C CG1 1 
ATOM   1066 C  CG2 . VAL C 1 35 ? 6.397   -12.529 -4.851  1.00 13.14  ? 34  VAL C CG2 1 
ATOM   1067 N  N   . TRP C 1 36 ? 5.608   -16.923 -3.822  1.00 12.43  ? 35  TRP C N   1 
ATOM   1068 C  CA  . TRP C 1 36 ? 5.856   -18.353 -3.560  1.00 12.84  ? 35  TRP C CA  1 
ATOM   1069 C  C   . TRP C 1 36 ? 5.077   -19.201 -4.564  1.00 12.45  ? 35  TRP C C   1 
ATOM   1070 O  O   . TRP C 1 36 ? 5.623   -20.164 -5.104  1.00 12.61  ? 35  TRP C O   1 
ATOM   1071 C  CB  . TRP C 1 36 ? 5.354   -18.720 -2.205  1.00 14.31  ? 35  TRP C CB  1 
ATOM   1072 C  CG  . TRP C 1 36 ? 6.101   -18.188 -1.068  1.00 18.20  ? 35  TRP C CG  1 
ATOM   1073 C  CD1 . TRP C 1 36 ? 7.221   -17.422 -1.106  1.00 19.80  ? 35  TRP C CD1 1 
ATOM   1074 C  CD2 . TRP C 1 36 ? 5.814   -18.445 0.313   1.00 18.72  ? 35  TRP C CD2 1 
ATOM   1075 N  NE1 . TRP C 1 36 ? 7.636   -17.133 0.200   1.00 22.04  ? 35  TRP C NE1 1 
ATOM   1076 C  CE2 . TRP C 1 36 ? 6.775   -17.737 1.074   1.00 19.76  ? 35  TRP C CE2 1 
ATOM   1077 C  CE3 . TRP C 1 36 ? 4.803   -19.148 0.978   1.00 19.25  ? 35  TRP C CE3 1 
ATOM   1078 C  CZ2 . TRP C 1 36 ? 6.791   -17.765 2.479   1.00 21.97  ? 35  TRP C CZ2 1 
ATOM   1079 C  CZ3 . TRP C 1 36 ? 4.811   -19.169 2.408   1.00 19.63  ? 35  TRP C CZ3 1 
ATOM   1080 C  CH2 . TRP C 1 36 ? 5.806   -18.475 3.111   1.00 20.59  ? 35  TRP C CH2 1 
ATOM   1081 N  N   . GLY C 1 37 ? 3.853   -18.837 -4.860  1.00 11.69  ? 36  GLY C N   1 
ATOM   1082 C  CA  . GLY C 1 37 ? 3.046   -19.604 -5.836  1.00 11.16  ? 36  GLY C CA  1 
ATOM   1083 C  C   . GLY C 1 37 ? 3.661   -19.589 -7.215  1.00 11.51  ? 36  GLY C C   1 
ATOM   1084 O  O   . GLY C 1 37 ? 3.668   -20.641 -7.904  1.00 11.66  ? 36  GLY C O   1 
ATOM   1085 N  N   . ILE C 1 38 ? 4.193   -18.463 -7.661  1.00 11.60  ? 37  ILE C N   1 
ATOM   1086 C  CA  . ILE C 1 38 ? 4.851   -18.383 -8.952  1.00 13.27  ? 37  ILE C CA  1 
ATOM   1087 C  C   . ILE C 1 38 ? 6.124   -19.241 -8.945  1.00 12.71  ? 37  ILE C C   1 
ATOM   1088 O  O   . ILE C 1 38 ? 6.385   -20.020 -9.888  1.00 11.88  ? 37  ILE C O   1 
ATOM   1089 C  CB  . ILE C 1 38 ? 5.186   -16.920 -9.320  1.00 14.66  ? 37  ILE C CB  1 
ATOM   1090 C  CG1 . ILE C 1 38 ? 3.900   -16.209 -9.585  1.00 15.34  ? 37  ILE C CG1 1 
ATOM   1091 C  CG2 . ILE C 1 38 ? 6.188   -16.879 -10.533 1.00 15.69  ? 37  ILE C CG2 1 
ATOM   1092 C  CD1 . ILE C 1 38 ? 4.090   -14.688 -9.513  1.00 15.29  ? 37  ILE C CD1 1 
ATOM   1093 N  N   . LYS C 1 39 ? 6.935   -19.167 -7.892  1.00 11.55  ? 38  LYS C N   1 
ATOM   1094 C  CA  . LYS C 1 39 ? 8.158   -19.993 -7.817  1.00 12.37  ? 38  LYS C CA  1 
ATOM   1095 C  C   . LYS C 1 39 ? 7.845   -21.481 -7.783  1.00 13.13  ? 38  LYS C C   1 
ATOM   1096 O  O   . LYS C 1 39 ? 8.566   -22.272 -8.414  1.00 14.56  ? 38  LYS C O   1 
ATOM   1097 C  CB  . LYS C 1 39 ? 8.980   -19.577 -6.579  1.00 13.07  ? 38  LYS C CB  1 
ATOM   1098 C  CG  . LYS C 1 39 ? 9.569   -18.190 -6.777  1.00 16.51  ? 38  LYS C CG  1 
ATOM   1099 C  CD  . LYS C 1 39 ? 10.462  -17.825 -5.590  1.00 18.37  ? 38  LYS C CD  1 
ATOM   1100 C  CE  . LYS C 1 39 ? 11.120  -16.478 -5.777  1.00 22.11  ? 38  LYS C CE  1 
ATOM   1101 N  NZ  . LYS C 1 39 ? 12.213  -16.345 -4.729  1.00 29.69  ? 38  LYS C NZ  1 
ATOM   1102 N  N   . GLN C 1 40 ? 6.751   -21.867 -7.153  1.00 11.75  ? 39  GLN C N   1 
ATOM   1103 C  CA  . GLN C 1 40 ? 6.391   -23.300 -7.084  1.00 12.89  ? 39  GLN C CA  1 
ATOM   1104 C  C   . GLN C 1 40 ? 6.036   -23.719 -8.503  1.00 13.71  ? 39  GLN C C   1 
ATOM   1105 O  O   . GLN C 1 40 ? 6.409   -24.840 -8.947  1.00 14.34  ? 39  GLN C O   1 
ATOM   1106 C  CB  . GLN C 1 40 ? 5.235   -23.536 -6.162  1.00 14.26  ? 39  GLN C CB  1 
ATOM   1107 C  CG  . GLN C 1 40 ? 5.588   -23.385 -4.689  1.00 21.03  ? 39  GLN C CG  1 
ATOM   1108 C  CD  . GLN C 1 40 ? 4.352   -23.216 -3.821  1.00 28.18  ? 39  GLN C CD  1 
ATOM   1109 O  OE1 . GLN C 1 40 ? 4.467   -22.877 -2.659  1.00 34.43  ? 39  GLN C OE1 1 
ATOM   1110 N  NE2 . GLN C 1 40 ? 3.161   -23.422 -4.395  1.00 31.48  ? 39  GLN C NE2 1 
ATOM   1111 N  N   . LEU C 1 41 ? 5.338   -22.874 -9.261  1.00 12.22  ? 40  LEU C N   1 
ATOM   1112 C  CA  . LEU C 1 41 ? 5.001   -23.233 -10.668 1.00 12.44  ? 40  LEU C CA  1 
ATOM   1113 C  C   . LEU C 1 41 ? 6.255   -23.329 -11.523 1.00 14.52  ? 40  LEU C C   1 
ATOM   1114 O  O   . LEU C 1 41 ? 6.384   -24.258 -12.370 1.00 14.41  ? 40  LEU C O   1 
ATOM   1115 C  CB  . LEU C 1 41 ? 4.006   -22.256 -11.267 1.00 14.70  ? 40  LEU C CB  1 
ATOM   1116 C  CG  . LEU C 1 41 ? 2.604   -22.352 -10.643 1.00 13.65  ? 40  LEU C CG  1 
ATOM   1117 C  CD1 . LEU C 1 41 ? 1.817   -21.118 -11.026 1.00 16.66  ? 40  LEU C CD1 1 
ATOM   1118 C  CD2 . LEU C 1 41 ? 1.937   -23.650 -11.192 1.00 16.94  ? 40  LEU C CD2 1 
ATOM   1119 N  N   . GLN C 1 42 ? 7.200   -22.415 -11.329 1.00 14.61  ? 41  GLN C N   1 
ATOM   1120 C  CA  . GLN C 1 42 ? 8.471   -22.539 -12.059 1.00 16.06  ? 41  GLN C CA  1 
ATOM   1121 C  C   . GLN C 1 42 ? 9.203   -23.824 -11.712 1.00 16.76  ? 41  GLN C C   1 
ATOM   1122 O  O   . GLN C 1 42 ? 9.727   -24.537 -12.621 1.00 15.97  ? 41  GLN C O   1 
ATOM   1123 C  CB  . GLN C 1 42 ? 9.356   -21.378 -11.633 1.00 17.38  ? 41  GLN C CB  1 
ATOM   1124 C  CG  . GLN C 1 42 ? 8.938   -20.068 -12.104 1.00 16.64  ? 41  GLN C CG  1 
ATOM   1125 C  CD  . GLN C 1 42 ? 9.942   -19.017 -11.675 1.00 20.68  ? 41  GLN C CD  1 
ATOM   1126 O  OE1 . GLN C 1 42 ? 10.165  -18.824 -10.497 1.00 24.84  ? 41  GLN C OE1 1 
ATOM   1127 N  NE2 . GLN C 1 42 ? 10.574  -18.364 -12.638 1.00 23.76  ? 41  GLN C NE2 1 
ATOM   1128 N  N   . ALA C 1 43 ? 9.270   -24.167 -10.442 1.00 15.88  ? 42  ALA C N   1 
ATOM   1129 C  CA  . ALA C 1 43 ? 9.897   -25.440 -10.009 1.00 17.02  ? 42  ALA C CA  1 
ATOM   1130 C  C   . ALA C 1 43 ? 9.245   -26.618 -10.696 1.00 19.50  ? 42  ALA C C   1 
ATOM   1131 O  O   . ALA C 1 43 ? 9.940   -27.528 -11.174 1.00 20.96  ? 42  ALA C O   1 
ATOM   1132 C  CB  . ALA C 1 43 ? 9.848   -25.603 -8.489  1.00 18.31  ? 42  ALA C CB  1 
ATOM   1133 N  N   . ARG C 1 44 ? 7.927   -26.594 -10.781 1.00 19.02  ? 43  ARG C N   1 
ATOM   1134 C  CA  . ARG C 1 44 ? 7.165   -27.742 -11.217 1.00 21.03  ? 43  ARG C CA  1 
ATOM   1135 C  C   . ARG C 1 44 ? 7.344   -27.937 -12.688 1.00 21.49  ? 43  ARG C C   1 
ATOM   1136 O  O   . ARG C 1 44 ? 7.406   -29.095 -13.165 1.00 20.33  ? 43  ARG C O   1 
ATOM   1137 C  CB  . ARG C 1 44 ? 5.694   -27.524 -10.883 1.00 21.41  ? 43  ARG C CB  1 
ATOM   1138 C  CG  . ARG C 1 44 ? 4.829   -28.756 -10.828 1.00 25.90  ? 43  ARG C CG  1 
ATOM   1139 C  CD  . ARG C 1 44 ? 3.650   -28.522 -9.867  1.00 31.48  ? 43  ARG C CD  1 
ATOM   1140 N  NE  . ARG C 1 44 ? 3.312   -29.682 -9.028  1.00 38.94  ? 43  ARG C NE  1 
ATOM   1141 C  CZ  . ARG C 1 44 ? 4.106   -30.721 -8.749  1.00 40.06  ? 43  ARG C CZ  1 
ATOM   1142 N  NH1 . ARG C 1 44 ? 5.344   -30.804 -9.239  1.00 42.92  ? 43  ARG C NH1 1 
ATOM   1143 N  NH2 . ARG C 1 44 ? 3.646   -31.707 -7.975  1.00 42.29  ? 43  ARG C NH2 1 
ATOM   1144 N  N   . ILE C 1 45 ? 7.488   -26.859 -13.430 1.00 20.35  ? 44  ILE C N   1 
ATOM   1145 C  CA  . ILE C 1 45 ? 7.588   -27.006 -14.863 1.00 22.19  ? 44  ILE C CA  1 
ATOM   1146 C  C   . ILE C 1 45 ? 8.973   -27.484 -15.192 1.00 22.61  ? 44  ILE C C   1 
ATOM   1147 O  O   . ILE C 1 45 ? 9.171   -28.068 -16.250 1.00 24.30  ? 44  ILE C O   1 
ATOM   1148 C  CB  . ILE C 1 45 ? 7.153   -25.784 -15.676 1.00 22.50  ? 44  ILE C CB  1 
ATOM   1149 C  CG1 . ILE C 1 45 ? 5.632   -25.640 -15.548 1.00 23.85  ? 44  ILE C CG1 1 
ATOM   1150 C  CG2 . ILE C 1 45 ? 7.578   -25.974 -17.137 1.00 27.04  ? 44  ILE C CG2 1 
ATOM   1151 C  CD1 . ILE C 1 45 ? 5.139   -24.237 -15.788 1.00 25.99  ? 44  ILE C CD1 1 
ATOM   1152 N  N   . LEU C 1 46 ? 9.934   -27.269 -14.302 1.00 21.10  ? 45  LEU C N   1 
ATOM   1153 C  CA  . LEU C 1 46 ? 11.289  -27.781 -14.494 1.00 22.68  ? 45  LEU C CA  1 
ATOM   1154 C  C   . LEU C 1 46 ? 11.430  -29.222 -13.999 1.00 22.44  ? 45  LEU C C   1 
ATOM   1155 O  O   . LEU C 1 46 ? 12.112  -29.992 -14.668 1.00 23.40  ? 45  LEU C O   1 
ATOM   1156 C  CB  . LEU C 1 46 ? 12.281  -26.873 -13.763 1.00 22.23  ? 45  LEU C CB  1 
ATOM   1157 C  CG  . LEU C 1 46 ? 13.737  -27.162 -14.138 1.00 22.61  ? 45  LEU C CG  1 
ATOM   1158 C  CD1 . LEU C 1 46 ? 13.980  -26.971 -15.600 1.00 23.46  ? 45  LEU C CD1 1 
ATOM   1159 C  CD2 . LEU C 1 46 ? 14.603  -26.192 -13.391 1.00 22.95  ? 45  LEU C CD2 1 
ATOM   1160 O  OXT . LEU C 1 46 ? 10.910  -29.622 -12.935 1.00 23.81  ? 45  LEU C OXT 1 
HETATM 1161 CL CL  . CL  D 2 .  ? 5.104   27.535  21.527  1.00 32.46  ? 301 CL  A CL  1 
HETATM 1162 O  O   . HOH E 3 .  ? -8.200  1.891   0.280   1.00 20.44  ? 302 HOH A O   1 
HETATM 1163 O  O   . HOH E 3 .  ? -8.454  24.844  12.421  1.00 16.75  ? 303 HOH A O   1 
HETATM 1164 O  O   . HOH E 3 .  ? -9.888  -2.364  -3.588  1.00 22.78  ? 304 HOH A O   1 
HETATM 1165 O  O   . HOH E 3 .  ? -3.829  -19.179 -19.052 1.00 18.74  ? 305 HOH A O   1 
HETATM 1166 O  O   . HOH E 3 .  ? -10.745 2.480   4.617   1.00 33.10  ? 306 HOH A O   1 
HETATM 1167 O  O   . HOH E 3 .  ? -0.510  -18.385 -4.641  1.00 39.24  ? 307 HOH A O   1 
HETATM 1168 O  O   . HOH E 3 .  ? -7.349  -19.633 -17.818 1.00 33.11  ? 308 HOH A O   1 
HETATM 1169 O  O   . HOH E 3 .  ? -10.865 -4.776  -3.567  1.00 22.54  ? 309 HOH A O   1 
HETATM 1170 O  O   . HOH E 3 .  ? -1.843  -20.399 -30.572 1.00 55.07  ? 310 HOH A O   1 
HETATM 1171 O  O   . HOH E 3 .  ? -1.940  -27.425 -9.357  1.00 36.74  ? 311 HOH A O   1 
HETATM 1172 O  O   . HOH E 3 .  ? -2.797  22.805  1.778   1.00 22.54  ? 312 HOH A O   1 
HETATM 1173 O  O   . HOH E 3 .  ? -10.622 3.054   -0.529  1.00 30.70  ? 313 HOH A O   1 
HETATM 1174 O  O   . HOH E 3 .  ? -6.029  26.288  5.099   1.00 31.61  ? 314 HOH A O   1 
HETATM 1175 O  O   . HOH E 3 .  ? -1.885  29.016  1.654   1.00 43.82  ? 315 HOH A O   1 
HETATM 1176 O  O   . HOH E 3 .  ? 0.275   10.322  -1.152  1.00 29.91  ? 316 HOH A O   1 
HETATM 1177 O  O   . HOH E 3 .  ? 0.768   31.250  7.237   1.00 31.56  ? 317 HOH A O   1 
HETATM 1178 O  O   . HOH E 3 .  ? 4.003   28.812  5.218   1.00 76.59  ? 318 HOH A O   1 
HETATM 1179 O  O   . HOH E 3 .  ? -8.179  20.326  6.696   1.00 30.43  ? 319 HOH A O   1 
HETATM 1180 O  O   . HOH E 3 .  ? -3.001  21.699  -2.529  1.00 42.91  ? 320 HOH A O   1 
HETATM 1181 O  O   . HOH E 3 .  ? 2.290   20.017  2.934   1.00 33.89  ? 321 HOH A O   1 
HETATM 1182 O  O   . HOH E 3 .  ? -0.153  20.565  -3.513  1.00 57.42  ? 322 HOH A O   1 
HETATM 1183 O  O   . HOH E 3 .  ? -6.911  13.821  -2.554  1.00 44.25  ? 323 HOH A O   1 
HETATM 1184 O  O   . HOH E 3 .  ? -9.641  13.854  5.000   1.00 39.99  ? 324 HOH A O   1 
HETATM 1185 O  O   . HOH E 3 .  ? -8.551  18.305  3.705   1.00 47.79  ? 325 HOH A O   1 
HETATM 1186 O  O   . HOH E 3 .  ? -10.614 16.656  -0.116  1.00 40.78  ? 326 HOH A O   1 
HETATM 1187 O  O   . HOH E 3 .  ? -10.580 10.955  -4.324  1.00 56.28  ? 327 HOH A O   1 
HETATM 1188 O  O   . HOH E 3 .  ? -8.896  8.467   -9.693  1.00 63.89  ? 328 HOH A O   1 
HETATM 1189 O  O   . HOH E 3 .  ? -7.573  -1.514  -12.443 1.00 56.11  ? 329 HOH A O   1 
HETATM 1190 O  O   . HOH E 3 .  ? -9.120  0.811   -8.027  1.00 30.10  ? 330 HOH A O   1 
HETATM 1191 O  O   . HOH E 3 .  ? -9.454  -7.136  -4.117  1.00 24.66  ? 331 HOH A O   1 
HETATM 1192 O  O   . HOH E 3 .  ? -11.991 -5.191  -1.132  1.00 22.83  ? 332 HOH A O   1 
HETATM 1193 O  O   . HOH E 3 .  ? -12.047 -0.443  -4.087  1.00 27.17  ? 333 HOH A O   1 
HETATM 1194 O  O   . HOH E 3 .  ? -9.717  -16.069 -4.187  1.00 26.97  ? 334 HOH A O   1 
HETATM 1195 O  O   . HOH E 3 .  ? -2.857  -10.304 -14.243 1.00 39.79  ? 335 HOH A O   1 
HETATM 1196 O  O   . HOH E 3 .  ? -8.047  -15.260 -2.360  1.00 46.61  ? 336 HOH A O   1 
HETATM 1197 O  O   . HOH E 3 .  ? -2.747  -17.606 -1.140  1.00 45.67  ? 337 HOH A O   1 
HETATM 1198 O  O   . HOH E 3 .  ? -6.974  -21.990 -4.762  1.00 39.12  ? 338 HOH A O   1 
HETATM 1199 O  O   . HOH E 3 .  ? -4.730  -25.919 -7.252  1.00 40.60  ? 339 HOH A O   1 
HETATM 1200 O  O   . HOH E 3 .  ? -9.174  -21.525 -11.868 1.00 42.92  ? 340 HOH A O   1 
HETATM 1201 O  O   . HOH E 3 .  ? -2.277  -26.215 -5.303  1.00 56.36  ? 341 HOH A O   1 
HETATM 1202 O  O   . HOH E 3 .  ? 2.220   -23.473 -15.306 1.00 29.20  ? 342 HOH A O   1 
HETATM 1203 O  O   . HOH E 3 .  ? 1.731   -22.683 -7.242  1.00 18.81  ? 343 HOH A O   1 
HETATM 1204 O  O   . HOH E 3 .  ? 5.756   23.570  4.380   1.00 55.75  ? 344 HOH A O   1 
HETATM 1205 O  O   . HOH E 3 .  ? 1.441   8.651   -2.810  1.00 48.90  ? 345 HOH A O   1 
HETATM 1206 O  O   . HOH E 3 .  ? 0.982   7.798   -5.159  1.00 42.83  ? 346 HOH A O   1 
HETATM 1207 O  O   . HOH E 3 .  ? 6.893   30.379  17.594  1.00 44.22  ? 347 HOH A O   1 
HETATM 1208 O  O   . HOH E 3 .  ? 1.602   0.089   -10.246 1.00 34.67  ? 348 HOH A O   1 
HETATM 1209 O  O   . HOH E 3 .  ? 4.898   1.629   -10.541 1.00 47.14  ? 349 HOH A O   1 
HETATM 1210 O  O   . HOH E 3 .  ? -10.492 -24.093 -15.467 1.00 62.05  ? 350 HOH A O   1 
HETATM 1211 O  O   . HOH E 3 .  ? -10.966 17.650  7.882   1.00 51.51  ? 351 HOH A O   1 
HETATM 1212 O  O   . HOH E 3 .  ? -4.084  -22.618 -27.159 1.00 49.84  ? 352 HOH A O   1 
HETATM 1213 O  O   . HOH E 3 .  ? -7.206  -12.978 -3.056  1.00 64.02  ? 353 HOH A O   1 
HETATM 1214 O  O   . HOH E 3 .  ? -8.668  23.985  7.002   1.00 42.45  ? 354 HOH A O   1 
HETATM 1215 O  O   . HOH E 3 .  ? -3.412  -17.413 -15.780 1.00 20.35  ? 355 HOH A O   1 
HETATM 1216 O  O   . HOH E 3 .  ? -7.090  18.091  1.881   1.00 29.48  ? 356 HOH A O   1 
HETATM 1217 O  O   . HOH E 3 .  ? -6.884  -29.849 -14.105 1.00 41.37  ? 357 HOH A O   1 
HETATM 1218 O  O   . HOH E 3 .  ? -7.044  12.403  6.710   1.00 44.51  ? 358 HOH A O   1 
HETATM 1219 O  O   . HOH E 3 .  ? 2.978   26.525  12.067  1.00 23.68  ? 359 HOH A O   1 
HETATM 1220 O  O   . HOH E 3 .  ? -6.778  -24.285 -8.703  1.00 51.18  ? 360 HOH A O   1 
HETATM 1221 O  O   . HOH E 3 .  ? -7.821  29.506  8.458   1.00 45.92  ? 361 HOH A O   1 
HETATM 1222 O  O   . HOH E 3 .  ? -8.745  3.540   -6.226  1.00 46.32  ? 362 HOH A O   1 
HETATM 1223 O  O   . HOH E 3 .  ? -8.984  -18.524 -11.623 1.00 30.66  ? 363 HOH A O   1 
HETATM 1224 O  O   . HOH E 3 .  ? -8.293  25.048  0.772   1.00 27.90  ? 364 HOH A O   1 
HETATM 1225 O  O   . HOH E 3 .  ? -10.416 4.279   -2.740  1.00 39.81  ? 365 HOH A O   1 
HETATM 1226 O  O   . HOH E 3 .  ? -9.231  9.791   3.512   1.00 34.06  ? 366 HOH A O   1 
HETATM 1227 O  O   . HOH E 3 .  ? -6.416  -20.587 -22.376 1.00 43.25  ? 367 HOH A O   1 
HETATM 1228 O  O   . HOH E 3 .  ? -3.582  -22.491 -24.598 1.00 35.17  ? 368 HOH A O   1 
HETATM 1229 O  O   . HOH E 3 .  ? -9.225  -24.715 -20.100 1.00 48.69  ? 369 HOH A O   1 
HETATM 1230 O  O   . HOH E 3 .  ? -3.514  -20.193 -23.397 1.00 28.31  ? 370 HOH A O   1 
HETATM 1231 O  O   . HOH E 3 .  ? -2.387  -1.808  -9.454  1.00 46.21  ? 371 HOH A O   1 
HETATM 1232 O  O   . HOH E 3 .  ? -3.060  -18.313 -3.736  1.00 45.64  ? 372 HOH A O   1 
HETATM 1233 O  O   . HOH E 3 .  ? -4.881  -17.942 -23.918 1.00 38.49  ? 373 HOH A O   1 
HETATM 1234 O  O   . HOH E 3 .  ? -13.189 4.212   -2.748  1.00 35.68  ? 374 HOH A O   1 
HETATM 1235 O  O   . HOH E 3 .  ? 1.849   24.729  5.633   1.00 33.86  ? 375 HOH A O   1 
HETATM 1236 O  O   . HOH E 3 .  ? -1.698  1.824   -7.092  1.00 23.45  ? 376 HOH A O   1 
HETATM 1237 O  O   . HOH E 3 .  ? -4.109  -16.256 0.433   1.00 41.57  ? 377 HOH A O   1 
HETATM 1238 O  O   . HOH E 3 .  ? -1.781  -20.374 -4.350  1.00 33.17  ? 378 HOH A O   1 
HETATM 1239 O  O   . HOH E 3 .  ? -7.796  11.872  4.150   1.00 28.96  ? 379 HOH A O   1 
HETATM 1240 O  O   . HOH E 3 .  ? -6.709  22.123  8.092   1.00 23.88  ? 380 HOH A O   1 
HETATM 1241 O  O   . HOH E 3 .  ? -4.689  -22.497 -5.374  1.00 42.89  ? 381 HOH A O   1 
HETATM 1242 O  O   . HOH E 3 .  ? -5.761  -16.143 -16.158 1.00 49.72  ? 382 HOH A O   1 
HETATM 1243 O  O   . HOH E 3 .  ? -8.122  -7.415  -1.450  1.00 30.51  ? 383 HOH A O   1 
HETATM 1244 O  O   . HOH E 3 .  ? -1.317  32.085  13.590  1.00 23.14  ? 384 HOH A O   1 
HETATM 1245 O  O   . HOH F 3 .  ? -1.199  8.333   5.748   1.00 22.27  ? 46  HOH B O   1 
HETATM 1246 O  O   . HOH F 3 .  ? -9.771  25.367  22.560  1.00 26.67  ? 47  HOH B O   1 
HETATM 1247 O  O   . HOH F 3 .  ? 1.215   27.109  21.880  1.00 23.30  ? 48  HOH B O   1 
HETATM 1248 O  O   . HOH F 3 .  ? 1.094   -10.851 -7.281  1.00 17.13  ? 49  HOH B O   1 
HETATM 1249 O  O   . HOH F 3 .  ? 7.834   7.188   10.606  1.00 36.05  ? 50  HOH B O   1 
HETATM 1250 O  O   . HOH F 3 .  ? -3.811  -15.191 -21.561 1.00 37.85  ? 51  HOH B O   1 
HETATM 1251 O  O   . HOH F 3 .  ? 3.444   14.013  4.119   1.00 37.83  ? 52  HOH B O   1 
HETATM 1252 O  O   . HOH F 3 .  ? 3.396   23.109  10.498  1.00 46.92  ? 53  HOH B O   1 
HETATM 1253 O  O   . HOH F 3 .  ? 5.926   23.046  11.083  1.00 42.87  ? 54  HOH B O   1 
HETATM 1254 O  O   . HOH F 3 .  ? 8.111   23.034  8.823   1.00 51.31  ? 55  HOH B O   1 
HETATM 1255 O  O   . HOH F 3 .  ? -2.527  -3.766  -14.051 1.00 46.67  ? 56  HOH B O   1 
HETATM 1256 O  O   . HOH F 3 .  ? -4.379  -13.064 -17.654 1.00 35.80  ? 57  HOH B O   1 
HETATM 1257 O  O   . HOH F 3 .  ? 10.191  17.902  26.268  1.00 43.54  ? 58  HOH B O   1 
HETATM 1258 O  O   . HOH F 3 .  ? 5.629   17.321  21.392  1.00 38.91  ? 59  HOH B O   1 
HETATM 1259 O  O   . HOH F 3 .  ? 11.565  19.834  15.037  1.00 20.96  ? 60  HOH B O   1 
HETATM 1260 O  O   . HOH F 3 .  ? 4.699   13.862  18.190  1.00 41.76  ? 61  HOH B O   1 
HETATM 1261 O  O   . HOH F 3 .  ? 4.308   11.352  17.738  1.00 118.60 ? 62  HOH B O   1 
HETATM 1262 O  O   . HOH F 3 .  ? 9.795   -1.408  5.535   1.00 44.18  ? 63  HOH B O   1 
HETATM 1263 O  O   . HOH F 3 .  ? 4.685   5.764   -3.488  1.00 27.38  ? 64  HOH B O   1 
HETATM 1264 O  O   . HOH F 3 .  ? 8.922   5.716   -6.302  1.00 40.45  ? 65  HOH B O   1 
HETATM 1265 O  O   . HOH F 3 .  ? 11.936  0.308   -4.648  1.00 43.67  ? 66  HOH B O   1 
HETATM 1266 O  O   . HOH F 3 .  ? 12.053  -0.412  -17.389 1.00 39.92  ? 67  HOH B O   1 
HETATM 1267 O  O   . HOH F 3 .  ? 7.663   -5.480  -2.021  1.00 35.92  ? 68  HOH B O   1 
HETATM 1268 O  O   . HOH F 3 .  ? 7.425   2.628   -12.198 1.00 51.18  ? 69  HOH B O   1 
HETATM 1269 O  O   . HOH F 3 .  ? 7.775   -16.941 -14.773 1.00 21.19  ? 70  HOH B O   1 
HETATM 1270 O  O   . HOH F 3 .  ? 1.474   -4.846  -14.194 1.00 47.25  ? 71  HOH B O   1 
HETATM 1271 O  O   . HOH F 3 .  ? 7.772   -14.540 -22.262 1.00 49.91  ? 72  HOH B O   1 
HETATM 1272 O  O   . HOH F 3 .  ? 11.880  -19.604 -21.860 1.00 40.24  ? 73  HOH B O   1 
HETATM 1273 O  O   . HOH F 3 .  ? 10.816  -20.027 -28.762 1.00 43.34  ? 74  HOH B O   1 
HETATM 1274 O  O   . HOH F 3 .  ? 8.144   -17.950 -24.193 1.00 46.59  ? 75  HOH B O   1 
HETATM 1275 O  O   . HOH F 3 .  ? -4.314  -10.887 -23.162 1.00 49.07  ? 76  HOH B O   1 
HETATM 1276 O  O   . HOH F 3 .  ? -1.487  -19.946 -21.890 1.00 26.33  ? 77  HOH B O   1 
HETATM 1277 O  O   . HOH F 3 .  ? 8.700   -18.809 -16.666 1.00 43.94  ? 78  HOH B O   1 
HETATM 1278 O  O   . HOH F 3 .  ? 10.081  8.357   7.300   1.00 27.99  ? 79  HOH B O   1 
HETATM 1279 O  O   . HOH F 3 .  ? 3.561   16.167  20.083  1.00 44.50  ? 80  HOH B O   1 
HETATM 1280 O  O   . HOH F 3 .  ? 10.321  2.549   -1.995  1.00 39.96  ? 81  HOH B O   1 
HETATM 1281 O  O   . HOH F 3 .  ? 7.539   1.554   -7.635  1.00 27.97  ? 82  HOH B O   1 
HETATM 1282 O  O   . HOH F 3 .  ? 10.903  8.078   9.842   1.00 37.31  ? 83  HOH B O   1 
HETATM 1283 O  O   . HOH F 3 .  ? 12.518  -3.701  -0.805  1.00 33.44  ? 84  HOH B O   1 
HETATM 1284 O  O   . HOH F 3 .  ? 9.413   -3.615  2.760   1.00 35.60  ? 85  HOH B O   1 
HETATM 1285 O  O   . HOH F 3 .  ? 7.952   14.707  16.103  1.00 28.82  ? 86  HOH B O   1 
HETATM 1286 O  O   . HOH F 3 .  ? 5.590   20.469  11.825  1.00 37.94  ? 87  HOH B O   1 
HETATM 1287 O  O   . HOH F 3 .  ? 4.355   4.368   8.401   1.00 27.60  ? 88  HOH B O   1 
HETATM 1288 O  O   . HOH F 3 .  ? 0.676   9.119   15.038  1.00 52.46  ? 89  HOH B O   1 
HETATM 1289 O  O   . HOH F 3 .  ? 7.373   -20.565 -24.554 1.00 42.62  ? 90  HOH B O   1 
HETATM 1290 O  O   . HOH F 3 .  ? 9.149   -11.773 -13.164 1.00 34.90  ? 91  HOH B O   1 
HETATM 1291 O  O   . HOH F 3 .  ? 4.951   21.504  23.499  1.00 32.59  ? 92  HOH B O   1 
HETATM 1292 O  O   . HOH F 3 .  ? 11.633  9.885   5.831   1.00 25.08  ? 93  HOH B O   1 
HETATM 1293 O  O   . HOH F 3 .  ? 4.381   -22.292 -18.013 1.00 52.77  ? 94  HOH B O   1 
HETATM 1294 O  O   . HOH F 3 .  ? 4.222   4.545   -5.716  1.00 31.83  ? 95  HOH B O   1 
HETATM 1295 O  O   . HOH F 3 .  ? 7.930   -17.675 -20.964 1.00 33.04  ? 96  HOH B O   1 
HETATM 1296 O  O   . HOH F 3 .  ? 5.431   12.485  1.609   1.00 38.82  ? 97  HOH B O   1 
HETATM 1297 O  O   . HOH F 3 .  ? 7.950   20.370  15.267  1.00 30.59  ? 98  HOH B O   1 
HETATM 1298 O  O   . HOH F 3 .  ? 11.120  12.472  6.104   1.00 42.42  ? 99  HOH B O   1 
HETATM 1299 O  O   . HOH F 3 .  ? 6.935   14.718  2.057   1.00 48.54  ? 100 HOH B O   1 
HETATM 1300 O  O   . HOH F 3 .  ? 2.052   4.645   -9.966  1.00 33.10  ? 101 HOH B O   1 
HETATM 1301 O  O   . HOH F 3 .  ? 6.666   25.462  23.775  1.00 40.78  ? 102 HOH B O   1 
HETATM 1302 O  O   . HOH F 3 .  ? 11.111  6.964   14.519  0.50 40.82  ? 103 HOH B O   1 
HETATM 1303 O  O   . HOH F 3 .  ? 11.883  0.613   9.642   1.00 63.38  ? 104 HOH B O   1 
HETATM 1304 O  O   . HOH F 3 .  ? 10.627  2.817   11.415  1.00 48.85  ? 105 HOH B O   1 
HETATM 1305 O  O   . HOH F 3 .  ? 4.499   1.519   7.230   1.00 41.18  ? 106 HOH B O   1 
HETATM 1306 O  O   . HOH F 3 .  ? 9.453   3.340   -7.726  1.00 36.59  ? 107 HOH B O   1 
HETATM 1307 O  O   . HOH F 3 .  ? 4.375   -21.985 -25.779 1.00 33.75  ? 108 HOH B O   1 
HETATM 1308 O  O   . HOH F 3 .  ? 9.779   -8.300  -20.354 1.00 45.19  ? 109 HOH B O   1 
HETATM 1309 O  O   . HOH F 3 .  ? 11.527  -12.921 -15.020 1.00 39.28  ? 110 HOH B O   1 
HETATM 1310 O  O   . HOH F 3 .  ? 6.894   19.449  9.322   1.00 33.45  ? 111 HOH B O   1 
HETATM 1311 O  O   . HOH F 3 .  ? 8.823   -10.300 -18.305 1.00 42.62  ? 112 HOH B O   1 
HETATM 1312 O  O   . HOH F 3 .  ? 2.820   -5.836  -16.937 1.00 46.47  ? 113 HOH B O   1 
HETATM 1313 O  O   . HOH F 3 .  ? -3.357  -7.970  -15.495 1.00 44.71  ? 114 HOH B O   1 
HETATM 1314 O  O   . HOH G 3 .  ? 2.585   -2.081  7.967   1.00 25.36  ? 46  HOH C O   1 
HETATM 1315 O  O   . HOH G 3 .  ? -4.500  15.439  18.532  1.00 29.16  ? 47  HOH C O   1 
HETATM 1316 O  O   . HOH G 3 .  ? -16.400 15.860  13.947  1.00 48.48  ? 48  HOH C O   1 
HETATM 1317 O  O   . HOH G 3 .  ? 6.817   -26.763 -6.951  1.00 33.47  ? 49  HOH C O   1 
HETATM 1318 O  O   . HOH G 3 .  ? 0.495   4.289   13.355  1.00 32.72  ? 50  HOH C O   1 
HETATM 1319 O  O   . HOH G 3 .  ? -5.593  33.653  9.640   1.00 42.45  ? 51  HOH C O   1 
HETATM 1320 O  O   . HOH G 3 .  ? 12.592  -10.153 -5.181  1.00 52.25  ? 52  HOH C O   1 
HETATM 1321 O  O   . HOH G 3 .  ? -1.113  -11.005 10.563  1.00 36.84  ? 53  HOH C O   1 
HETATM 1322 O  O   . HOH G 3 .  ? 13.439  -18.684 -8.179  1.00 38.69  ? 54  HOH C O   1 
HETATM 1323 O  O   . HOH G 3 .  ? -3.016  25.497  16.070  1.00 14.55  ? 55  HOH C O   1 
HETATM 1324 O  O   . HOH G 3 .  ? 9.776   -22.957 -4.241  1.00 49.06  ? 56  HOH C O   1 
HETATM 1325 O  O   . HOH G 3 .  ? -2.013  14.423  19.567  1.00 39.95  ? 57  HOH C O   1 
HETATM 1326 O  O   . HOH G 3 .  ? 5.917   0.280   11.743  1.00 51.27  ? 58  HOH C O   1 
HETATM 1327 O  O   . HOH G 3 .  ? 3.929   4.084   12.368  1.00 39.83  ? 59  HOH C O   1 
HETATM 1328 O  O   . HOH G 3 .  ? 9.557   -13.066 -1.778  1.00 44.02  ? 60  HOH C O   1 
HETATM 1329 O  O   . HOH G 3 .  ? 8.072   -12.330 -9.013  1.00 50.02  ? 61  HOH C O   1 
HETATM 1330 O  O   . HOH G 3 .  ? -11.076 25.931  12.512  1.00 19.63  ? 62  HOH C O   1 
HETATM 1331 O  O   . HOH G 3 .  ? -8.639  16.541  20.094  1.00 28.16  ? 63  HOH C O   1 
HETATM 1332 O  O   . HOH G 3 .  ? -1.501  -7.849  11.452  1.00 46.21  ? 64  HOH C O   1 
HETATM 1333 O  O   . HOH G 3 .  ? -9.188  -1.400  6.450   1.00 41.60  ? 65  HOH C O   1 
HETATM 1334 O  O   . HOH G 3 .  ? -14.448 20.866  20.128  1.00 38.28  ? 66  HOH C O   1 
HETATM 1335 O  O   . HOH G 3 .  ? -13.805 16.603  22.404  1.00 42.75  ? 67  HOH C O   1 
HETATM 1336 O  O   . HOH G 3 .  ? -12.635 13.005  20.287  1.00 48.59  ? 68  HOH C O   1 
HETATM 1337 O  O   . HOH G 3 .  ? -8.866  7.969   18.147  1.00 43.20  ? 69  HOH C O   1 
HETATM 1338 O  O   . HOH G 3 .  ? -6.905  2.940   13.874  1.00 29.84  ? 70  HOH C O   1 
HETATM 1339 O  O   . HOH G 3 .  ? -6.626  0.229   13.420  1.00 38.05  ? 71  HOH C O   1 
HETATM 1340 O  O   . HOH G 3 .  ? -5.695  4.221   18.049  0.50 22.34  ? 72  HOH C O   1 
HETATM 1341 O  O   . HOH G 3 .  ? -6.291  8.342   16.637  1.00 31.86  ? 73  HOH C O   1 
HETATM 1342 O  O   . HOH G 3 .  ? -6.831  -1.717  8.092   1.00 25.70  ? 74  HOH C O   1 
HETATM 1343 O  O   . HOH G 3 .  ? -1.249  6.122   13.680  1.00 25.10  ? 75  HOH C O   1 
HETATM 1344 O  O   . HOH G 3 .  ? -7.102  -2.225  10.784  1.00 37.79  ? 76  HOH C O   1 
HETATM 1345 O  O   . HOH G 3 .  ? -6.789  -7.872  10.546  1.00 49.50  ? 77  HOH C O   1 
HETATM 1346 O  O   . HOH G 3 .  ? -2.881  -10.979 6.434   1.00 51.45  ? 78  HOH C O   1 
HETATM 1347 O  O   . HOH G 3 .  ? 4.875   -22.399 0.672   1.00 30.98  ? 79  HOH C O   1 
HETATM 1348 O  O   . HOH G 3 .  ? -1.537  20.061  21.122  1.00 22.64  ? 80  HOH C O   1 
HETATM 1349 O  O   . HOH G 3 .  ? -15.633 21.039  13.923  1.00 26.46  ? 81  HOH C O   1 
HETATM 1350 O  O   . HOH G 3 .  ? -11.198 13.213  15.726  1.00 25.07  ? 82  HOH C O   1 
HETATM 1351 O  O   . HOH G 3 .  ? -12.182 27.081  14.835  1.00 24.80  ? 83  HOH C O   1 
HETATM 1352 O  O   . HOH G 3 .  ? -9.995  8.134   10.965  1.00 31.38  ? 84  HOH C O   1 
HETATM 1353 O  O   . HOH G 3 .  ? 1.453   -19.631 -2.040  1.00 30.30  ? 85  HOH C O   1 
HETATM 1354 O  O   . HOH G 3 .  ? 3.211   -8.420  6.121   1.00 25.90  ? 86  HOH C O   1 
HETATM 1355 O  O   . HOH G 3 .  ? -3.272  33.070  10.806  1.00 20.79  ? 87  HOH C O   1 
HETATM 1356 O  O   . HOH G 3 .  ? 7.783   -15.009 -1.002  1.00 36.31  ? 88  HOH C O   1 
HETATM 1357 O  O   . HOH G 3 .  ? -4.973  -7.739  0.829   1.00 38.50  ? 89  HOH C O   1 
HETATM 1358 O  O   . HOH G 3 .  ? -3.110  -11.184 3.875   1.00 36.89  ? 90  HOH C O   1 
HETATM 1359 O  O   . HOH G 3 .  ? -2.105  5.837   16.363  1.00 32.52  ? 91  HOH C O   1 
HETATM 1360 O  O   . HOH G 3 .  ? 4.155   -4.114  6.764   1.00 27.21  ? 92  HOH C O   1 
HETATM 1361 O  O   . HOH G 3 .  ? -10.114 8.782   15.611  1.00 37.99  ? 93  HOH C O   1 
HETATM 1362 O  O   . HOH G 3 .  ? -7.945  18.135  21.784  1.00 28.09  ? 94  HOH C O   1 
HETATM 1363 O  O   . HOH G 3 .  ? -7.180  -9.618  8.423   1.00 41.41  ? 95  HOH C O   1 
HETATM 1364 O  O   . HOH G 3 .  ? -0.351  11.636  19.090  1.00 41.45  ? 96  HOH C O   1 
HETATM 1365 O  O   . HOH G 3 .  ? -8.362  22.690  10.336  1.00 30.84  ? 97  HOH C O   1 
HETATM 1366 O  O   . HOH G 3 .  ? 11.948  -20.485 -9.208  1.00 40.78  ? 98  HOH C O   1 
HETATM 1367 O  O   . HOH G 3 .  ? 12.469  -27.769 -10.129 1.00 44.94  ? 99  HOH C O   1 
HETATM 1368 O  O   . HOH G 3 .  ? 11.219  -22.473 -7.470  1.00 43.40  ? 100 HOH C O   1 
HETATM 1369 O  O   . HOH G 3 .  ? 6.297   -25.154 -18.931 1.00 27.18  ? 101 HOH C O   1 
HETATM 1370 O  O   . HOH G 3 .  ? -13.017 20.981  16.612  1.00 21.93  ? 102 HOH C O   1 
HETATM 1371 O  O   . HOH G 3 .  ? 7.592   -14.605 -8.024  1.00 87.35  ? 103 HOH C O   1 
HETATM 1372 O  O   . HOH G 3 .  ? -9.040  13.865  7.918   1.00 36.61  ? 104 HOH C O   1 
HETATM 1373 O  O   . HOH G 3 .  ? 4.361   -6.702  7.582   1.00 33.37  ? 105 HOH C O   1 
HETATM 1374 O  O   . HOH G 3 .  ? 10.269  -14.513 -8.461  1.00 43.99  ? 106 HOH C O   1 
HETATM 1375 O  O   . HOH G 3 .  ? -13.931 23.454  19.906  1.00 27.88  ? 107 HOH C O   1 
HETATM 1376 O  O   . HOH G 3 .  ? -4.711  6.368   16.340  1.00 30.19  ? 108 HOH C O   1 
HETATM 1377 O  O   . HOH G 3 .  ? -10.664 20.681  6.273   1.00 50.92  ? 109 HOH C O   1 
HETATM 1378 O  O   . HOH G 3 .  ? 10.394  -16.612 1.183   1.00 45.66  ? 110 HOH C O   1 
HETATM 1379 O  O   . HOH G 3 .  ? 6.886   -27.605 -18.685 1.00 24.41  ? 111 HOH C O   1 
HETATM 1380 O  O   . HOH G 3 .  ? -12.623 22.384  23.267  1.00 56.85  ? 112 HOH C O   1 
HETATM 1381 O  O   . HOH G 3 .  ? 4.962   -2.553  11.176  1.00 41.89  ? 113 HOH C O   1 
HETATM 1382 O  O   . HOH G 3 .  ? -0.283  36.043  9.146   1.00 40.86  ? 114 HOH C O   1 
HETATM 1383 O  O   . HOH G 3 .  ? 12.059  -15.475 -13.593 1.00 39.94  ? 115 HOH C O   1 
HETATM 1384 O  O   . HOH G 3 .  ? 0.640   -24.954 -3.694  1.00 68.87  ? 116 HOH C O   1 
HETATM 1385 O  O   . HOH G 3 .  ? 8.622   -26.455 -20.112 1.00 47.02  ? 117 HOH C O   1 
# 
